data_5XUK
# 
_entry.id   5XUK 
# 
_audit_conform.dict_name       mmcif_pdbx.dic 
_audit_conform.dict_version    5.380 
_audit_conform.dict_location   http://mmcif.pdb.org/dictionaries/ascii/mmcif_pdbx.dic 
# 
loop_
_database_2.database_id 
_database_2.database_code 
_database_2.pdbx_database_accession 
_database_2.pdbx_DOI 
PDB   5XUK         pdb_00005xuk 10.2210/pdb5xuk/pdb 
WWPDB D_1300004191 ?            ?                   
# 
_pdbx_database_status.status_code                     REL 
_pdbx_database_status.status_code_sf                  REL 
_pdbx_database_status.status_code_mr                  ? 
_pdbx_database_status.entry_id                        5XUK 
_pdbx_database_status.recvd_initial_deposition_date   2017-06-23 
_pdbx_database_status.SG_entry                        N 
_pdbx_database_status.deposit_site                    PDBJ 
_pdbx_database_status.process_site                    PDBJ 
_pdbx_database_status.status_code_cs                  ? 
_pdbx_database_status.methods_development_category    ? 
_pdbx_database_status.pdb_format_compatible           Y 
_pdbx_database_status.status_code_nmr_data            ? 
# 
loop_
_audit_author.name 
_audit_author.pdbx_ordinal 
_audit_author.identifier_ORCID 
'Liao, Y.P.'  1 ? 
'Wang, D.L.'  2 ? 
'Yin, D.P.'   3 ? 
'Zhang, Q.Y.' 4 ? 
'Wang, Y.M.'  5 ? 
'Wang, D.Q.'  6 ? 
'Zhu, H.X.'   7 ? 
'Chen, S.'    8 ? 
# 
_citation.abstract                  ? 
_citation.abstract_id_CAS           ? 
_citation.book_id_ISBN              ? 
_citation.book_publisher            ? 
_citation.book_publisher_city       ? 
_citation.book_title                ? 
_citation.coordinate_linkage        ? 
_citation.country                   ? 
_citation.database_id_Medline       ? 
_citation.details                   ? 
_citation.id                        primary 
_citation.journal_abbrev            'To Be Published' 
_citation.journal_id_ASTM           ? 
_citation.journal_id_CSD            0353 
_citation.journal_id_ISSN           ? 
_citation.journal_full              ? 
_citation.journal_issue             ? 
_citation.journal_volume            ? 
_citation.language                  ? 
_citation.page_first                ? 
_citation.page_last                 ? 
_citation.title                     'Crystal structures of acyl carrier protein synthases (AcpS) from three Gram-negative bacteria' 
_citation.year                      ? 
_citation.database_id_CSD           ? 
_citation.pdbx_database_id_DOI      ? 
_citation.pdbx_database_id_PubMed   ? 
_citation.unpublished_flag          ? 
# 
loop_
_citation_author.citation_id 
_citation_author.name 
_citation_author.ordinal 
_citation_author.identifier_ORCID 
primary 'Liao, Y.P.'  1 ? 
primary 'Wang, D.L.'  2 ? 
primary 'Yin, D.P.'   3 ? 
primary 'Zhang, Q.Y.' 4 ? 
primary 'Wang, Y.M.'  5 ? 
primary 'Wang, D.Q.'  6 ? 
primary 'Zhu, H.X.'   7 ? 
primary 'Chen, S.'    8 ? 
# 
_cell.angle_alpha                  90.00 
_cell.angle_alpha_esd              ? 
_cell.angle_beta                   90.00 
_cell.angle_beta_esd               ? 
_cell.angle_gamma                  120.00 
_cell.angle_gamma_esd              ? 
_cell.entry_id                     5XUK 
_cell.details                      ? 
_cell.formula_units_Z              ? 
_cell.length_a                     93.340 
_cell.length_a_esd                 ? 
_cell.length_b                     93.340 
_cell.length_b_esd                 ? 
_cell.length_c                     43.020 
_cell.length_c_esd                 ? 
_cell.volume                       ? 
_cell.volume_esd                   ? 
_cell.Z_PDB                        6 
_cell.reciprocal_angle_alpha       ? 
_cell.reciprocal_angle_beta        ? 
_cell.reciprocal_angle_gamma       ? 
_cell.reciprocal_angle_alpha_esd   ? 
_cell.reciprocal_angle_beta_esd    ? 
_cell.reciprocal_angle_gamma_esd   ? 
_cell.reciprocal_length_a          ? 
_cell.reciprocal_length_b          ? 
_cell.reciprocal_length_c          ? 
_cell.reciprocal_length_a_esd      ? 
_cell.reciprocal_length_b_esd      ? 
_cell.reciprocal_length_c_esd      ? 
_cell.pdbx_unique_axis             ? 
# 
_symmetry.entry_id                         5XUK 
_symmetry.cell_setting                     ? 
_symmetry.Int_Tables_number                150 
_symmetry.space_group_name_Hall            ? 
_symmetry.space_group_name_H-M             'P 3 2 1' 
_symmetry.pdbx_full_space_group_name_H-M   ? 
# 
loop_
_entity.id 
_entity.type 
_entity.src_method 
_entity.pdbx_description 
_entity.formula_weight 
_entity.pdbx_number_of_molecules 
_entity.pdbx_ec 
_entity.pdbx_mutation 
_entity.pdbx_fragment 
_entity.details 
1 polymer     man 'Holo-[acyl-carrier-protein] synthase' 13022.356 1  2.7.8.7 ? ? ? 
2 non-polymer syn 'COENZYME A'                           767.534   1  ?       ? ? ? 
3 water       nat water                                  18.015    27 ?       ? ? ? 
# 
_entity_name_com.entity_id   1 
_entity_name_com.name        
;Holo-ACP synthase,4'-phosphopantetheinyl transferase AcpS
;
# 
_entity_poly.entity_id                      1 
_entity_poly.type                           'polypeptide(L)' 
_entity_poly.nstd_linkage                   no 
_entity_poly.nstd_monomer                   no 
_entity_poly.pdbx_seq_one_letter_code       
;MIGIDIVSIARIEKCVKRFKMKFLERFLSPSEIVLCKDKSSSIAGFFALKEACSKALQVGIGKELSFLDIKISKSPKNAP
LITLSKEKMDYFNIQSLSASISHDAGFAIAVVVVSSSNE
;
_entity_poly.pdbx_seq_one_letter_code_can   
;MIGIDIVSIARIEKCVKRFKMKFLERFLSPSEIVLCKDKSSSIAGFFALKEACSKALQVGIGKELSFLDIKISKSPKNAP
LITLSKEKMDYFNIQSLSASISHDAGFAIAVVVVSSSNE
;
_entity_poly.pdbx_strand_id                 A 
_entity_poly.pdbx_target_identifier         ? 
# 
loop_
_entity_poly_seq.entity_id 
_entity_poly_seq.num 
_entity_poly_seq.mon_id 
_entity_poly_seq.hetero 
1 1   MET n 
1 2   ILE n 
1 3   GLY n 
1 4   ILE n 
1 5   ASP n 
1 6   ILE n 
1 7   VAL n 
1 8   SER n 
1 9   ILE n 
1 10  ALA n 
1 11  ARG n 
1 12  ILE n 
1 13  GLU n 
1 14  LYS n 
1 15  CYS n 
1 16  VAL n 
1 17  LYS n 
1 18  ARG n 
1 19  PHE n 
1 20  LYS n 
1 21  MET n 
1 22  LYS n 
1 23  PHE n 
1 24  LEU n 
1 25  GLU n 
1 26  ARG n 
1 27  PHE n 
1 28  LEU n 
1 29  SER n 
1 30  PRO n 
1 31  SER n 
1 32  GLU n 
1 33  ILE n 
1 34  VAL n 
1 35  LEU n 
1 36  CYS n 
1 37  LYS n 
1 38  ASP n 
1 39  LYS n 
1 40  SER n 
1 41  SER n 
1 42  SER n 
1 43  ILE n 
1 44  ALA n 
1 45  GLY n 
1 46  PHE n 
1 47  PHE n 
1 48  ALA n 
1 49  LEU n 
1 50  LYS n 
1 51  GLU n 
1 52  ALA n 
1 53  CYS n 
1 54  SER n 
1 55  LYS n 
1 56  ALA n 
1 57  LEU n 
1 58  GLN n 
1 59  VAL n 
1 60  GLY n 
1 61  ILE n 
1 62  GLY n 
1 63  LYS n 
1 64  GLU n 
1 65  LEU n 
1 66  SER n 
1 67  PHE n 
1 68  LEU n 
1 69  ASP n 
1 70  ILE n 
1 71  LYS n 
1 72  ILE n 
1 73  SER n 
1 74  LYS n 
1 75  SER n 
1 76  PRO n 
1 77  LYS n 
1 78  ASN n 
1 79  ALA n 
1 80  PRO n 
1 81  LEU n 
1 82  ILE n 
1 83  THR n 
1 84  LEU n 
1 85  SER n 
1 86  LYS n 
1 87  GLU n 
1 88  LYS n 
1 89  MET n 
1 90  ASP n 
1 91  TYR n 
1 92  PHE n 
1 93  ASN n 
1 94  ILE n 
1 95  GLN n 
1 96  SER n 
1 97  LEU n 
1 98  SER n 
1 99  ALA n 
1 100 SER n 
1 101 ILE n 
1 102 SER n 
1 103 HIS n 
1 104 ASP n 
1 105 ALA n 
1 106 GLY n 
1 107 PHE n 
1 108 ALA n 
1 109 ILE n 
1 110 ALA n 
1 111 VAL n 
1 112 VAL n 
1 113 VAL n 
1 114 VAL n 
1 115 SER n 
1 116 SER n 
1 117 SER n 
1 118 ASN n 
1 119 GLU n 
# 
_entity_src_gen.entity_id                          1 
_entity_src_gen.pdbx_src_id                        1 
_entity_src_gen.pdbx_alt_source_flag               sample 
_entity_src_gen.pdbx_seq_type                      'Biological sequence' 
_entity_src_gen.pdbx_beg_seq_num                   1 
_entity_src_gen.pdbx_end_seq_num                   119 
_entity_src_gen.gene_src_common_name               ? 
_entity_src_gen.gene_src_genus                     ? 
_entity_src_gen.pdbx_gene_src_gene                 'acpS, HP_0808' 
_entity_src_gen.gene_src_species                   ? 
_entity_src_gen.gene_src_strain                    'ATCC 700392 / 26695' 
_entity_src_gen.gene_src_tissue                    ? 
_entity_src_gen.gene_src_tissue_fraction           ? 
_entity_src_gen.gene_src_details                   ? 
_entity_src_gen.pdbx_gene_src_fragment             ? 
_entity_src_gen.pdbx_gene_src_scientific_name      'Helicobacter pylori (strain ATCC 700392 / 26695)' 
_entity_src_gen.pdbx_gene_src_ncbi_taxonomy_id     85962 
_entity_src_gen.pdbx_gene_src_variant              ? 
_entity_src_gen.pdbx_gene_src_cell_line            ? 
_entity_src_gen.pdbx_gene_src_atcc                 700392/26695 
_entity_src_gen.pdbx_gene_src_organ                ? 
_entity_src_gen.pdbx_gene_src_organelle            ? 
_entity_src_gen.pdbx_gene_src_cell                 ? 
_entity_src_gen.pdbx_gene_src_cellular_location    ? 
_entity_src_gen.host_org_common_name               ? 
_entity_src_gen.pdbx_host_org_scientific_name      'Escherichia coli' 
_entity_src_gen.pdbx_host_org_ncbi_taxonomy_id     562 
_entity_src_gen.host_org_genus                     ? 
_entity_src_gen.pdbx_host_org_gene                 ? 
_entity_src_gen.pdbx_host_org_organ                ? 
_entity_src_gen.host_org_species                   ? 
_entity_src_gen.pdbx_host_org_tissue               ? 
_entity_src_gen.pdbx_host_org_tissue_fraction      ? 
_entity_src_gen.pdbx_host_org_strain               ? 
_entity_src_gen.pdbx_host_org_variant              ? 
_entity_src_gen.pdbx_host_org_cell_line            ? 
_entity_src_gen.pdbx_host_org_atcc                 ? 
_entity_src_gen.pdbx_host_org_culture_collection   ? 
_entity_src_gen.pdbx_host_org_cell                 ? 
_entity_src_gen.pdbx_host_org_organelle            ? 
_entity_src_gen.pdbx_host_org_cellular_location    ? 
_entity_src_gen.pdbx_host_org_vector_type          ? 
_entity_src_gen.pdbx_host_org_vector               ? 
_entity_src_gen.host_org_details                   ? 
_entity_src_gen.expression_system_id               ? 
_entity_src_gen.plasmid_name                       ? 
_entity_src_gen.plasmid_details                    ? 
_entity_src_gen.pdbx_description                   ? 
# 
_struct_ref.id                         1 
_struct_ref.db_name                    UNP 
_struct_ref.db_code                    ACPS_HELPY 
_struct_ref.pdbx_db_accession          O25488 
_struct_ref.pdbx_db_isoform            ? 
_struct_ref.entity_id                  1 
_struct_ref.pdbx_seq_one_letter_code   
;MIGIDIVSIARIEKCVKRFKMKFLERFLSPSEIVLCKDKSSSIAGFFALKEACSKALQVGIGKELSFLDIKISKSPKNAP
LITLSKEKMDYFNIQSLSASISHDAGFAIAVVVVSSSNE
;
_struct_ref.pdbx_align_begin           1 
# 
_struct_ref_seq.align_id                      1 
_struct_ref_seq.ref_id                        1 
_struct_ref_seq.pdbx_PDB_id_code              5XUK 
_struct_ref_seq.pdbx_strand_id                A 
_struct_ref_seq.seq_align_beg                 1 
_struct_ref_seq.pdbx_seq_align_beg_ins_code   ? 
_struct_ref_seq.seq_align_end                 119 
_struct_ref_seq.pdbx_seq_align_end_ins_code   ? 
_struct_ref_seq.pdbx_db_accession             O25488 
_struct_ref_seq.db_align_beg                  1 
_struct_ref_seq.pdbx_db_align_beg_ins_code    ? 
_struct_ref_seq.db_align_end                  119 
_struct_ref_seq.pdbx_db_align_end_ins_code    ? 
_struct_ref_seq.pdbx_auth_seq_align_beg       1 
_struct_ref_seq.pdbx_auth_seq_align_end       119 
# 
loop_
_chem_comp.id 
_chem_comp.type 
_chem_comp.mon_nstd_flag 
_chem_comp.name 
_chem_comp.pdbx_synonyms 
_chem_comp.formula 
_chem_comp.formula_weight 
ALA 'L-peptide linking' y ALANINE         ? 'C3 H7 N O2'          89.093  
ARG 'L-peptide linking' y ARGININE        ? 'C6 H15 N4 O2 1'      175.209 
ASN 'L-peptide linking' y ASPARAGINE      ? 'C4 H8 N2 O3'         132.118 
ASP 'L-peptide linking' y 'ASPARTIC ACID' ? 'C4 H7 N O4'          133.103 
COA non-polymer         . 'COENZYME A'    ? 'C21 H36 N7 O16 P3 S' 767.534 
CYS 'L-peptide linking' y CYSTEINE        ? 'C3 H7 N O2 S'        121.158 
GLN 'L-peptide linking' y GLUTAMINE       ? 'C5 H10 N2 O3'        146.144 
GLU 'L-peptide linking' y 'GLUTAMIC ACID' ? 'C5 H9 N O4'          147.129 
GLY 'peptide linking'   y GLYCINE         ? 'C2 H5 N O2'          75.067  
HIS 'L-peptide linking' y HISTIDINE       ? 'C6 H10 N3 O2 1'      156.162 
HOH non-polymer         . WATER           ? 'H2 O'                18.015  
ILE 'L-peptide linking' y ISOLEUCINE      ? 'C6 H13 N O2'         131.173 
LEU 'L-peptide linking' y LEUCINE         ? 'C6 H13 N O2'         131.173 
LYS 'L-peptide linking' y LYSINE          ? 'C6 H15 N2 O2 1'      147.195 
MET 'L-peptide linking' y METHIONINE      ? 'C5 H11 N O2 S'       149.211 
PHE 'L-peptide linking' y PHENYLALANINE   ? 'C9 H11 N O2'         165.189 
PRO 'L-peptide linking' y PROLINE         ? 'C5 H9 N O2'          115.130 
SER 'L-peptide linking' y SERINE          ? 'C3 H7 N O3'          105.093 
THR 'L-peptide linking' y THREONINE       ? 'C4 H9 N O3'          119.119 
TYR 'L-peptide linking' y TYROSINE        ? 'C9 H11 N O3'         181.189 
VAL 'L-peptide linking' y VALINE          ? 'C5 H11 N O2'         117.146 
# 
_exptl.absorpt_coefficient_mu     ? 
_exptl.absorpt_correction_T_max   ? 
_exptl.absorpt_correction_T_min   ? 
_exptl.absorpt_correction_type    ? 
_exptl.absorpt_process_details    ? 
_exptl.entry_id                   5XUK 
_exptl.crystals_number            1 
_exptl.details                    ? 
_exptl.method                     'X-RAY DIFFRACTION' 
_exptl.method_details             ? 
# 
_exptl_crystal.colour                      ? 
_exptl_crystal.density_diffrn              ? 
_exptl_crystal.density_Matthews            4.15 
_exptl_crystal.density_method              ? 
_exptl_crystal.density_percent_sol         70.39 
_exptl_crystal.description                 ? 
_exptl_crystal.F_000                       ? 
_exptl_crystal.id                          1 
_exptl_crystal.preparation                 ? 
_exptl_crystal.size_max                    ? 
_exptl_crystal.size_mid                    ? 
_exptl_crystal.size_min                    ? 
_exptl_crystal.size_rad                    ? 
_exptl_crystal.colour_lustre               ? 
_exptl_crystal.colour_modifier             ? 
_exptl_crystal.colour_primary              ? 
_exptl_crystal.density_meas                ? 
_exptl_crystal.density_meas_esd            ? 
_exptl_crystal.density_meas_gt             ? 
_exptl_crystal.density_meas_lt             ? 
_exptl_crystal.density_meas_temp           ? 
_exptl_crystal.density_meas_temp_esd       ? 
_exptl_crystal.density_meas_temp_gt        ? 
_exptl_crystal.density_meas_temp_lt        ? 
_exptl_crystal.pdbx_crystal_image_url      ? 
_exptl_crystal.pdbx_crystal_image_format   ? 
_exptl_crystal.pdbx_mosaicity              ? 
_exptl_crystal.pdbx_mosaicity_esd          ? 
# 
_exptl_crystal_grow.apparatus       ? 
_exptl_crystal_grow.atmosphere      ? 
_exptl_crystal_grow.crystal_id      1 
_exptl_crystal_grow.details         ? 
_exptl_crystal_grow.method          'VAPOR DIFFUSION, SITTING DROP' 
_exptl_crystal_grow.method_ref      ? 
_exptl_crystal_grow.pH              ? 
_exptl_crystal_grow.pressure        ? 
_exptl_crystal_grow.pressure_esd    ? 
_exptl_crystal_grow.seeding         ? 
_exptl_crystal_grow.seeding_ref     ? 
_exptl_crystal_grow.temp            291 
_exptl_crystal_grow.temp_details    ? 
_exptl_crystal_grow.temp_esd        ? 
_exptl_crystal_grow.time            ? 
_exptl_crystal_grow.pdbx_details    '28% ethylene glycol' 
_exptl_crystal_grow.pdbx_pH_range   ? 
# 
_diffrn.ambient_environment    ? 
_diffrn.ambient_temp           100 
_diffrn.ambient_temp_details   ? 
_diffrn.ambient_temp_esd       ? 
_diffrn.crystal_id             1 
_diffrn.crystal_support        ? 
_diffrn.crystal_treatment      ? 
_diffrn.details                ? 
_diffrn.id                     1 
_diffrn.ambient_pressure       ? 
_diffrn.ambient_pressure_esd   ? 
_diffrn.ambient_pressure_gt    ? 
_diffrn.ambient_pressure_lt    ? 
_diffrn.ambient_temp_gt        ? 
_diffrn.ambient_temp_lt        ? 
# 
_diffrn_detector.details                      ? 
_diffrn_detector.detector                     CCD 
_diffrn_detector.diffrn_id                    1 
_diffrn_detector.type                         'ADSC QUANTUM 315' 
_diffrn_detector.area_resol_mean              ? 
_diffrn_detector.dtime                        ? 
_diffrn_detector.pdbx_frames_total            ? 
_diffrn_detector.pdbx_collection_time_total   ? 
_diffrn_detector.pdbx_collection_date         2014-04-15 
# 
_diffrn_radiation.collimation                      ? 
_diffrn_radiation.diffrn_id                        1 
_diffrn_radiation.filter_edge                      ? 
_diffrn_radiation.inhomogeneity                    ? 
_diffrn_radiation.monochromator                    ? 
_diffrn_radiation.polarisn_norm                    ? 
_diffrn_radiation.polarisn_ratio                   ? 
_diffrn_radiation.probe                            ? 
_diffrn_radiation.type                             ? 
_diffrn_radiation.xray_symbol                      ? 
_diffrn_radiation.wavelength_id                    1 
_diffrn_radiation.pdbx_monochromatic_or_laue_m_l   M 
_diffrn_radiation.pdbx_wavelength_list             ? 
_diffrn_radiation.pdbx_wavelength                  ? 
_diffrn_radiation.pdbx_diffrn_protocol             'SINGLE WAVELENGTH' 
_diffrn_radiation.pdbx_analyzer                    ? 
_diffrn_radiation.pdbx_scattering_type             x-ray 
# 
_diffrn_radiation_wavelength.id           1 
_diffrn_radiation_wavelength.wavelength   1.0000 
_diffrn_radiation_wavelength.wt           1.0 
# 
_diffrn_source.current                     ? 
_diffrn_source.details                     ? 
_diffrn_source.diffrn_id                   1 
_diffrn_source.power                       ? 
_diffrn_source.size                        ? 
_diffrn_source.source                      SYNCHROTRON 
_diffrn_source.target                      ? 
_diffrn_source.type                        'SSRF BEAMLINE BL17U1' 
_diffrn_source.voltage                     ? 
_diffrn_source.take-off_angle              ? 
_diffrn_source.pdbx_wavelength_list        1.0000 
_diffrn_source.pdbx_wavelength             ? 
_diffrn_source.pdbx_synchrotron_beamline   BL17U1 
_diffrn_source.pdbx_synchrotron_site       SSRF 
# 
_reflns.B_iso_Wilson_estimate            50.24 
_reflns.entry_id                         5XUK 
_reflns.data_reduction_details           ? 
_reflns.data_reduction_method            ? 
_reflns.d_resolution_high                2.30 
_reflns.d_resolution_low                 46.67 
_reflns.details                          ? 
_reflns.limit_h_max                      ? 
_reflns.limit_h_min                      ? 
_reflns.limit_k_max                      ? 
_reflns.limit_k_min                      ? 
_reflns.limit_l_max                      ? 
_reflns.limit_l_min                      ? 
_reflns.number_all                       ? 
_reflns.number_obs                       9185 
_reflns.observed_criterion               ? 
_reflns.observed_criterion_F_max         ? 
_reflns.observed_criterion_F_min         ? 
_reflns.observed_criterion_I_max         ? 
_reflns.observed_criterion_I_min         ? 
_reflns.observed_criterion_sigma_F       ? 
_reflns.observed_criterion_sigma_I       ? 
_reflns.percent_possible_obs             94.0 
_reflns.R_free_details                   ? 
_reflns.Rmerge_F_all                     ? 
_reflns.Rmerge_F_obs                     ? 
_reflns.Friedel_coverage                 ? 
_reflns.number_gt                        ? 
_reflns.threshold_expression             ? 
_reflns.pdbx_redundancy                  4.1 
_reflns.pdbx_Rmerge_I_obs                0.063 
_reflns.pdbx_Rmerge_I_all                ? 
_reflns.pdbx_Rsym_value                  ? 
_reflns.pdbx_netI_over_av_sigmaI         ? 
_reflns.pdbx_netI_over_sigmaI            11.1 
_reflns.pdbx_res_netI_over_av_sigmaI_2   ? 
_reflns.pdbx_res_netI_over_sigmaI_2      ? 
_reflns.pdbx_chi_squared                 ? 
_reflns.pdbx_scaling_rejects             ? 
_reflns.pdbx_d_res_high_opt              ? 
_reflns.pdbx_d_res_low_opt               ? 
_reflns.pdbx_d_res_opt_method            ? 
_reflns.phase_calculation_details        ? 
_reflns.pdbx_Rrim_I_all                  ? 
_reflns.pdbx_Rpim_I_all                  0.034 
_reflns.pdbx_d_opt                       ? 
_reflns.pdbx_number_measured_all         ? 
_reflns.pdbx_diffrn_id                   1 
_reflns.pdbx_ordinal                     1 
_reflns.pdbx_CC_half                     ? 
_reflns.pdbx_R_split                     ? 
# 
_reflns_shell.d_res_high                  2.30 
_reflns_shell.d_res_low                   2.42 
_reflns_shell.meanI_over_sigI_all         ? 
_reflns_shell.meanI_over_sigI_obs         2.8 
_reflns_shell.number_measured_all         ? 
_reflns_shell.number_measured_obs         ? 
_reflns_shell.number_possible             ? 
_reflns_shell.number_unique_all           ? 
_reflns_shell.number_unique_obs           1282 
_reflns_shell.percent_possible_all        91.4 
_reflns_shell.percent_possible_obs        ? 
_reflns_shell.Rmerge_F_all                ? 
_reflns_shell.Rmerge_F_obs                ? 
_reflns_shell.Rmerge_I_all                ? 
_reflns_shell.Rmerge_I_obs                0.384 
_reflns_shell.meanI_over_sigI_gt          ? 
_reflns_shell.meanI_over_uI_all           ? 
_reflns_shell.meanI_over_uI_gt            ? 
_reflns_shell.number_measured_gt          ? 
_reflns_shell.number_unique_gt            ? 
_reflns_shell.percent_possible_gt         ? 
_reflns_shell.Rmerge_F_gt                 ? 
_reflns_shell.Rmerge_I_gt                 ? 
_reflns_shell.pdbx_redundancy             4.0 
_reflns_shell.pdbx_Rsym_value             ? 
_reflns_shell.pdbx_chi_squared            ? 
_reflns_shell.pdbx_netI_over_sigmaI_all   ? 
_reflns_shell.pdbx_netI_over_sigmaI_obs   ? 
_reflns_shell.pdbx_Rrim_I_all             ? 
_reflns_shell.pdbx_Rpim_I_all             0.217 
_reflns_shell.pdbx_rejects                ? 
_reflns_shell.pdbx_ordinal                1 
_reflns_shell.pdbx_diffrn_id              1 
_reflns_shell.pdbx_CC_half                ? 
_reflns_shell.pdbx_R_split                ? 
# 
_refine.aniso_B[1][1]                            -0.73 
_refine.aniso_B[1][2]                            -0.37 
_refine.aniso_B[1][3]                            0.00 
_refine.aniso_B[2][2]                            -0.73 
_refine.aniso_B[2][3]                            0.00 
_refine.aniso_B[3][3]                            1.10 
_refine.B_iso_max                                ? 
_refine.B_iso_mean                               55.110 
_refine.B_iso_min                                ? 
_refine.correlation_coeff_Fo_to_Fc               0.943 
_refine.correlation_coeff_Fo_to_Fc_free          0.923 
_refine.details                                  'HYDROGENS HAVE BEEN ADDED IN THE RIDING POSITIONS' 
_refine.diff_density_max                         ? 
_refine.diff_density_max_esd                     ? 
_refine.diff_density_min                         ? 
_refine.diff_density_min_esd                     ? 
_refine.diff_density_rms                         ? 
_refine.diff_density_rms_esd                     ? 
_refine.entry_id                                 5XUK 
_refine.pdbx_refine_id                           'X-RAY DIFFRACTION' 
_refine.ls_abs_structure_details                 ? 
_refine.ls_abs_structure_Flack                   ? 
_refine.ls_abs_structure_Flack_esd               ? 
_refine.ls_abs_structure_Rogers                  ? 
_refine.ls_abs_structure_Rogers_esd              ? 
_refine.ls_d_res_high                            2.30 
_refine.ls_d_res_low                             30.00 
_refine.ls_extinction_coef                       ? 
_refine.ls_extinction_coef_esd                   ? 
_refine.ls_extinction_expression                 ? 
_refine.ls_extinction_method                     ? 
_refine.ls_goodness_of_fit_all                   ? 
_refine.ls_goodness_of_fit_all_esd               ? 
_refine.ls_goodness_of_fit_obs                   ? 
_refine.ls_goodness_of_fit_obs_esd               ? 
_refine.ls_hydrogen_treatment                    ? 
_refine.ls_matrix_type                           ? 
_refine.ls_number_constraints                    ? 
_refine.ls_number_parameters                     ? 
_refine.ls_number_reflns_all                     ? 
_refine.ls_number_reflns_obs                     8722 
_refine.ls_number_reflns_R_free                  442 
_refine.ls_number_reflns_R_work                  ? 
_refine.ls_number_restraints                     ? 
_refine.ls_percent_reflns_obs                    93.04 
_refine.ls_percent_reflns_R_free                 4.8 
_refine.ls_R_factor_all                          ? 
_refine.ls_R_factor_obs                          0.23014 
_refine.ls_R_factor_R_free                       0.27709 
_refine.ls_R_factor_R_free_error                 ? 
_refine.ls_R_factor_R_free_error_details         ? 
_refine.ls_R_factor_R_work                       0.22786 
_refine.ls_R_Fsqd_factor_obs                     ? 
_refine.ls_R_I_factor_obs                        ? 
_refine.ls_redundancy_reflns_all                 ? 
_refine.ls_redundancy_reflns_obs                 ? 
_refine.ls_restrained_S_all                      ? 
_refine.ls_restrained_S_obs                      ? 
_refine.ls_shift_over_esd_max                    ? 
_refine.ls_shift_over_esd_mean                   ? 
_refine.ls_structure_factor_coef                 ? 
_refine.ls_weighting_details                     ? 
_refine.ls_weighting_scheme                      ? 
_refine.ls_wR_factor_all                         ? 
_refine.ls_wR_factor_obs                         ? 
_refine.ls_wR_factor_R_free                      ? 
_refine.ls_wR_factor_R_work                      ? 
_refine.occupancy_max                            ? 
_refine.occupancy_min                            ? 
_refine.solvent_model_details                    ? 
_refine.solvent_model_param_bsol                 ? 
_refine.solvent_model_param_ksol                 ? 
_refine.ls_R_factor_gt                           ? 
_refine.ls_goodness_of_fit_gt                    ? 
_refine.ls_goodness_of_fit_ref                   ? 
_refine.ls_shift_over_su_max                     ? 
_refine.ls_shift_over_su_max_lt                  ? 
_refine.ls_shift_over_su_mean                    ? 
_refine.ls_shift_over_su_mean_lt                 ? 
_refine.pdbx_ls_sigma_I                          ? 
_refine.pdbx_ls_sigma_F                          ? 
_refine.pdbx_ls_sigma_Fsqd                       ? 
_refine.pdbx_data_cutoff_high_absF               ? 
_refine.pdbx_data_cutoff_high_rms_absF           ? 
_refine.pdbx_data_cutoff_low_absF                ? 
_refine.pdbx_isotropic_thermal_model             ? 
_refine.pdbx_ls_cross_valid_method               THROUGHOUT 
_refine.pdbx_method_to_determine_struct          'MOLECULAR REPLACEMENT' 
_refine.pdbx_starting_model                      3HYK 
_refine.pdbx_stereochemistry_target_values       ? 
_refine.pdbx_R_Free_selection_details            RANDOM 
_refine.pdbx_stereochem_target_val_spec_case     ? 
_refine.pdbx_overall_ESU_R                       0.239 
_refine.pdbx_overall_ESU_R_Free                  0.219 
_refine.pdbx_solvent_vdw_probe_radii             1.20 
_refine.pdbx_solvent_ion_probe_radii             0.80 
_refine.pdbx_solvent_shrinkage_radii             0.80 
_refine.pdbx_real_space_R                        ? 
_refine.pdbx_density_correlation                 ? 
_refine.pdbx_pd_number_of_powder_patterns        ? 
_refine.pdbx_pd_number_of_points                 ? 
_refine.pdbx_pd_meas_number_of_points            ? 
_refine.pdbx_pd_proc_ls_prof_R_factor            ? 
_refine.pdbx_pd_proc_ls_prof_wR_factor           ? 
_refine.pdbx_pd_Marquardt_correlation_coeff      ? 
_refine.pdbx_pd_Fsqrd_R_factor                   ? 
_refine.pdbx_pd_ls_matrix_band_width             ? 
_refine.pdbx_overall_phase_error                 ? 
_refine.pdbx_overall_SU_R_free_Cruickshank_DPI   ? 
_refine.pdbx_overall_SU_R_free_Blow_DPI          ? 
_refine.pdbx_overall_SU_R_Blow_DPI               ? 
_refine.pdbx_TLS_residual_ADP_flag               ? 
_refine.pdbx_diffrn_id                           1 
_refine.overall_SU_B                             6.309 
_refine.overall_SU_ML                            0.149 
_refine.overall_SU_R_Cruickshank_DPI             ? 
_refine.overall_SU_R_free                        ? 
_refine.overall_FOM_free_R_set                   ? 
_refine.overall_FOM_work_R_set                   ? 
_refine.pdbx_average_fsc_overall                 ? 
_refine.pdbx_average_fsc_work                    ? 
_refine.pdbx_average_fsc_free                    ? 
# 
_refine_hist.pdbx_refine_id                   'X-RAY DIFFRACTION' 
_refine_hist.cycle_id                         1 
_refine_hist.pdbx_number_atoms_protein        881 
_refine_hist.pdbx_number_atoms_nucleic_acid   0 
_refine_hist.pdbx_number_atoms_ligand         40 
_refine_hist.number_atoms_solvent             27 
_refine_hist.number_atoms_total               948 
_refine_hist.d_res_high                       2.30 
_refine_hist.d_res_low                        30.00 
# 
loop_
_refine_ls_restr.pdbx_refine_id 
_refine_ls_restr.criterion 
_refine_ls_restr.dev_ideal 
_refine_ls_restr.dev_ideal_target 
_refine_ls_restr.number 
_refine_ls_restr.rejects 
_refine_ls_restr.type 
_refine_ls_restr.weight 
_refine_ls_restr.pdbx_restraint_function 
'X-RAY DIFFRACTION' ? 0.009  0.019  935  ? r_bond_refined_d             ? ? 
'X-RAY DIFFRACTION' ? 0.001  0.020  650  ? r_bond_other_d               ? ? 
'X-RAY DIFFRACTION' ? 1.374  2.043  1260 ? r_angle_refined_deg          ? ? 
'X-RAY DIFFRACTION' ? 0.810  3.000  1604 ? r_angle_other_deg            ? ? 
'X-RAY DIFFRACTION' ? 6.501  5.000  114  ? r_dihedral_angle_1_deg       ? ? 
'X-RAY DIFFRACTION' ? 36.611 24.286 28   ? r_dihedral_angle_2_deg       ? ? 
'X-RAY DIFFRACTION' ? 15.782 15.000 183  ? r_dihedral_angle_3_deg       ? ? 
'X-RAY DIFFRACTION' ? 14.091 15.000 3    ? r_dihedral_angle_4_deg       ? ? 
'X-RAY DIFFRACTION' ? 0.075  0.200  149  ? r_chiral_restr               ? ? 
'X-RAY DIFFRACTION' ? 0.005  0.020  963  ? r_gen_planes_refined         ? ? 
'X-RAY DIFFRACTION' ? 0.001  0.020  175  ? r_gen_planes_other           ? ? 
'X-RAY DIFFRACTION' ? ?      ?      ?    ? r_nbd_refined                ? ? 
'X-RAY DIFFRACTION' ? ?      ?      ?    ? r_nbd_other                  ? ? 
'X-RAY DIFFRACTION' ? ?      ?      ?    ? r_nbtor_refined              ? ? 
'X-RAY DIFFRACTION' ? ?      ?      ?    ? r_nbtor_other                ? ? 
'X-RAY DIFFRACTION' ? ?      ?      ?    ? r_xyhbond_nbd_refined        ? ? 
'X-RAY DIFFRACTION' ? ?      ?      ?    ? r_xyhbond_nbd_other          ? ? 
'X-RAY DIFFRACTION' ? ?      ?      ?    ? r_metal_ion_refined          ? ? 
'X-RAY DIFFRACTION' ? ?      ?      ?    ? r_metal_ion_other            ? ? 
'X-RAY DIFFRACTION' ? ?      ?      ?    ? r_symmetry_vdw_refined       ? ? 
'X-RAY DIFFRACTION' ? ?      ?      ?    ? r_symmetry_vdw_other         ? ? 
'X-RAY DIFFRACTION' ? ?      ?      ?    ? r_symmetry_hbond_refined     ? ? 
'X-RAY DIFFRACTION' ? ?      ?      ?    ? r_symmetry_hbond_other       ? ? 
'X-RAY DIFFRACTION' ? ?      ?      ?    ? r_symmetry_metal_ion_refined ? ? 
'X-RAY DIFFRACTION' ? ?      ?      ?    ? r_symmetry_metal_ion_other   ? ? 
'X-RAY DIFFRACTION' ? ?      ?      ?    ? r_mcbond_it                  ? ? 
'X-RAY DIFFRACTION' ? ?      ?      ?    ? r_mcbond_other               ? ? 
'X-RAY DIFFRACTION' ? ?      ?      ?    ? r_mcangle_it                 ? ? 
'X-RAY DIFFRACTION' ? ?      ?      ?    ? r_mcangle_other              ? ? 
'X-RAY DIFFRACTION' ? ?      ?      ?    ? r_scbond_it                  ? ? 
'X-RAY DIFFRACTION' ? ?      ?      ?    ? r_scbond_other               ? ? 
'X-RAY DIFFRACTION' ? ?      ?      ?    ? r_scangle_it                 ? ? 
'X-RAY DIFFRACTION' ? ?      ?      ?    ? r_scangle_other              ? ? 
'X-RAY DIFFRACTION' ? ?      ?      ?    ? r_long_range_B_refined       ? ? 
'X-RAY DIFFRACTION' ? ?      ?      ?    ? r_long_range_B_other         ? ? 
'X-RAY DIFFRACTION' ? ?      ?      ?    ? r_rigid_bond_restr           ? ? 
'X-RAY DIFFRACTION' ? ?      ?      ?    ? r_sphericity_free            ? ? 
'X-RAY DIFFRACTION' ? ?      ?      ?    ? r_sphericity_bonded          ? ? 
# 
_refine_ls_shell.pdbx_refine_id                   'X-RAY DIFFRACTION' 
_refine_ls_shell.d_res_high                       2.300 
_refine_ls_shell.d_res_low                        2.359 
_refine_ls_shell.number_reflns_all                ? 
_refine_ls_shell.number_reflns_obs                ? 
_refine_ls_shell.number_reflns_R_free             35 
_refine_ls_shell.number_reflns_R_work             577 
_refine_ls_shell.percent_reflns_obs               90.67 
_refine_ls_shell.percent_reflns_R_free            ? 
_refine_ls_shell.R_factor_all                     ? 
_refine_ls_shell.R_factor_obs                     ? 
_refine_ls_shell.R_factor_R_free                  0.388 
_refine_ls_shell.R_factor_R_free_error            ? 
_refine_ls_shell.R_factor_R_work                  0.331 
_refine_ls_shell.redundancy_reflns_all            ? 
_refine_ls_shell.redundancy_reflns_obs            ? 
_refine_ls_shell.wR_factor_all                    ? 
_refine_ls_shell.wR_factor_obs                    ? 
_refine_ls_shell.wR_factor_R_free                 ? 
_refine_ls_shell.wR_factor_R_work                 ? 
_refine_ls_shell.pdbx_total_number_of_bins_used   20 
_refine_ls_shell.pdbx_phase_error                 ? 
_refine_ls_shell.pdbx_fsc_work                    ? 
_refine_ls_shell.pdbx_fsc_free                    ? 
# 
_struct.entry_id                     5XUK 
_struct.title                        
'Crystal structure of Helicobacter pylori holo-[acyl-carrier-protein] synthase (AcpS) in complex with coenzyme A' 
_struct.pdbx_model_details           ? 
_struct.pdbx_formula_weight          ? 
_struct.pdbx_formula_weight_method   ? 
_struct.pdbx_model_type_details      ? 
_struct.pdbx_CASP_flag               N 
# 
_struct_keywords.entry_id        5XUK 
_struct_keywords.text            'Gram-negative bacteria, phosphopantetheinyl transferase, homotrimer, TRANSFERASE' 
_struct_keywords.pdbx_keywords   TRANSFERASE 
# 
loop_
_struct_asym.id 
_struct_asym.pdbx_blank_PDB_chainid_flag 
_struct_asym.pdbx_modified 
_struct_asym.entity_id 
_struct_asym.details 
A N N 1 ? 
B N N 2 ? 
C N N 3 ? 
# 
loop_
_struct_conf.conf_type_id 
_struct_conf.id 
_struct_conf.pdbx_PDB_helix_id 
_struct_conf.beg_label_comp_id 
_struct_conf.beg_label_asym_id 
_struct_conf.beg_label_seq_id 
_struct_conf.pdbx_beg_PDB_ins_code 
_struct_conf.end_label_comp_id 
_struct_conf.end_label_asym_id 
_struct_conf.end_label_seq_id 
_struct_conf.pdbx_end_PDB_ins_code 
_struct_conf.beg_auth_comp_id 
_struct_conf.beg_auth_asym_id 
_struct_conf.beg_auth_seq_id 
_struct_conf.end_auth_comp_id 
_struct_conf.end_auth_asym_id 
_struct_conf.end_auth_seq_id 
_struct_conf.pdbx_PDB_helix_class 
_struct_conf.details 
_struct_conf.pdbx_PDB_helix_length 
HELX_P HELX_P1 AA1 ILE A 9  ? VAL A 16 ? ILE A 9  VAL A 16 1 ? 8  
HELX_P HELX_P2 AA2 LYS A 20 ? LEU A 28 ? LYS A 20 LEU A 28 1 ? 9  
HELX_P HELX_P3 AA3 SER A 29 ? LYS A 37 ? SER A 29 LYS A 37 1 ? 9  
HELX_P HELX_P4 AA4 LYS A 39 ? LEU A 57 ? LYS A 39 LEU A 57 1 ? 19 
HELX_P HELX_P5 AA5 SER A 66 ? LEU A 68 ? SER A 66 LEU A 68 5 ? 3  
HELX_P HELX_P6 AA6 SER A 85 ? PHE A 92 ? SER A 85 PHE A 92 1 ? 8  
# 
_struct_conf_type.id          HELX_P 
_struct_conf_type.criteria    ? 
_struct_conf_type.reference   ? 
# 
loop_
_struct_sheet.id 
_struct_sheet.type 
_struct_sheet.number_strands 
_struct_sheet.details 
AA1 ? 3 ? 
AA2 ? 2 ? 
# 
loop_
_struct_sheet_order.sheet_id 
_struct_sheet_order.range_id_1 
_struct_sheet_order.range_id_2 
_struct_sheet_order.offset 
_struct_sheet_order.sense 
AA1 1 2 ? anti-parallel 
AA1 2 3 ? anti-parallel 
AA2 1 2 ? anti-parallel 
# 
loop_
_struct_sheet_range.sheet_id 
_struct_sheet_range.id 
_struct_sheet_range.beg_label_comp_id 
_struct_sheet_range.beg_label_asym_id 
_struct_sheet_range.beg_label_seq_id 
_struct_sheet_range.pdbx_beg_PDB_ins_code 
_struct_sheet_range.end_label_comp_id 
_struct_sheet_range.end_label_asym_id 
_struct_sheet_range.end_label_seq_id 
_struct_sheet_range.pdbx_end_PDB_ins_code 
_struct_sheet_range.beg_auth_comp_id 
_struct_sheet_range.beg_auth_asym_id 
_struct_sheet_range.beg_auth_seq_id 
_struct_sheet_range.end_auth_comp_id 
_struct_sheet_range.end_auth_asym_id 
_struct_sheet_range.end_auth_seq_id 
AA1 1 ILE A 2   ? SER A 8   ? ILE A 2   SER A 8   
AA1 2 PHE A 107 ? VAL A 114 ? PHE A 107 VAL A 114 
AA1 3 LEU A 97  ? ASP A 104 ? LEU A 97  ASP A 104 
AA2 1 ILE A 70  ? LYS A 74  ? ILE A 70  LYS A 74  
AA2 2 PRO A 80  ? LEU A 84  ? PRO A 80  LEU A 84  
# 
loop_
_pdbx_struct_sheet_hbond.sheet_id 
_pdbx_struct_sheet_hbond.range_id_1 
_pdbx_struct_sheet_hbond.range_id_2 
_pdbx_struct_sheet_hbond.range_1_label_atom_id 
_pdbx_struct_sheet_hbond.range_1_label_comp_id 
_pdbx_struct_sheet_hbond.range_1_label_asym_id 
_pdbx_struct_sheet_hbond.range_1_label_seq_id 
_pdbx_struct_sheet_hbond.range_1_PDB_ins_code 
_pdbx_struct_sheet_hbond.range_1_auth_atom_id 
_pdbx_struct_sheet_hbond.range_1_auth_comp_id 
_pdbx_struct_sheet_hbond.range_1_auth_asym_id 
_pdbx_struct_sheet_hbond.range_1_auth_seq_id 
_pdbx_struct_sheet_hbond.range_2_label_atom_id 
_pdbx_struct_sheet_hbond.range_2_label_comp_id 
_pdbx_struct_sheet_hbond.range_2_label_asym_id 
_pdbx_struct_sheet_hbond.range_2_label_seq_id 
_pdbx_struct_sheet_hbond.range_2_PDB_ins_code 
_pdbx_struct_sheet_hbond.range_2_auth_atom_id 
_pdbx_struct_sheet_hbond.range_2_auth_comp_id 
_pdbx_struct_sheet_hbond.range_2_auth_asym_id 
_pdbx_struct_sheet_hbond.range_2_auth_seq_id 
AA1 1 2 N VAL A 7   ? N VAL A 7   O ALA A 108 ? O ALA A 108 
AA1 2 3 O ILE A 109 ? O ILE A 109 N SER A 102 ? N SER A 102 
AA2 1 2 N SER A 73  ? N SER A 73  O LEU A 81  ? O LEU A 81  
# 
_struct_site.id                   AC1 
_struct_site.pdbx_evidence_code   Software 
_struct_site.pdbx_auth_asym_id    A 
_struct_site.pdbx_auth_comp_id    COA 
_struct_site.pdbx_auth_seq_id     201 
_struct_site.pdbx_auth_ins_code   ? 
_struct_site.pdbx_num_residues    22 
_struct_site.details              'binding site for residue COA A 201' 
# 
loop_
_struct_site_gen.id 
_struct_site_gen.site_id 
_struct_site_gen.pdbx_num_res 
_struct_site_gen.label_comp_id 
_struct_site_gen.label_asym_id 
_struct_site_gen.label_seq_id 
_struct_site_gen.pdbx_auth_ins_code 
_struct_site_gen.auth_comp_id 
_struct_site_gen.auth_asym_id 
_struct_site_gen.auth_seq_id 
_struct_site_gen.label_atom_id 
_struct_site_gen.label_alt_id 
_struct_site_gen.symmetry 
_struct_site_gen.details 
1  AC1 22 ASP A 5   ? ASP A 5   . ? 3_655 ? 
2  AC1 22 SER A 42  ? SER A 42  . ? 1_555 ? 
3  AC1 22 GLU A 51  ? GLU A 51  . ? 3_655 ? 
4  AC1 22 SER A 54  ? SER A 54  . ? 3_655 ? 
5  AC1 22 LYS A 55  ? LYS A 55  . ? 3_655 ? 
6  AC1 22 GLN A 58  ? GLN A 58  . ? 3_655 ? 
7  AC1 22 VAL A 59  ? VAL A 59  . ? 3_655 ? 
8  AC1 22 GLY A 60  ? GLY A 60  . ? 3_655 ? 
9  AC1 22 ILE A 61  ? ILE A 61  . ? 3_655 ? 
10 AC1 22 LYS A 74  ? LYS A 74  . ? 1_555 ? 
11 AC1 22 LYS A 77  ? LYS A 77  . ? 1_555 ? 
12 AC1 22 ASN A 78  ? ASN A 78  . ? 1_555 ? 
13 AC1 22 ALA A 79  ? ALA A 79  . ? 1_555 ? 
14 AC1 22 PRO A 80  ? PRO A 80  . ? 1_555 ? 
15 AC1 22 ILE A 101 ? ILE A 101 . ? 1_555 ? 
16 AC1 22 SER A 102 ? SER A 102 . ? 1_555 ? 
17 AC1 22 HIS A 103 ? HIS A 103 . ? 1_555 ? 
18 AC1 22 HOH C .   ? HOH A 301 . ? 1_555 ? 
19 AC1 22 HOH C .   ? HOH A 303 . ? 1_555 ? 
20 AC1 22 HOH C .   ? HOH A 305 . ? 1_555 ? 
21 AC1 22 HOH C .   ? HOH A 311 . ? 1_555 ? 
22 AC1 22 HOH C .   ? HOH A 316 . ? 1_555 ? 
# 
_atom_sites.entry_id                    5XUK 
_atom_sites.fract_transf_matrix[1][1]   -0.00384172 
_atom_sites.fract_transf_matrix[1][2]   0.00969088 
_atom_sites.fract_transf_matrix[1][3]   0.00666124 
_atom_sites.fract_transf_matrix[2][1]   -0.00726533 
_atom_sites.fract_transf_matrix[2][2]   0.00857214 
_atom_sites.fract_transf_matrix[2][3]   -0.00517445 
_atom_sites.fract_transf_matrix[3][1]   -0.01880852 
_atom_sites.fract_transf_matrix[3][2]   -0.01197386 
_atom_sites.fract_transf_matrix[3][3]   0.00657239 
_atom_sites.fract_transf_vector[1]      0.349494 
_atom_sites.fract_transf_vector[2]      -0.170371 
_atom_sites.fract_transf_vector[3]      -0.375704 
# 
loop_
_atom_type.symbol 
C 
N 
O 
P 
S 
# 
loop_
_atom_site.group_PDB 
_atom_site.id 
_atom_site.type_symbol 
_atom_site.label_atom_id 
_atom_site.label_alt_id 
_atom_site.label_comp_id 
_atom_site.label_asym_id 
_atom_site.label_entity_id 
_atom_site.label_seq_id 
_atom_site.pdbx_PDB_ins_code 
_atom_site.Cartn_x 
_atom_site.Cartn_y 
_atom_site.Cartn_z 
_atom_site.occupancy 
_atom_site.B_iso_or_equiv 
_atom_site.pdbx_formal_charge 
_atom_site.auth_seq_id 
_atom_site.auth_comp_id 
_atom_site.auth_asym_id 
_atom_site.auth_atom_id 
_atom_site.pdbx_PDB_model_num 
ATOM   1   N N   . MET A 1 1   ? -3.038  -14.708 8.262   1.00 62.88  ? 1   MET A N   1 
ATOM   2   C CA  . MET A 1 1   ? -1.716  -14.737 7.568   1.00 61.29  ? 1   MET A CA  1 
ATOM   3   C C   . MET A 1 1   ? -1.046  -13.359 7.623   1.00 55.09  ? 1   MET A C   1 
ATOM   4   O O   . MET A 1 1   ? -1.718  -12.364 7.863   1.00 50.99  ? 1   MET A O   1 
ATOM   5   C CB  . MET A 1 1   ? -1.902  -15.148 6.107   1.00 67.07  ? 1   MET A CB  1 
ATOM   6   C CG  . MET A 1 1   ? -2.672  -16.438 5.899   1.00 72.17  ? 1   MET A CG  1 
ATOM   7   S SD  . MET A 1 1   ? -2.737  -16.869 4.152   1.00 83.91  ? 1   MET A SD  1 
ATOM   8   C CE  . MET A 1 1   ? -4.010  -15.758 3.539   1.00 73.23  ? 1   MET A CE  1 
ATOM   9   N N   . ILE A 1 2   ? 0.261   -13.295 7.356   1.00 51.47  ? 2   ILE A N   1 
ATOM   10  C CA  . ILE A 1 2   ? 1.019   -12.034 7.507   1.00 48.07  ? 2   ILE A CA  1 
ATOM   11  C C   . ILE A 1 2   ? 1.817   -11.676 6.267   1.00 44.98  ? 2   ILE A C   1 
ATOM   12  O O   . ILE A 1 2   ? 2.295   -12.561 5.547   1.00 50.39  ? 2   ILE A O   1 
ATOM   13  C CB  . ILE A 1 2   ? 1.939   -12.059 8.761   1.00 48.41  ? 2   ILE A CB  1 
ATOM   14  C CG1 . ILE A 1 2   ? 2.416   -10.651 9.111   1.00 47.24  ? 2   ILE A CG1 1 
ATOM   15  C CG2 . ILE A 1 2   ? 3.115   -13.028 8.591   1.00 43.09  ? 2   ILE A CG2 1 
ATOM   16  C CD1 . ILE A 1 2   ? 2.664   -10.456 10.594  1.00 44.68  ? 2   ILE A CD1 1 
ATOM   17  N N   . GLY A 1 3   ? 1.935   -10.375 5.993   1.00 40.68  ? 3   GLY A N   1 
ATOM   18  C CA  . GLY A 1 3   ? 2.844   -9.882  4.948   1.00 34.62  ? 3   GLY A CA  1 
ATOM   19  C C   . GLY A 1 3   ? 3.589   -8.667  5.430   1.00 34.02  ? 3   GLY A C   1 
ATOM   20  O O   . GLY A 1 3   ? 3.085   -7.942  6.277   1.00 37.99  ? 3   GLY A O   1 
ATOM   21  N N   . ILE A 1 4   ? 4.784   -8.433  4.902   1.00 32.33  ? 4   ILE A N   1 
ATOM   22  C CA  . ILE A 1 4   ? 5.654   -7.351  5.389   1.00 33.52  ? 4   ILE A CA  1 
ATOM   23  C C   . ILE A 1 4   ? 6.424   -6.874  4.215   1.00 33.03  ? 4   ILE A C   1 
ATOM   24  O O   . ILE A 1 4   ? 6.624   -7.626  3.280   1.00 37.66  ? 4   ILE A O   1 
ATOM   25  C CB  . ILE A 1 4   ? 6.651   -7.807  6.529   1.00 33.27  ? 4   ILE A CB  1 
ATOM   26  C CG1 . ILE A 1 4   ? 7.283   -6.614  7.229   1.00 35.70  ? 4   ILE A CG1 1 
ATOM   27  C CG2 . ILE A 1 4   ? 7.783   -8.692  6.023   1.00 30.14  ? 4   ILE A CG2 1 
ATOM   28  C CD1 . ILE A 1 4   ? 7.833   -6.940  8.616   1.00 34.10  ? 4   ILE A CD1 1 
ATOM   29  N N   . ASP A 1 5   ? 6.871   -5.633  4.257   1.00 35.43  ? 5   ASP A N   1 
ATOM   30  C CA  . ASP A 1 5   ? 7.639   -5.072  3.152   1.00 35.31  ? 5   ASP A CA  1 
ATOM   31  C C   . ASP A 1 5   ? 8.471   -3.908  3.625   1.00 36.52  ? 5   ASP A C   1 
ATOM   32  O O   . ASP A 1 5   ? 8.030   -3.119  4.456   1.00 44.16  ? 5   ASP A O   1 
ATOM   33  C CB  . ASP A 1 5   ? 6.675   -4.595  2.056   1.00 38.53  ? 5   ASP A CB  1 
ATOM   34  C CG  . ASP A 1 5   ? 7.289   -4.630  0.696   1.00 39.34  ? 5   ASP A CG  1 
ATOM   35  O OD1 . ASP A 1 5   ? 7.331   -5.729  0.111   1.00 47.44  ? 5   ASP A OD1 1 
ATOM   36  O OD2 . ASP A 1 5   ? 7.736   -3.576  0.202   1.00 45.70  ? 5   ASP A OD2 1 
ATOM   37  N N   . ILE A 1 6   ? 9.667   -3.779  3.094   1.00 39.67  ? 6   ILE A N   1 
ATOM   38  C CA  . ILE A 1 6   ? 10.558  -2.691  3.474   1.00 44.43  ? 6   ILE A CA  1 
ATOM   39  C C   . ILE A 1 6   ? 10.979  -2.073  2.174   1.00 42.93  ? 6   ILE A C   1 
ATOM   40  O O   . ILE A 1 6   ? 11.318  -2.787  1.245   1.00 44.24  ? 6   ILE A O   1 
ATOM   41  C CB  . ILE A 1 6   ? 11.787  -3.179  4.293   1.00 45.71  ? 6   ILE A CB  1 
ATOM   42  C CG1 . ILE A 1 6   ? 12.730  -2.016  4.593   1.00 49.03  ? 6   ILE A CG1 1 
ATOM   43  C CG2 . ILE A 1 6   ? 12.548  -4.276  3.562   1.00 43.77  ? 6   ILE A CG2 1 
ATOM   44  C CD1 . ILE A 1 6   ? 13.647  -2.286  5.779   1.00 54.51  ? 6   ILE A CD1 1 
ATOM   45  N N   . VAL A 1 7   ? 10.888  -0.752  2.087   1.00 45.65  ? 7   VAL A N   1 
ATOM   46  C CA  . VAL A 1 7   ? 11.164  -0.040  0.842   1.00 46.61  ? 7   VAL A CA  1 
ATOM   47  C C   . VAL A 1 7   ? 12.104  1.102   1.136   1.00 44.68  ? 7   VAL A C   1 
ATOM   48  O O   . VAL A 1 7   ? 11.981  1.762   2.178   1.00 51.54  ? 7   VAL A O   1 
ATOM   49  C CB  . VAL A 1 7   ? 9.851   0.497   0.207   1.00 51.72  ? 7   VAL A CB  1 
ATOM   50  C CG1 . VAL A 1 7   ? 10.134  1.474   -0.917  1.00 52.68  ? 7   VAL A CG1 1 
ATOM   51  C CG2 . VAL A 1 7   ? 8.993   -0.651  -0.298  1.00 54.20  ? 7   VAL A CG2 1 
ATOM   52  N N   . SER A 1 8   ? 13.055  1.319   0.237   1.00 46.44  ? 8   SER A N   1 
ATOM   53  C CA  . SER A 1 8   ? 13.896  2.505   0.261   1.00 46.35  ? 8   SER A CA  1 
ATOM   54  C C   . SER A 1 8   ? 13.078  3.708   -0.202  1.00 51.15  ? 8   SER A C   1 
ATOM   55  O O   . SER A 1 8   ? 12.514  3.697   -1.318  1.00 45.72  ? 8   SER A O   1 
ATOM   56  C CB  . SER A 1 8   ? 15.074  2.327   -0.679  1.00 51.38  ? 8   SER A CB  1 
ATOM   57  O OG  . SER A 1 8   ? 15.791  3.543   -0.839  1.00 57.09  ? 8   SER A OG  1 
ATOM   58  N N   . ILE A 1 9   ? 13.012  4.730   0.654   1.00 50.43  ? 9   ILE A N   1 
ATOM   59  C CA  . ILE A 1 9   ? 12.279  5.943   0.342   1.00 54.07  ? 9   ILE A CA  1 
ATOM   60  C C   . ILE A 1 9   ? 12.923  6.625   -0.852  1.00 58.96  ? 9   ILE A C   1 
ATOM   61  O O   . ILE A 1 9   ? 12.238  7.000   -1.801  1.00 62.40  ? 9   ILE A O   1 
ATOM   62  C CB  . ILE A 1 9   ? 12.236  6.916   1.534   1.00 53.68  ? 9   ILE A CB  1 
ATOM   63  C CG1 . ILE A 1 9   ? 11.403  6.306   2.668   1.00 52.70  ? 9   ILE A CG1 1 
ATOM   64  C CG2 . ILE A 1 9   ? 11.645  8.245   1.089   1.00 51.50  ? 9   ILE A CG2 1 
ATOM   65  C CD1 . ILE A 1 9   ? 11.210  7.193   3.881   1.00 48.79  ? 9   ILE A CD1 1 
ATOM   66  N N   . ALA A 1 10  ? 14.248  6.741   -0.800  1.00 63.59  ? 10  ALA A N   1 
ATOM   67  C CA  . ALA A 1 10  ? 15.050  7.256   -1.911  1.00 65.57  ? 10  ALA A CA  1 
ATOM   68  C C   . ALA A 1 10  ? 14.757  6.574   -3.254  1.00 68.17  ? 10  ALA A C   1 
ATOM   69  O O   . ALA A 1 10  ? 14.722  7.232   -4.286  1.00 77.38  ? 10  ALA A O   1 
ATOM   70  C CB  . ALA A 1 10  ? 16.528  7.136   -1.576  1.00 66.26  ? 10  ALA A CB  1 
ATOM   71  N N   . ARG A 1 11  ? 14.550  5.263   -3.243  1.00 69.09  ? 11  ARG A N   1 
ATOM   72  C CA  . ARG A 1 11  ? 14.210  4.531   -4.467  1.00 69.07  ? 11  ARG A CA  1 
ATOM   73  C C   . ARG A 1 11  ? 12.816  4.922   -4.978  1.00 73.30  ? 11  ARG A C   1 
ATOM   74  O O   . ARG A 1 11  ? 12.579  4.970   -6.192  1.00 72.32  ? 11  ARG A O   1 
ATOM   75  C CB  . ARG A 1 11  ? 14.295  3.018   -4.227  1.00 68.76  ? 11  ARG A CB  1 
ATOM   76  C CG  . ARG A 1 11  ? 13.543  2.156   -5.232  1.00 71.38  ? 11  ARG A CG  1 
ATOM   77  C CD  . ARG A 1 11  ? 13.771  0.667   -4.992  1.00 75.66  ? 11  ARG A CD  1 
ATOM   78  N NE  . ARG A 1 11  ? 12.684  -0.124  -5.575  1.00 76.84  ? 11  ARG A NE  1 
ATOM   79  C CZ  . ARG A 1 11  ? 11.780  -0.828  -4.895  1.00 77.72  ? 11  ARG A CZ  1 
ATOM   80  N NH1 . ARG A 1 11  ? 11.809  -0.898  -3.567  1.00 77.13  ? 11  ARG A NH1 1 
ATOM   81  N NH2 . ARG A 1 11  ? 10.833  -1.489  -5.559  1.00 79.40  ? 11  ARG A NH2 1 
ATOM   82  N N   . ILE A 1 12  ? 11.890  5.171   -4.057  1.00 72.92  ? 12  ILE A N   1 
ATOM   83  C CA  . ILE A 1 12  ? 10.585  5.689   -4.442  1.00 76.08  ? 12  ILE A CA  1 
ATOM   84  C C   . ILE A 1 12  ? 10.735  7.099   -5.019  1.00 77.96  ? 12  ILE A C   1 
ATOM   85  O O   . ILE A 1 12  ? 10.211  7.373   -6.100  1.00 70.07  ? 12  ILE A O   1 
ATOM   86  C CB  . ILE A 1 12  ? 9.576   5.670   -3.276  1.00 75.98  ? 12  ILE A CB  1 
ATOM   87  C CG1 . ILE A 1 12  ? 8.661   4.454   -3.413  1.00 72.05  ? 12  ILE A CG1 1 
ATOM   88  C CG2 . ILE A 1 12  ? 8.728   6.938   -3.265  1.00 74.01  ? 12  ILE A CG2 1 
ATOM   89  C CD1 . ILE A 1 12  ? 9.395   3.136   -3.415  1.00 71.09  ? 12  ILE A CD1 1 
ATOM   90  N N   . GLU A 1 13  ? 11.474  7.965   -4.319  1.00 78.74  ? 13  GLU A N   1 
ATOM   91  C CA  . GLU A 1 13  ? 11.771  9.324   -4.810  1.00 85.22  ? 13  GLU A CA  1 
ATOM   92  C C   . GLU A 1 13  ? 12.273  9.338   -6.257  1.00 88.87  ? 13  GLU A C   1 
ATOM   93  O O   . GLU A 1 13  ? 11.806  10.136  -7.065  1.00 94.50  ? 13  GLU A O   1 
ATOM   94  C CB  . GLU A 1 13  ? 12.777  10.051  -3.897  1.00 84.66  ? 13  GLU A CB  1 
ATOM   95  C CG  . GLU A 1 13  ? 12.148  10.591  -2.621  1.00 89.05  ? 13  GLU A CG  1 
ATOM   96  C CD  . GLU A 1 13  ? 13.129  11.252  -1.663  1.00 94.07  ? 13  GLU A CD  1 
ATOM   97  O OE1 . GLU A 1 13  ? 14.287  10.798  -1.574  1.00 97.07  ? 13  GLU A OE1 1 
ATOM   98  O OE2 . GLU A 1 13  ? 12.730  12.220  -0.973  1.00 93.86  ? 13  GLU A OE2 1 
ATOM   99  N N   . LYS A 1 14  ? 13.207  8.450   -6.586  1.00 93.95  ? 14  LYS A N   1 
ATOM   100 C CA  . LYS A 1 14  ? 13.766  8.405   -7.940  1.00 95.80  ? 14  LYS A CA  1 
ATOM   101 C C   . LYS A 1 14  ? 12.811  7.777   -8.959  1.00 89.03  ? 14  LYS A C   1 
ATOM   102 O O   . LYS A 1 14  ? 12.971  7.991   -10.155 1.00 93.10  ? 14  LYS A O   1 
ATOM   103 C CB  . LYS A 1 14  ? 15.136  7.706   -7.949  1.00 102.54 ? 14  LYS A CB  1 
ATOM   104 C CG  . LYS A 1 14  ? 16.209  8.495   -7.203  1.00 106.54 ? 14  LYS A CG  1 
ATOM   105 C CD  . LYS A 1 14  ? 17.573  7.807   -7.203  1.00 114.30 ? 14  LYS A CD  1 
ATOM   106 C CE  . LYS A 1 14  ? 18.549  8.383   -8.230  1.00 117.60 ? 14  LYS A CE  1 
ATOM   107 N NZ  . LYS A 1 14  ? 18.297  7.930   -9.628  1.00 118.69 ? 14  LYS A NZ  1 
ATOM   108 N N   . CYS A 1 15  ? 11.823  7.015   -8.496  1.00 87.16  ? 15  CYS A N   1 
ATOM   109 C CA  . CYS A 1 15  ? 10.744  6.542   -9.371  1.00 90.60  ? 15  CYS A CA  1 
ATOM   110 C C   . CYS A 1 15  ? 9.606   7.568   -9.471  1.00 95.78  ? 15  CYS A C   1 
ATOM   111 O O   . CYS A 1 15  ? 8.738   7.450   -10.332 1.00 99.64  ? 15  CYS A O   1 
ATOM   112 C CB  . CYS A 1 15  ? 10.194  5.198   -8.891  1.00 93.11  ? 15  CYS A CB  1 
ATOM   113 S SG  . CYS A 1 15  ? 11.386  3.836   -8.939  1.00 101.92 ? 15  CYS A SG  1 
ATOM   114 N N   . VAL A 1 16  ? 9.606   8.563   -8.584  1.00 97.40  ? 16  VAL A N   1 
ATOM   115 C CA  . VAL A 1 16  ? 8.676   9.697   -8.674  1.00 97.85  ? 16  VAL A CA  1 
ATOM   116 C C   . VAL A 1 16  ? 9.216   10.747  -9.665  1.00 100.98 ? 16  VAL A C   1 
ATOM   117 O O   . VAL A 1 16  ? 8.559   11.747  -9.940  1.00 101.95 ? 16  VAL A O   1 
ATOM   118 C CB  . VAL A 1 16  ? 8.405   10.317  -7.275  1.00 94.47  ? 16  VAL A CB  1 
ATOM   119 C CG1 . VAL A 1 16  ? 7.556   11.576  -7.375  1.00 94.34  ? 16  VAL A CG1 1 
ATOM   120 C CG2 . VAL A 1 16  ? 7.718   9.304   -6.371  1.00 86.44  ? 16  VAL A CG2 1 
ATOM   121 N N   . LYS A 1 17  ? 10.419  10.513  -10.191 1.00 104.96 ? 17  LYS A N   1 
ATOM   122 C CA  . LYS A 1 17  ? 10.935  11.258  -11.339 1.00 103.99 ? 17  LYS A CA  1 
ATOM   123 C C   . LYS A 1 17  ? 10.913  10.383  -12.604 1.00 106.11 ? 17  LYS A C   1 
ATOM   124 O O   . LYS A 1 17  ? 11.767  10.524  -13.470 1.00 104.83 ? 17  LYS A O   1 
ATOM   125 C CB  . LYS A 1 17  ? 12.359  11.741  -11.059 1.00 101.52 ? 17  LYS A CB  1 
ATOM   126 C CG  . LYS A 1 17  ? 12.518  12.500  -9.748  1.00 101.22 ? 17  LYS A CG  1 
ATOM   127 C CD  . LYS A 1 17  ? 13.985  12.762  -9.429  1.00 98.74  ? 17  LYS A CD  1 
ATOM   128 C CE  . LYS A 1 17  ? 14.168  13.313  -8.024  1.00 97.67  ? 17  LYS A CE  1 
ATOM   129 N NZ  . LYS A 1 17  ? 13.378  14.556  -7.800  1.00 96.01  ? 17  LYS A NZ  1 
ATOM   130 N N   . ARG A 1 18  ? 9.939   9.477   -12.694 1.00 113.55 ? 18  ARG A N   1 
ATOM   131 C CA  . ARG A 1 18  ? 9.734   8.647   -13.884 1.00 119.53 ? 18  ARG A CA  1 
ATOM   132 C C   . ARG A 1 18  ? 8.396   9.051   -14.487 1.00 126.61 ? 18  ARG A C   1 
ATOM   133 O O   . ARG A 1 18  ? 7.384   8.360   -14.329 1.00 124.79 ? 18  ARG A O   1 
ATOM   134 C CB  . ARG A 1 18  ? 9.755   7.157   -13.524 1.00 121.71 ? 18  ARG A CB  1 
ATOM   135 C CG  . ARG A 1 18  ? 9.695   6.195   -14.705 1.00 122.32 ? 18  ARG A CG  1 
ATOM   136 C CD  . ARG A 1 18  ? 10.904  6.341   -15.621 1.00 125.89 ? 18  ARG A CD  1 
ATOM   137 N NE  . ARG A 1 18  ? 10.730  7.397   -16.621 1.00 131.24 ? 18  ARG A NE  1 
ATOM   138 C CZ  . ARG A 1 18  ? 11.681  7.828   -17.455 1.00 133.67 ? 18  ARG A CZ  1 
ATOM   139 N NH1 . ARG A 1 18  ? 11.408  8.793   -18.327 1.00 130.32 ? 18  ARG A NH1 1 
ATOM   140 N NH2 . ARG A 1 18  ? 12.905  7.304   -17.428 1.00 135.57 ? 18  ARG A NH2 1 
ATOM   141 N N   . PHE A 1 19  ? 8.417   10.193  -15.173 1.00 140.22 ? 19  PHE A N   1 
ATOM   142 C CA  . PHE A 1 19  ? 7.211   10.889  -15.648 1.00 144.15 ? 19  PHE A CA  1 
ATOM   143 C C   . PHE A 1 19  ? 6.211   11.162  -14.508 1.00 142.56 ? 19  PHE A C   1 
ATOM   144 O O   . PHE A 1 19  ? 5.003   11.233  -14.742 1.00 145.78 ? 19  PHE A O   1 
ATOM   145 C CB  . PHE A 1 19  ? 6.546   10.136  -16.821 1.00 147.10 ? 19  PHE A CB  1 
ATOM   146 C CG  . PHE A 1 19  ? 7.346   10.165  -18.106 1.00 150.40 ? 19  PHE A CG  1 
ATOM   147 C CD1 . PHE A 1 19  ? 7.734   11.374  -18.680 1.00 151.10 ? 19  PHE A CD1 1 
ATOM   148 C CD2 . PHE A 1 19  ? 7.691   8.983   -18.756 1.00 151.12 ? 19  PHE A CD2 1 
ATOM   149 C CE1 . PHE A 1 19  ? 8.463   11.402  -19.860 1.00 150.06 ? 19  PHE A CE1 1 
ATOM   150 C CE2 . PHE A 1 19  ? 8.417   9.006   -19.938 1.00 151.31 ? 19  PHE A CE2 1 
ATOM   151 C CZ  . PHE A 1 19  ? 8.804   10.217  -20.490 1.00 150.93 ? 19  PHE A CZ  1 
ATOM   152 N N   . LYS A 1 20  ? 6.737   11.337  -13.289 1.00 132.05 ? 20  LYS A N   1 
ATOM   153 C CA  . LYS A 1 20  ? 5.937   11.605  -12.081 1.00 122.03 ? 20  LYS A CA  1 
ATOM   154 C C   . LYS A 1 20  ? 4.642   10.788  -12.027 1.00 111.96 ? 20  LYS A C   1 
ATOM   155 O O   . LYS A 1 20  ? 4.589   9.728   -11.397 1.00 110.08 ? 20  LYS A O   1 
ATOM   156 C CB  . LYS A 1 20  ? 5.649   13.119  -11.954 1.00 120.23 ? 20  LYS A CB  1 
ATOM   157 C CG  . LYS A 1 20  ? 4.846   13.550  -10.720 1.00 115.33 ? 20  LYS A CG  1 
ATOM   158 C CD  . LYS A 1 20  ? 5.742   13.803  -9.514  1.00 111.55 ? 20  LYS A CD  1 
ATOM   159 C CE  . LYS A 1 20  ? 5.015   14.534  -8.392  1.00 108.92 ? 20  LYS A CE  1 
ATOM   160 N NZ  . LYS A 1 20  ? 4.129   13.638  -7.604  1.00 106.28 ? 20  LYS A NZ  1 
ATOM   161 N N   . MET A 1 21  ? 3.617   11.289  -12.710 1.00 99.66  ? 21  MET A N   1 
ATOM   162 C CA  . MET A 1 21  ? 2.278   10.722  -12.659 1.00 96.73  ? 21  MET A CA  1 
ATOM   163 C C   . MET A 1 21  ? 2.215   9.271   -13.138 1.00 87.14  ? 21  MET A C   1 
ATOM   164 O O   . MET A 1 21  ? 1.415   8.482   -12.634 1.00 79.25  ? 21  MET A O   1 
ATOM   165 C CB  . MET A 1 21  ? 1.310   11.601  -13.473 1.00 99.21  ? 21  MET A CB  1 
ATOM   166 C CG  . MET A 1 21  ? 1.587   11.677  -14.969 1.00 97.81  ? 21  MET A CG  1 
ATOM   167 S SD  . MET A 1 21  ? 0.765   13.074  -15.755 1.00 102.75 ? 21  MET A SD  1 
ATOM   168 C CE  . MET A 1 21  ? 1.794   14.446  -15.224 1.00 94.14  ? 21  MET A CE  1 
ATOM   169 N N   . LYS A 1 22  ? 3.062   8.921   -14.097 1.00 87.00  ? 22  LYS A N   1 
ATOM   170 C CA  . LYS A 1 22  ? 3.041   7.582   -14.677 1.00 89.30  ? 22  LYS A CA  1 
ATOM   171 C C   . LYS A 1 22  ? 3.307   6.541   -13.585 1.00 87.20  ? 22  LYS A C   1 
ATOM   172 O O   . LYS A 1 22  ? 2.630   5.515   -13.526 1.00 89.36  ? 22  LYS A O   1 
ATOM   173 C CB  . LYS A 1 22  ? 4.050   7.469   -15.830 1.00 92.96  ? 22  LYS A CB  1 
ATOM   174 C CG  . LYS A 1 22  ? 3.475   6.851   -17.099 1.00 98.82  ? 22  LYS A CG  1 
ATOM   175 C CD  . LYS A 1 22  ? 4.296   7.213   -18.332 1.00 102.71 ? 22  LYS A CD  1 
ATOM   176 C CE  . LYS A 1 22  ? 3.563   6.863   -19.621 1.00 104.45 ? 22  LYS A CE  1 
ATOM   177 N NZ  . LYS A 1 22  ? 4.397   7.123   -20.830 1.00 104.32 ? 22  LYS A NZ  1 
ATOM   178 N N   . PHE A 1 23  ? 4.262   6.825   -12.702 1.00 81.29  ? 23  PHE A N   1 
ATOM   179 C CA  . PHE A 1 23  ? 4.522   5.953   -11.553 1.00 79.49  ? 23  PHE A CA  1 
ATOM   180 C C   . PHE A 1 23  ? 3.380   5.981   -10.541 1.00 70.35  ? 23  PHE A C   1 
ATOM   181 O O   . PHE A 1 23  ? 2.756   4.949   -10.271 1.00 67.08  ? 23  PHE A O   1 
ATOM   182 C CB  . PHE A 1 23  ? 5.839   6.337   -10.862 1.00 86.79  ? 23  PHE A CB  1 
ATOM   183 C CG  . PHE A 1 23  ? 6.203   5.453   -9.688  1.00 90.71  ? 23  PHE A CG  1 
ATOM   184 C CD1 . PHE A 1 23  ? 6.168   4.060   -9.800  1.00 91.29  ? 23  PHE A CD1 1 
ATOM   185 C CD2 . PHE A 1 23  ? 6.602   6.016   -8.476  1.00 91.93  ? 23  PHE A CD2 1 
ATOM   186 C CE1 . PHE A 1 23  ? 6.510   3.251   -8.727  1.00 90.84  ? 23  PHE A CE1 1 
ATOM   187 C CE2 . PHE A 1 23  ? 6.943   5.208   -7.398  1.00 94.66  ? 23  PHE A CE2 1 
ATOM   188 C CZ  . PHE A 1 23  ? 6.898   3.824   -7.526  1.00 92.27  ? 23  PHE A CZ  1 
ATOM   189 N N   . LEU A 1 24  ? 3.106   7.159   -9.987  1.00 61.55  ? 24  LEU A N   1 
ATOM   190 C CA  . LEU A 1 24  ? 2.157   7.270   -8.887  1.00 57.05  ? 24  LEU A CA  1 
ATOM   191 C C   . LEU A 1 24  ? 0.815   6.673   -9.199  1.00 54.80  ? 24  LEU A C   1 
ATOM   192 O O   . LEU A 1 24  ? 0.214   6.000   -8.360  1.00 53.41  ? 24  LEU A O   1 
ATOM   193 C CB  . LEU A 1 24  ? 1.931   8.726   -8.493  1.00 58.26  ? 24  LEU A CB  1 
ATOM   194 C CG  . LEU A 1 24  ? 2.907   9.337   -7.506  1.00 60.23  ? 24  LEU A CG  1 
ATOM   195 C CD1 . LEU A 1 24  ? 2.311   10.656  -7.024  1.00 60.30  ? 24  LEU A CD1 1 
ATOM   196 C CD2 . LEU A 1 24  ? 3.185   8.388   -6.348  1.00 56.13  ? 24  LEU A CD2 1 
ATOM   197 N N   . GLU A 1 25  ? 0.333   6.927   -10.408 1.00 57.54  ? 25  GLU A N   1 
ATOM   198 C CA  . GLU A 1 25  ? -1.048  6.605   -10.731 1.00 59.32  ? 25  GLU A CA  1 
ATOM   199 C C   . GLU A 1 25  ? -1.250  5.140   -11.041 1.00 54.88  ? 25  GLU A C   1 
ATOM   200 O O   . GLU A 1 25  ? -2.374  4.664   -11.041 1.00 58.03  ? 25  GLU A O   1 
ATOM   201 C CB  . GLU A 1 25  ? -1.555  7.527   -11.839 1.00 63.67  ? 25  GLU A CB  1 
ATOM   202 C CG  . GLU A 1 25  ? -1.704  8.958   -11.330 1.00 66.10  ? 25  GLU A CG  1 
ATOM   203 C CD  . GLU A 1 25  ? -1.956  9.985   -12.418 1.00 72.19  ? 25  GLU A CD  1 
ATOM   204 O OE1 . GLU A 1 25  ? -1.943  11.193  -12.085 1.00 70.05  ? 25  GLU A OE1 1 
ATOM   205 O OE2 . GLU A 1 25  ? -2.156  9.602   -13.594 1.00 70.80  ? 25  GLU A OE2 1 
ATOM   206 N N   . ARG A 1 26  ? -0.152  4.421   -11.250 1.00 63.00  ? 26  ARG A N   1 
ATOM   207 C CA  . ARG A 1 26  ? -0.172  2.954   -11.301 1.00 66.12  ? 26  ARG A CA  1 
ATOM   208 C C   . ARG A 1 26  ? -0.554  2.325   -9.961  1.00 59.30  ? 26  ARG A C   1 
ATOM   209 O O   . ARG A 1 26  ? -1.342  1.389   -9.936  1.00 58.88  ? 26  ARG A O   1 
ATOM   210 C CB  . ARG A 1 26  ? 1.181   2.394   -11.771 1.00 76.46  ? 26  ARG A CB  1 
ATOM   211 C CG  . ARG A 1 26  ? 1.436   2.542   -13.270 1.00 85.60  ? 26  ARG A CG  1 
ATOM   212 C CD  . ARG A 1 26  ? 2.918   2.398   -13.613 1.00 96.97  ? 26  ARG A CD  1 
ATOM   213 N NE  . ARG A 1 26  ? 3.205   2.697   -15.023 1.00 105.39 ? 26  ARG A NE  1 
ATOM   214 C CZ  . ARG A 1 26  ? 4.426   2.774   -15.562 1.00 108.16 ? 26  ARG A CZ  1 
ATOM   215 N NH1 . ARG A 1 26  ? 4.557   3.053   -16.856 1.00 108.81 ? 26  ARG A NH1 1 
ATOM   216 N NH2 . ARG A 1 26  ? 5.519   2.577   -14.826 1.00 110.09 ? 26  ARG A NH2 1 
ATOM   217 N N   . PHE A 1 27  ? -0.025  2.817   -8.842  1.00 55.78  ? 27  PHE A N   1 
ATOM   218 C CA  . PHE A 1 27  ? -0.374  2.179   -7.549  1.00 53.59  ? 27  PHE A CA  1 
ATOM   219 C C   . PHE A 1 27  ? -1.252  2.975   -6.594  1.00 51.50  ? 27  PHE A C   1 
ATOM   220 O O   . PHE A 1 27  ? -1.865  2.390   -5.684  1.00 53.95  ? 27  PHE A O   1 
ATOM   221 C CB  . PHE A 1 27  ? 0.872   1.627   -6.819  1.00 52.24  ? 27  PHE A CB  1 
ATOM   222 C CG  . PHE A 1 27  ? 1.770   2.675   -6.240  1.00 52.48  ? 27  PHE A CG  1 
ATOM   223 C CD1 . PHE A 1 27  ? 2.691   3.323   -7.032  1.00 50.32  ? 27  PHE A CD1 1 
ATOM   224 C CD2 . PHE A 1 27  ? 1.725   2.978   -4.875  1.00 54.69  ? 27  PHE A CD2 1 
ATOM   225 C CE1 . PHE A 1 27  ? 3.520   4.295   -6.494  1.00 52.29  ? 27  PHE A CE1 1 
ATOM   226 C CE2 . PHE A 1 27  ? 2.565   3.937   -4.330  1.00 51.75  ? 27  PHE A CE2 1 
ATOM   227 C CZ  . PHE A 1 27  ? 3.461   4.600   -5.144  1.00 50.07  ? 27  PHE A CZ  1 
ATOM   228 N N   . LEU A 1 28  ? -1.362  4.286   -6.800  1.00 52.31  ? 28  LEU A N   1 
ATOM   229 C CA  . LEU A 1 28  ? -2.218  5.109   -5.932  1.00 48.52  ? 28  LEU A CA  1 
ATOM   230 C C   . LEU A 1 28  ? -3.422  5.652   -6.681  1.00 48.36  ? 28  LEU A C   1 
ATOM   231 O O   . LEU A 1 28  ? -3.289  6.289   -7.720  1.00 45.58  ? 28  LEU A O   1 
ATOM   232 C CB  . LEU A 1 28  ? -1.408  6.252   -5.299  1.00 47.84  ? 28  LEU A CB  1 
ATOM   233 C CG  . LEU A 1 28  ? -0.303  5.808   -4.326  1.00 46.11  ? 28  LEU A CG  1 
ATOM   234 C CD1 . LEU A 1 28  ? 0.315   7.002   -3.620  1.00 47.03  ? 28  LEU A CD1 1 
ATOM   235 C CD2 . LEU A 1 28  ? -0.846  4.811   -3.307  1.00 42.66  ? 28  LEU A CD2 1 
ATOM   236 N N   . SER A 1 29  ? -4.602  5.392   -6.132  1.00 49.16  ? 29  SER A N   1 
ATOM   237 C CA  . SER A 1 29  ? -5.820  6.088   -6.518  1.00 48.19  ? 29  SER A CA  1 
ATOM   238 C C   . SER A 1 29  ? -5.759  7.549   -6.071  1.00 49.51  ? 29  SER A C   1 
ATOM   239 O O   . SER A 1 29  ? -5.074  7.845   -5.099  1.00 47.81  ? 29  SER A O   1 
ATOM   240 C CB  . SER A 1 29  ? -7.006  5.470   -5.789  1.00 51.86  ? 29  SER A CB  1 
ATOM   241 O OG  . SER A 1 29  ? -6.998  5.912   -4.424  1.00 53.96  ? 29  SER A OG  1 
ATOM   242 N N   . PRO A 1 30  ? -6.540  8.451   -6.723  1.00 49.02  ? 30  PRO A N   1 
ATOM   243 C CA  . PRO A 1 30  ? -6.577  9.887   -6.388  1.00 44.43  ? 30  PRO A CA  1 
ATOM   244 C C   . PRO A 1 30  ? -6.728  10.217  -4.903  1.00 40.72  ? 30  PRO A C   1 
ATOM   245 O O   . PRO A 1 30  ? -6.017  11.083  -4.413  1.00 42.39  ? 30  PRO A O   1 
ATOM   246 C CB  . PRO A 1 30  ? -7.794  10.388  -7.176  1.00 47.71  ? 30  PRO A CB  1 
ATOM   247 C CG  . PRO A 1 30  ? -7.748  9.562   -8.417  1.00 48.85  ? 30  PRO A CG  1 
ATOM   248 C CD  . PRO A 1 30  ? -7.359  8.177   -7.927  1.00 51.36  ? 30  PRO A CD  1 
ATOM   249 N N   . SER A 1 31  ? -7.629  9.532   -4.209  1.00 38.50  ? 31  SER A N   1 
ATOM   250 C CA  . SER A 1 31  ? -7.851  9.766   -2.809  1.00 42.53  ? 31  SER A CA  1 
ATOM   251 C C   . SER A 1 31  ? -6.607  9.377   -1.996  1.00 47.91  ? 31  SER A C   1 
ATOM   252 O O   . SER A 1 31  ? -6.258  10.073  -1.043  1.00 51.77  ? 31  SER A O   1 
ATOM   253 C CB  . SER A 1 31  ? -9.097  9.008   -2.319  1.00 44.91  ? 31  SER A CB  1 
ATOM   254 O OG  . SER A 1 31  ? -8.951  7.606   -2.433  1.00 47.89  ? 31  SER A OG  1 
ATOM   255 N N   . GLU A 1 32  ? -5.922  8.305   -2.406  1.00 46.38  ? 32  GLU A N   1 
ATOM   256 C CA  . GLU A 1 32  ? -4.684  7.870   -1.747  1.00 44.77  ? 32  GLU A CA  1 
ATOM   257 C C   . GLU A 1 32  ? -3.568  8.850   -2.043  1.00 45.46  ? 32  GLU A C   1 
ATOM   258 O O   . GLU A 1 32  ? -2.684  9.090   -1.198  1.00 44.92  ? 32  GLU A O   1 
ATOM   259 C CB  . GLU A 1 32  ? -4.314  6.453   -2.173  1.00 41.87  ? 32  GLU A CB  1 
ATOM   260 C CG  . GLU A 1 32  ? -5.339  5.455   -1.674  1.00 43.60  ? 32  GLU A CG  1 
ATOM   261 C CD  . GLU A 1 32  ? -5.235  4.090   -2.334  1.00 47.63  ? 32  GLU A CD  1 
ATOM   262 O OE1 . GLU A 1 32  ? -4.405  3.928   -3.226  1.00 47.16  ? 32  GLU A OE1 1 
ATOM   263 O OE2 . GLU A 1 32  ? -5.997  3.173   -1.953  1.00 55.93  ? 32  GLU A OE2 1 
ATOM   264 N N   . ILE A 1 33  ? -3.620  9.442   -3.228  1.00 42.66  ? 33  ILE A N   1 
ATOM   265 C CA  . ILE A 1 33  ? -2.687  10.534  -3.578  1.00 45.96  ? 33  ILE A CA  1 
ATOM   266 C C   . ILE A 1 33  ? -2.943  11.770  -2.689  1.00 47.19  ? 33  ILE A C   1 
ATOM   267 O O   . ILE A 1 33  ? -2.018  12.512  -2.354  1.00 44.20  ? 33  ILE A O   1 
ATOM   268 C CB  . ILE A 1 33  ? -2.795  10.920  -5.075  1.00 44.34  ? 33  ILE A CB  1 
ATOM   269 C CG1 . ILE A 1 33  ? -2.311  9.745   -5.951  1.00 47.42  ? 33  ILE A CG1 1 
ATOM   270 C CG2 . ILE A 1 33  ? -1.959  12.139  -5.387  1.00 42.39  ? 33  ILE A CG2 1 
ATOM   271 C CD1 . ILE A 1 33  ? -2.313  10.013  -7.448  1.00 46.90  ? 33  ILE A CD1 1 
ATOM   272 N N   . VAL A 1 34  ? -4.192  11.987  -2.293  1.00 45.31  ? 34  VAL A N   1 
ATOM   273 C CA  . VAL A 1 34  ? -4.474  13.122  -1.441  1.00 47.86  ? 34  VAL A CA  1 
ATOM   274 C C   . VAL A 1 34  ? -3.828  12.841  -0.082  1.00 46.41  ? 34  VAL A C   1 
ATOM   275 O O   . VAL A 1 34  ? -3.073  13.664  0.411   1.00 47.17  ? 34  VAL A O   1 
ATOM   276 C CB  . VAL A 1 34  ? -5.981  13.430  -1.360  1.00 47.13  ? 34  VAL A CB  1 
ATOM   277 C CG1 . VAL A 1 34  ? -6.265  14.457  -0.268  1.00 47.70  ? 34  VAL A CG1 1 
ATOM   278 C CG2 . VAL A 1 34  ? -6.467  13.941  -2.712  1.00 43.99  ? 34  VAL A CG2 1 
ATOM   279 N N   . LEU A 1 35  ? -4.049  11.643  0.451   1.00 46.53  ? 35  LEU A N   1 
ATOM   280 C CA  . LEU A 1 35  ? -3.457  11.222  1.738   1.00 45.65  ? 35  LEU A CA  1 
ATOM   281 C C   . LEU A 1 35  ? -1.937  11.409  1.884   1.00 45.28  ? 35  LEU A C   1 
ATOM   282 O O   . LEU A 1 35  ? -1.483  11.798  2.953   1.00 52.67  ? 35  LEU A O   1 
ATOM   283 C CB  . LEU A 1 35  ? -3.834  9.775   2.044   1.00 42.40  ? 35  LEU A CB  1 
ATOM   284 C CG  . LEU A 1 35  ? -5.340  9.580   2.229   1.00 43.04  ? 35  LEU A CG  1 
ATOM   285 C CD1 . LEU A 1 35  ? -5.658  8.111   2.511   1.00 38.96  ? 35  LEU A CD1 1 
ATOM   286 C CD2 . LEU A 1 35  ? -5.881  10.517  3.320   1.00 39.03  ? 35  LEU A CD2 1 
ATOM   287 N N   . CYS A 1 36  ? -1.165  11.184  0.825   1.00 43.68  ? 36  CYS A N   1 
ATOM   288 C CA  . CYS A 1 36  ? 0.306   11.263  0.903   1.00 43.50  ? 36  CYS A CA  1 
ATOM   289 C C   . CYS A 1 36  ? 0.884   12.637  0.716   1.00 46.81  ? 36  CYS A C   1 
ATOM   290 O O   . CYS A 1 36  ? 2.095   12.841  0.948   1.00 44.67  ? 36  CYS A O   1 
ATOM   291 C CB  . CYS A 1 36  ? 0.961   10.317  -0.119  1.00 44.49  ? 36  CYS A CB  1 
ATOM   292 S SG  . CYS A 1 36  ? 0.405   8.608   0.089   1.00 49.20  ? 36  CYS A SG  1 
ATOM   293 N N   . LYS A 1 37  ? 0.058   13.569  0.228   1.00 49.75  ? 37  LYS A N   1 
ATOM   294 C CA  . LYS A 1 37  ? 0.387   15.003  0.221   1.00 47.39  ? 37  LYS A CA  1 
ATOM   295 C C   . LYS A 1 37  ? 1.690   15.351  -0.465  1.00 48.13  ? 37  LYS A C   1 
ATOM   296 O O   . LYS A 1 37  ? 2.413   16.234  0.007   1.00 52.07  ? 37  LYS A O   1 
ATOM   297 C CB  . LYS A 1 37  ? 0.454   15.533  1.654   1.00 49.25  ? 37  LYS A CB  1 
ATOM   298 C CG  . LYS A 1 37  ? -0.778  15.242  2.495   1.00 57.24  ? 37  LYS A CG  1 
ATOM   299 C CD  . LYS A 1 37  ? -0.632  15.829  3.895   1.00 62.21  ? 37  LYS A CD  1 
ATOM   300 C CE  . LYS A 1 37  ? -1.849  15.537  4.763   1.00 66.88  ? 37  LYS A CE  1 
ATOM   301 N NZ  . LYS A 1 37  ? -1.927  16.438  5.952   1.00 68.91  ? 37  LYS A NZ  1 
ATOM   302 N N   . ASP A 1 38  ? 2.006   14.671  -1.561  1.00 48.84  ? 38  ASP A N   1 
ATOM   303 C CA  . ASP A 1 38  ? 3.318   14.811  -2.221  1.00 53.47  ? 38  ASP A CA  1 
ATOM   304 C C   . ASP A 1 38  ? 4.525   14.290  -1.397  1.00 51.46  ? 38  ASP A C   1 
ATOM   305 O O   . ASP A 1 38  ? 5.659   14.421  -1.850  1.00 47.24  ? 38  ASP A O   1 
ATOM   306 C CB  . ASP A 1 38  ? 3.616   16.280  -2.587  1.00 62.92  ? 38  ASP A CB  1 
ATOM   307 C CG  . ASP A 1 38  ? 2.823   16.782  -3.796  1.00 76.23  ? 38  ASP A CG  1 
ATOM   308 O OD1 . ASP A 1 38  ? 2.813   16.105  -4.857  1.00 82.40  ? 38  ASP A OD1 1 
ATOM   309 O OD2 . ASP A 1 38  ? 2.253   17.892  -3.683  1.00 75.85  ? 38  ASP A OD2 1 
ATOM   310 N N   . LYS A 1 39  ? 4.321   13.749  -0.196  1.00 49.26  ? 39  LYS A N   1 
ATOM   311 C CA  . LYS A 1 39  ? 5.482   13.399  0.641   1.00 54.24  ? 39  LYS A CA  1 
ATOM   312 C C   . LYS A 1 39  ? 6.055   12.047  0.224   1.00 48.55  ? 39  LYS A C   1 
ATOM   313 O O   . LYS A 1 39  ? 5.388   11.022  0.318   1.00 47.81  ? 39  LYS A O   1 
ATOM   314 C CB  . LYS A 1 39  ? 5.131   13.420  2.127   1.00 58.37  ? 39  LYS A CB  1 
ATOM   315 C CG  . LYS A 1 39  ? 4.781   14.819  2.620   1.00 64.64  ? 39  LYS A CG  1 
ATOM   316 C CD  . LYS A 1 39  ? 4.617   14.886  4.133   1.00 71.59  ? 39  LYS A CD  1 
ATOM   317 C CE  . LYS A 1 39  ? 3.273   14.340  4.598   1.00 75.98  ? 39  LYS A CE  1 
ATOM   318 N NZ  . LYS A 1 39  ? 3.043   14.592  6.052   1.00 82.21  ? 39  LYS A NZ  1 
ATOM   319 N N   . SER A 1 40  ? 7.289   12.055  -0.252  1.00 47.31  ? 40  SER A N   1 
ATOM   320 C CA  . SER A 1 40  ? 7.947   10.808  -0.666  1.00 53.39  ? 40  SER A CA  1 
ATOM   321 C C   . SER A 1 40  ? 7.921   9.679   0.388   1.00 47.90  ? 40  SER A C   1 
ATOM   322 O O   . SER A 1 40  ? 7.827   8.513   0.025   1.00 47.08  ? 40  SER A O   1 
ATOM   323 C CB  . SER A 1 40  ? 9.384   11.091  -1.070  1.00 55.52  ? 40  SER A CB  1 
ATOM   324 O OG  . SER A 1 40  ? 10.130  11.475  0.071   1.00 64.42  ? 40  SER A OG  1 
ATOM   325 N N   . SER A 1 41  ? 7.989   10.024  1.675   1.00 45.26  ? 41  SER A N   1 
ATOM   326 C CA  . SER A 1 41  ? 8.035   9.021   2.734   1.00 46.86  ? 41  SER A CA  1 
ATOM   327 C C   . SER A 1 41  ? 6.660   8.368   2.944   1.00 46.73  ? 41  SER A C   1 
ATOM   328 O O   . SER A 1 41  ? 6.570   7.180   3.223   1.00 46.01  ? 41  SER A O   1 
ATOM   329 C CB  . SER A 1 41  ? 8.558   9.646   4.043   1.00 49.39  ? 41  SER A CB  1 
ATOM   330 O OG  . SER A 1 41  ? 7.820   10.822  4.376   1.00 57.60  ? 41  SER A OG  1 
ATOM   331 N N   . SER A 1 42  ? 5.594   9.151   2.798   1.00 46.03  ? 42  SER A N   1 
ATOM   332 C CA  . SER A 1 42  ? 4.222   8.637   2.802   1.00 44.16  ? 42  SER A CA  1 
ATOM   333 C C   . SER A 1 42  ? 3.888   7.811   1.553   1.00 40.68  ? 42  SER A C   1 
ATOM   334 O O   . SER A 1 42  ? 3.077   6.885   1.606   1.00 40.24  ? 42  SER A O   1 
ATOM   335 C CB  . SER A 1 42  ? 3.218   9.796   2.879   1.00 49.46  ? 42  SER A CB  1 
ATOM   336 O OG  . SER A 1 42  ? 3.473   10.647  3.988   1.00 51.96  ? 42  SER A OG  1 
ATOM   337 N N   . ILE A 1 43  ? 4.463   8.179   0.426   1.00 38.43  ? 43  ILE A N   1 
ATOM   338 C CA  . ILE A 1 43  ? 4.250   7.433   -0.806  1.00 42.06  ? 43  ILE A CA  1 
ATOM   339 C C   . ILE A 1 43  ? 4.978   6.072   -0.684  1.00 40.84  ? 43  ILE A C   1 
ATOM   340 O O   . ILE A 1 43  ? 4.367   5.021   -0.815  1.00 42.63  ? 43  ILE A O   1 
ATOM   341 C CB  . ILE A 1 43  ? 4.718   8.246   -2.030  1.00 42.80  ? 43  ILE A CB  1 
ATOM   342 C CG1 . ILE A 1 43  ? 3.817   9.476   -2.219  1.00 44.95  ? 43  ILE A CG1 1 
ATOM   343 C CG2 . ILE A 1 43  ? 4.679   7.397   -3.297  1.00 46.66  ? 43  ILE A CG2 1 
ATOM   344 C CD1 . ILE A 1 43  ? 4.381   10.504  -3.175  1.00 45.49  ? 43  ILE A CD1 1 
ATOM   345 N N   . ALA A 1 44  ? 6.262   6.106   -0.374  1.00 39.01  ? 44  ALA A N   1 
ATOM   346 C CA  . ALA A 1 44  ? 6.997   4.881   0.001   1.00 41.13  ? 44  ALA A CA  1 
ATOM   347 C C   . ALA A 1 44  ? 6.174   3.986   0.930   1.00 40.69  ? 44  ALA A C   1 
ATOM   348 O O   . ALA A 1 44  ? 6.054   2.802   0.673   1.00 40.69  ? 44  ALA A O   1 
ATOM   349 C CB  . ALA A 1 44  ? 8.326   5.238   0.623   1.00 36.55  ? 44  ALA A CB  1 
ATOM   350 N N   . GLY A 1 45  ? 5.525   4.575   1.934   1.00 40.90  ? 45  GLY A N   1 
ATOM   351 C CA  . GLY A 1 45  ? 4.726   3.837   2.901   1.00 38.52  ? 45  GLY A CA  1 
ATOM   352 C C   . GLY A 1 45  ? 3.501   3.139   2.370   1.00 41.74  ? 45  GLY A C   1 
ATOM   353 O O   . GLY A 1 45  ? 3.235   1.985   2.732   1.00 41.90  ? 45  GLY A O   1 
ATOM   354 N N   . PHE A 1 46  ? 2.725   3.831   1.527   1.00 42.09  ? 46  PHE A N   1 
ATOM   355 C CA  . PHE A 1 46  ? 1.556   3.220   0.898   1.00 40.78  ? 46  PHE A CA  1 
ATOM   356 C C   . PHE A 1 46  ? 2.011   2.142   -0.061  1.00 36.62  ? 46  PHE A C   1 
ATOM   357 O O   . PHE A 1 46  ? 1.398   1.097   -0.164  1.00 38.80  ? 46  PHE A O   1 
ATOM   358 C CB  . PHE A 1 46  ? 0.684   4.261   0.159   1.00 44.25  ? 46  PHE A CB  1 
ATOM   359 C CG  . PHE A 1 46  ? -0.131  5.145   1.075   1.00 45.10  ? 46  PHE A CG  1 
ATOM   360 C CD1 . PHE A 1 46  ? 0.179   5.274   2.440   1.00 44.13  ? 46  PHE A CD1 1 
ATOM   361 C CD2 . PHE A 1 46  ? -1.196  5.890   0.564   1.00 48.45  ? 46  PHE A CD2 1 
ATOM   362 C CE1 . PHE A 1 46  ? -0.578  6.093   3.274   1.00 44.53  ? 46  PHE A CE1 1 
ATOM   363 C CE2 . PHE A 1 46  ? -1.947  6.719   1.390   1.00 48.10  ? 46  PHE A CE2 1 
ATOM   364 C CZ  . PHE A 1 46  ? -1.637  6.825   2.746   1.00 49.13  ? 46  PHE A CZ  1 
ATOM   365 N N   . PHE A 1 47  ? 3.090   2.388   -0.762  1.00 36.84  ? 47  PHE A N   1 
ATOM   366 C CA  . PHE A 1 47  ? 3.648   1.366   -1.632  1.00 41.67  ? 47  PHE A CA  1 
ATOM   367 C C   . PHE A 1 47  ? 3.996   0.116   -0.815  1.00 44.23  ? 47  PHE A C   1 
ATOM   368 O O   . PHE A 1 47  ? 3.629   -0.994  -1.185  1.00 43.91  ? 47  PHE A O   1 
ATOM   369 C CB  . PHE A 1 47  ? 4.904   1.891   -2.317  1.00 43.50  ? 47  PHE A CB  1 
ATOM   370 C CG  . PHE A 1 47  ? 5.438   0.968   -3.372  1.00 46.94  ? 47  PHE A CG  1 
ATOM   371 C CD1 . PHE A 1 47  ? 4.951   1.030   -4.676  1.00 46.85  ? 47  PHE A CD1 1 
ATOM   372 C CD2 . PHE A 1 47  ? 6.418   0.020   -3.061  1.00 48.85  ? 47  PHE A CD2 1 
ATOM   373 C CE1 . PHE A 1 47  ? 5.433   0.169   -5.648  1.00 48.34  ? 47  PHE A CE1 1 
ATOM   374 C CE2 . PHE A 1 47  ? 6.908   -0.846  -4.037  1.00 48.69  ? 47  PHE A CE2 1 
ATOM   375 C CZ  . PHE A 1 47  ? 6.417   -0.768  -5.331  1.00 48.36  ? 47  PHE A CZ  1 
ATOM   376 N N   . ALA A 1 48  ? 4.667   0.317   0.324   1.00 43.39  ? 48  ALA A N   1 
ATOM   377 C CA  . ALA A 1 48  ? 5.124   -0.788  1.153   1.00 39.83  ? 48  ALA A CA  1 
ATOM   378 C C   . ALA A 1 48  ? 3.909   -1.537  1.691   1.00 39.76  ? 48  ALA A C   1 
ATOM   379 O O   . ALA A 1 48  ? 3.883   -2.778  1.732   1.00 40.00  ? 48  ALA A O   1 
ATOM   380 C CB  . ALA A 1 48  ? 6.019   -0.273  2.279   1.00 39.37  ? 48  ALA A CB  1 
ATOM   381 N N   . LEU A 1 49  ? 2.872   -0.789  2.041   1.00 36.59  ? 49  LEU A N   1 
ATOM   382 C CA  . LEU A 1 49  ? 1.657   -1.397  2.582   1.00 37.76  ? 49  LEU A CA  1 
ATOM   383 C C   . LEU A 1 49  ? 0.907   -2.222  1.551   1.00 39.93  ? 49  LEU A C   1 
ATOM   384 O O   . LEU A 1 49  ? 0.253   -3.200  1.900   1.00 42.91  ? 49  LEU A O   1 
ATOM   385 C CB  . LEU A 1 49  ? 0.737   -0.305  3.146   1.00 38.10  ? 49  LEU A CB  1 
ATOM   386 C CG  . LEU A 1 49  ? -0.622  -0.722  3.692   1.00 36.73  ? 49  LEU A CG  1 
ATOM   387 C CD1 . LEU A 1 49  ? -0.411  -1.724  4.796   1.00 43.29  ? 49  LEU A CD1 1 
ATOM   388 C CD2 . LEU A 1 49  ? -1.385  0.492   4.207   1.00 40.14  ? 49  LEU A CD2 1 
ATOM   389 N N   . LYS A 1 50  ? 0.956   -1.806  0.288   1.00 41.59  ? 50  LYS A N   1 
ATOM   390 C CA  . LYS A 1 50  ? 0.258   -2.541  -0.756  1.00 41.34  ? 50  LYS A CA  1 
ATOM   391 C C   . LYS A 1 50  ? 1.037   -3.814  -1.087  1.00 40.31  ? 50  LYS A C   1 
ATOM   392 O O   . LYS A 1 50  ? 0.477   -4.889  -1.214  1.00 43.52  ? 50  LYS A O   1 
ATOM   393 C CB  . LYS A 1 50  ? 0.073   -1.661  -1.990  1.00 41.89  ? 50  LYS A CB  1 
ATOM   394 C CG  . LYS A 1 50  ? -0.929  -0.534  -1.767  1.00 43.52  ? 50  LYS A CG  1 
ATOM   395 C CD  . LYS A 1 50  ? -1.590  -0.079  -3.071  1.00 43.05  ? 50  LYS A CD  1 
ATOM   396 C CE  . LYS A 1 50  ? -2.565  1.081   -2.834  1.00 44.41  ? 50  LYS A CE  1 
ATOM   397 N NZ  . LYS A 1 50  ? -3.573  1.262   -3.928  1.00 40.21  ? 50  LYS A NZ  1 
ATOM   398 N N   . GLU A 1 51  ? 2.339   -3.691  -1.227  1.00 41.31  ? 51  GLU A N   1 
ATOM   399 C CA  . GLU A 1 51  ? 3.178   -4.879  -1.331  1.00 44.27  ? 51  GLU A CA  1 
ATOM   400 C C   . GLU A 1 51  ? 2.928   -5.855  -0.180  1.00 43.47  ? 51  GLU A C   1 
ATOM   401 O O   . GLU A 1 51  ? 2.710   -7.034  -0.417  1.00 43.56  ? 51  GLU A O   1 
ATOM   402 C CB  . GLU A 1 51  ? 4.637   -4.483  -1.377  1.00 44.96  ? 51  GLU A CB  1 
ATOM   403 C CG  . GLU A 1 51  ? 5.042   -3.725  -2.627  1.00 48.27  ? 51  GLU A CG  1 
ATOM   404 C CD  . GLU A 1 51  ? 5.008   -4.581  -3.888  1.00 52.98  ? 51  GLU A CD  1 
ATOM   405 O OE1 . GLU A 1 51  ? 5.671   -4.194  -4.876  1.00 54.67  ? 51  GLU A OE1 1 
ATOM   406 O OE2 . GLU A 1 51  ? 4.337   -5.634  -3.891  1.00 52.07  ? 51  GLU A OE2 1 
ATOM   407 N N   . ALA A 1 52  ? 2.884   -5.345  1.055   1.00 44.16  ? 52  ALA A N   1 
ATOM   408 C CA  . ALA A 1 52  ? 2.752   -6.187  2.247   1.00 40.59  ? 52  ALA A CA  1 
ATOM   409 C C   . ALA A 1 52  ? 1.423   -6.913  2.258   1.00 43.71  ? 52  ALA A C   1 
ATOM   410 O O   . ALA A 1 52  ? 1.316   -8.045  2.753   1.00 43.08  ? 52  ALA A O   1 
ATOM   411 C CB  . ALA A 1 52  ? 2.895   -5.340  3.507   1.00 38.36  ? 52  ALA A CB  1 
ATOM   412 N N   . CYS A 1 53  ? 0.396   -6.227  1.759   1.00 45.74  ? 53  CYS A N   1 
ATOM   413 C CA  . CYS A 1 53  ? -0.939  -6.802  1.612   1.00 47.86  ? 53  CYS A CA  1 
ATOM   414 C C   . CYS A 1 53  ? -0.967  -7.948  0.598   1.00 49.08  ? 53  CYS A C   1 
ATOM   415 O O   . CYS A 1 53  ? -1.699  -8.930  0.787   1.00 45.65  ? 53  CYS A O   1 
ATOM   416 C CB  . CYS A 1 53  ? -1.930  -5.741  1.132   1.00 49.67  ? 53  CYS A CB  1 
ATOM   417 S SG  . CYS A 1 53  ? -3.640  -6.307  1.250   1.00 53.90  ? 53  CYS A SG  1 
ATOM   418 N N   . SER A 1 54  ? -0.212  -7.791  -0.489  1.00 47.70  ? 54  SER A N   1 
ATOM   419 C CA  . SER A 1 54  ? -0.190  -8.792  -1.546  1.00 50.38  ? 54  SER A CA  1 
ATOM   420 C C   . SER A 1 54  ? 0.562   -10.031 -1.067  1.00 53.86  ? 54  SER A C   1 
ATOM   421 O O   . SER A 1 54  ? 0.168   -11.143 -1.393  1.00 57.70  ? 54  SER A O   1 
ATOM   422 C CB  . SER A 1 54  ? 0.402   -8.244  -2.839  1.00 49.13  ? 54  SER A CB  1 
ATOM   423 O OG  . SER A 1 54  ? 1.773   -7.847  -2.743  1.00 50.26  ? 54  SER A OG  1 
ATOM   424 N N   . LYS A 1 55  ? 1.605   -9.830  -0.258  1.00 52.12  ? 55  LYS A N   1 
ATOM   425 C CA  . LYS A 1 55  ? 2.347   -10.941 0.348   1.00 47.89  ? 55  LYS A CA  1 
ATOM   426 C C   . LYS A 1 55  ? 1.539   -11.648 1.428   1.00 49.36  ? 55  LYS A C   1 
ATOM   427 O O   . LYS A 1 55  ? 1.673   -12.854 1.614   1.00 49.23  ? 55  LYS A O   1 
ATOM   428 C CB  . LYS A 1 55  ? 3.649   -10.460 0.968   1.00 45.78  ? 55  LYS A CB  1 
ATOM   429 C CG  . LYS A 1 55  ? 4.681   -9.926  0.001   1.00 43.22  ? 55  LYS A CG  1 
ATOM   430 C CD  . LYS A 1 55  ? 5.971   -9.689  0.757   1.00 42.51  ? 55  LYS A CD  1 
ATOM   431 C CE  . LYS A 1 55  ? 7.012   -9.053  -0.120  1.00 42.76  ? 55  LYS A CE  1 
ATOM   432 N NZ  . LYS A 1 55  ? 8.172   -8.693  0.712   1.00 42.04  ? 55  LYS A NZ  1 
ATOM   433 N N   . ALA A 1 56  ? 0.714   -10.897 2.151   1.00 52.36  ? 56  ALA A N   1 
ATOM   434 C CA  . ALA A 1 56  ? -0.087  -11.463 3.232   1.00 50.94  ? 56  ALA A CA  1 
ATOM   435 C C   . ALA A 1 56  ? -1.153  -12.408 2.684   1.00 53.76  ? 56  ALA A C   1 
ATOM   436 O O   . ALA A 1 56  ? -1.500  -13.383 3.343   1.00 56.22  ? 56  ALA A O   1 
ATOM   437 C CB  . ALA A 1 56  ? -0.725  -10.355 4.066   1.00 47.78  ? 56  ALA A CB  1 
ATOM   438 N N   . LEU A 1 57  ? -1.683  -12.082 1.498   1.00 59.85  ? 57  LEU A N   1 
ATOM   439 C CA  . LEU A 1 57  ? -2.647  -12.916 0.756   1.00 57.09  ? 57  LEU A CA  1 
ATOM   440 C C   . LEU A 1 57  ? -1.931  -13.966 -0.122  1.00 61.88  ? 57  LEU A C   1 
ATOM   441 O O   . LEU A 1 57  ? -2.586  -14.751 -0.803  1.00 64.40  ? 57  LEU A O   1 
ATOM   442 C CB  . LEU A 1 57  ? -3.538  -12.045 -0.146  1.00 55.94  ? 57  LEU A CB  1 
ATOM   443 C CG  . LEU A 1 57  ? -4.438  -10.971 0.478   1.00 54.89  ? 57  LEU A CG  1 
ATOM   444 C CD1 . LEU A 1 57  ? -5.026  -10.074 -0.598  1.00 52.65  ? 57  LEU A CD1 1 
ATOM   445 C CD2 . LEU A 1 57  ? -5.548  -11.587 1.313   1.00 59.26  ? 57  LEU A CD2 1 
ATOM   446 N N   . GLN A 1 58  ? -0.598  -13.924 -0.143  1.00 62.80  ? 58  GLN A N   1 
ATOM   447 C CA  . GLN A 1 58  ? 0.266   -14.946 -0.772  1.00 63.70  ? 58  GLN A CA  1 
ATOM   448 C C   . GLN A 1 58  ? 0.250   -14.979 -2.308  1.00 65.37  ? 58  GLN A C   1 
ATOM   449 O O   . GLN A 1 58  ? 0.781   -15.922 -2.935  1.00 57.24  ? 58  GLN A O   1 
ATOM   450 C CB  . GLN A 1 58  ? -0.001  -16.328 -0.163  1.00 65.19  ? 58  GLN A CB  1 
ATOM   451 C CG  . GLN A 1 58  ? 0.161   -16.329 1.355   1.00 69.17  ? 58  GLN A CG  1 
ATOM   452 C CD  . GLN A 1 58  ? 0.684   -17.645 1.895   1.00 77.47  ? 58  GLN A CD  1 
ATOM   453 O OE1 . GLN A 1 58  ? -0.034  -18.644 1.932   1.00 82.47  ? 58  GLN A OE1 1 
ATOM   454 N NE2 . GLN A 1 58  ? 1.942   -17.650 2.330   1.00 80.35  ? 58  GLN A NE2 1 
ATOM   455 N N   . VAL A 1 59  ? -0.281  -13.915 -2.913  1.00 60.63  ? 59  VAL A N   1 
ATOM   456 C CA  . VAL A 1 59  ? -0.310  -13.803 -4.371  1.00 61.18  ? 59  VAL A CA  1 
ATOM   457 C C   . VAL A 1 59  ? 0.719   -12.805 -4.958  1.00 60.72  ? 59  VAL A C   1 
ATOM   458 O O   . VAL A 1 59  ? 1.099   -12.914 -6.130  1.00 59.52  ? 59  VAL A O   1 
ATOM   459 C CB  . VAL A 1 59  ? -1.732  -13.479 -4.864  1.00 62.14  ? 59  VAL A CB  1 
ATOM   460 C CG1 . VAL A 1 59  ? -2.194  -12.114 -4.357  1.00 63.86  ? 59  VAL A CG1 1 
ATOM   461 C CG2 . VAL A 1 59  ? -1.776  -13.535 -6.378  1.00 68.38  ? 59  VAL A CG2 1 
ATOM   462 N N   . GLY A 1 60  ? 1.183   -11.843 -4.161  1.00 60.06  ? 60  GLY A N   1 
ATOM   463 C CA  . GLY A 1 60  ? 1.983   -10.730 -4.704  1.00 58.19  ? 60  GLY A CA  1 
ATOM   464 C C   . GLY A 1 60  ? 1.140   -9.827  -5.611  1.00 58.29  ? 60  GLY A C   1 
ATOM   465 O O   . GLY A 1 60  ? -0.077  -10.008 -5.739  1.00 52.33  ? 60  GLY A O   1 
ATOM   466 N N   . ILE A 1 61  ? 1.771   -8.833  -6.223  1.00 60.30  ? 61  ILE A N   1 
ATOM   467 C CA  . ILE A 1 61  ? 1.062   -7.965  -7.144  1.00 64.64  ? 61  ILE A CA  1 
ATOM   468 C C   . ILE A 1 61  ? 1.231   -8.560  -8.524  1.00 68.10  ? 61  ILE A C   1 
ATOM   469 O O   . ILE A 1 61  ? 2.293   -8.448  -9.123  1.00 66.44  ? 61  ILE A O   1 
ATOM   470 C CB  . ILE A 1 61  ? 1.600   -6.524  -7.135  1.00 61.74  ? 61  ILE A CB  1 
ATOM   471 C CG1 . ILE A 1 61  ? 1.427   -5.892  -5.746  1.00 60.07  ? 61  ILE A CG1 1 
ATOM   472 C CG2 . ILE A 1 61  ? 0.898   -5.697  -8.204  1.00 60.78  ? 61  ILE A CG2 1 
ATOM   473 C CD1 . ILE A 1 61  ? -0.007  -5.679  -5.329  1.00 59.03  ? 61  ILE A CD1 1 
ATOM   474 N N   . GLY A 1 62  ? 0.185   -9.221  -9.005  1.00 77.04  ? 62  GLY A N   1 
ATOM   475 C CA  . GLY A 1 62  ? 0.181   -9.803  -10.345 1.00 82.94  ? 62  GLY A CA  1 
ATOM   476 C C   . GLY A 1 62  ? -1.155  -9.556  -11.007 1.00 82.86  ? 62  GLY A C   1 
ATOM   477 O O   . GLY A 1 62  ? -1.667  -8.438  -10.961 1.00 82.15  ? 62  GLY A O   1 
ATOM   478 N N   . LYS A 1 63  ? -1.725  -10.600 -11.607 1.00 85.30  ? 63  LYS A N   1 
ATOM   479 C CA  . LYS A 1 63  ? -3.046  -10.508 -12.234 1.00 88.67  ? 63  LYS A CA  1 
ATOM   480 C C   . LYS A 1 63  ? -4.154  -11.150 -11.388 1.00 83.39  ? 63  LYS A C   1 
ATOM   481 O O   . LYS A 1 63  ? -5.272  -11.332 -11.865 1.00 88.02  ? 63  LYS A O   1 
ATOM   482 C CB  . LYS A 1 63  ? -3.027  -11.101 -13.654 1.00 94.71  ? 63  LYS A CB  1 
ATOM   483 C CG  . LYS A 1 63  ? -2.813  -10.069 -14.759 1.00 98.36  ? 63  LYS A CG  1 
ATOM   484 C CD  . LYS A 1 63  ? -3.191  -10.612 -16.131 1.00 101.23 ? 63  LYS A CD  1 
ATOM   485 C CE  . LYS A 1 63  ? -2.242  -11.709 -16.607 1.00 103.40 ? 63  LYS A CE  1 
ATOM   486 N NZ  . LYS A 1 63  ? -2.718  -12.373 -17.857 1.00 102.67 ? 63  LYS A NZ  1 
ATOM   487 N N   . GLU A 1 64  ? -3.850  -11.486 -10.137 1.00 78.52  ? 64  GLU A N   1 
ATOM   488 C CA  . GLU A 1 64  ? -4.892  -11.840 -9.157  1.00 76.43  ? 64  GLU A CA  1 
ATOM   489 C C   . GLU A 1 64  ? -5.169  -10.670 -8.198  1.00 68.25  ? 64  GLU A C   1 
ATOM   490 O O   . GLU A 1 64  ? -6.206  -10.624 -7.521  1.00 63.24  ? 64  GLU A O   1 
ATOM   491 C CB  . GLU A 1 64  ? -4.487  -13.087 -8.372  1.00 81.79  ? 64  GLU A CB  1 
ATOM   492 C CG  . GLU A 1 64  ? -4.079  -14.264 -9.253  1.00 87.32  ? 64  GLU A CG  1 
ATOM   493 C CD  . GLU A 1 64  ? -3.561  -15.447 -8.456  1.00 91.37  ? 64  GLU A CD  1 
ATOM   494 O OE1 . GLU A 1 64  ? -2.342  -15.726 -8.547  1.00 94.45  ? 64  GLU A OE1 1 
ATOM   495 O OE2 . GLU A 1 64  ? -4.365  -16.089 -7.738  1.00 90.02  ? 64  GLU A OE2 1 
ATOM   496 N N   . LEU A 1 65  ? -4.229  -9.730  -8.143  1.00 63.04  ? 65  LEU A N   1 
ATOM   497 C CA  . LEU A 1 65  ? -4.343  -8.579  -7.260  1.00 59.42  ? 65  LEU A CA  1 
ATOM   498 C C   . LEU A 1 65  ? -3.509  -7.441  -7.818  1.00 57.80  ? 65  LEU A C   1 
ATOM   499 O O   . LEU A 1 65  ? -2.284  -7.538  -7.935  1.00 57.03  ? 65  LEU A O   1 
ATOM   500 C CB  . LEU A 1 65  ? -3.899  -8.929  -5.844  1.00 56.33  ? 65  LEU A CB  1 
ATOM   501 C CG  . LEU A 1 65  ? -4.217  -7.887  -4.765  1.00 55.74  ? 65  LEU A CG  1 
ATOM   502 C CD1 . LEU A 1 65  ? -5.713  -7.797  -4.499  1.00 51.08  ? 65  LEU A CD1 1 
ATOM   503 C CD2 . LEU A 1 65  ? -3.464  -8.222  -3.488  1.00 55.53  ? 65  LEU A CD2 1 
ATOM   504 N N   . SER A 1 66  ? -4.204  -6.377  -8.202  1.00 56.80  ? 66  SER A N   1 
ATOM   505 C CA  . SER A 1 66  ? -3.571  -5.158  -8.653  1.00 54.66  ? 66  SER A CA  1 
ATOM   506 C C   . SER A 1 66  ? -3.322  -4.256  -7.452  1.00 45.43  ? 66  SER A C   1 
ATOM   507 O O   . SER A 1 66  ? -3.995  -4.363  -6.441  1.00 41.79  ? 66  SER A O   1 
ATOM   508 C CB  . SER A 1 66  ? -4.489  -4.418  -9.635  1.00 56.28  ? 66  SER A CB  1 
ATOM   509 O OG  . SER A 1 66  ? -3.838  -3.257  -10.130 1.00 62.48  ? 66  SER A OG  1 
ATOM   510 N N   . PHE A 1 67  ? -2.355  -3.368  -7.592  1.00 42.96  ? 67  PHE A N   1 
ATOM   511 C CA  . PHE A 1 67  ? -2.191  -2.250  -6.696  1.00 48.66  ? 67  PHE A CA  1 
ATOM   512 C C   . PHE A 1 67  ? -3.519  -1.527  -6.476  1.00 50.14  ? 67  PHE A C   1 
ATOM   513 O O   . PHE A 1 67  ? -3.876  -1.228  -5.344  1.00 53.63  ? 67  PHE A O   1 
ATOM   514 C CB  . PHE A 1 67  ? -1.182  -1.259  -7.283  1.00 51.03  ? 67  PHE A CB  1 
ATOM   515 C CG  . PHE A 1 67  ? 0.260   -1.655  -7.107  1.00 54.57  ? 67  PHE A CG  1 
ATOM   516 C CD1 . PHE A 1 67  ? 0.777   -1.943  -5.834  1.00 57.21  ? 67  PHE A CD1 1 
ATOM   517 C CD2 . PHE A 1 67  ? 1.126   -1.673  -8.191  1.00 56.92  ? 67  PHE A CD2 1 
ATOM   518 C CE1 . PHE A 1 67  ? 2.107   -2.269  -5.668  1.00 54.27  ? 67  PHE A CE1 1 
ATOM   519 C CE2 . PHE A 1 67  ? 2.464   -2.007  -8.026  1.00 54.30  ? 67  PHE A CE2 1 
ATOM   520 C CZ  . PHE A 1 67  ? 2.951   -2.303  -6.763  1.00 56.14  ? 67  PHE A CZ  1 
ATOM   521 N N   . LEU A 1 68  ? -4.273  -1.277  -7.545  1.00 52.19  ? 68  LEU A N   1 
ATOM   522 C CA  . LEU A 1 68  ? -5.519  -0.502  -7.412  1.00 52.36  ? 68  LEU A CA  1 
ATOM   523 C C   . LEU A 1 68  ? -6.681  -1.313  -6.850  1.00 54.43  ? 68  LEU A C   1 
ATOM   524 O O   . LEU A 1 68  ? -7.726  -0.746  -6.512  1.00 55.79  ? 68  LEU A O   1 
ATOM   525 C CB  . LEU A 1 68  ? -5.910  0.145   -8.730  1.00 54.05  ? 68  LEU A CB  1 
ATOM   526 C CG  . LEU A 1 68  ? -4.927  1.222   -9.205  1.00 57.77  ? 68  LEU A CG  1 
ATOM   527 C CD1 . LEU A 1 68  ? -5.288  1.661   -10.622 1.00 56.42  ? 68  LEU A CD1 1 
ATOM   528 C CD2 . LEU A 1 68  ? -4.918  2.412   -8.251  1.00 54.84  ? 68  LEU A CD2 1 
ATOM   529 N N   . ASP A 1 69  ? -6.509  -2.625  -6.701  1.00 52.71  ? 69  ASP A N   1 
ATOM   530 C CA  . ASP A 1 69  ? -7.505  -3.419  -5.962  1.00 55.12  ? 69  ASP A CA  1 
ATOM   531 C C   . ASP A 1 69  ? -7.411  -3.186  -4.446  1.00 54.50  ? 69  ASP A C   1 
ATOM   532 O O   . ASP A 1 69  ? -8.315  -3.587  -3.697  1.00 50.38  ? 69  ASP A O   1 
ATOM   533 C CB  . ASP A 1 69  ? -7.347  -4.908  -6.250  1.00 61.29  ? 69  ASP A CB  1 
ATOM   534 C CG  . ASP A 1 69  ? -7.624  -5.259  -7.704  1.00 66.22  ? 69  ASP A CG  1 
ATOM   535 O OD1 . ASP A 1 69  ? -8.665  -4.808  -8.225  1.00 67.81  ? 69  ASP A OD1 1 
ATOM   536 O OD2 . ASP A 1 69  ? -6.802  -5.990  -8.314  1.00 67.02  ? 69  ASP A OD2 1 
ATOM   537 N N   . ILE A 1 70  ? -6.316  -2.565  -3.993  1.00 48.94  ? 70  ILE A N   1 
ATOM   538 C CA  . ILE A 1 70  ? -6.098  -2.364  -2.569  1.00 47.61  ? 70  ILE A CA  1 
ATOM   539 C C   . ILE A 1 70  ? -6.341  -0.892  -2.266  1.00 47.06  ? 70  ILE A C   1 
ATOM   540 O O   . ILE A 1 70  ? -5.611  -0.014  -2.775  1.00 46.22  ? 70  ILE A O   1 
ATOM   541 C CB  . ILE A 1 70  ? -4.668  -2.747  -2.146  1.00 45.60  ? 70  ILE A CB  1 
ATOM   542 C CG1 . ILE A 1 70  ? -4.336  -4.190  -2.556  1.00 46.66  ? 70  ILE A CG1 1 
ATOM   543 C CG2 . ILE A 1 70  ? -4.504  -2.602  -0.646  1.00 45.50  ? 70  ILE A CG2 1 
ATOM   544 C CD1 . ILE A 1 70  ? -2.867  -4.381  -2.870  1.00 44.20  ? 70  ILE A CD1 1 
ATOM   545 N N   . LYS A 1 71  ? -7.370  -0.624  -1.468  1.00 46.55  ? 71  LYS A N   1 
ATOM   546 C CA  . LYS A 1 71  ? -7.686  0.748   -1.079  1.00 53.98  ? 71  LYS A CA  1 
ATOM   547 C C   . LYS A 1 71  ? -7.169  1.028   0.325   1.00 51.09  ? 71  LYS A C   1 
ATOM   548 O O   . LYS A 1 71  ? -7.592  0.373   1.267   1.00 48.06  ? 71  LYS A O   1 
ATOM   549 C CB  . LYS A 1 71  ? -9.194  0.994   -1.126  1.00 61.72  ? 71  LYS A CB  1 
ATOM   550 C CG  . LYS A 1 71  ? -9.620  2.387   -0.652  1.00 73.19  ? 71  LYS A CG  1 
ATOM   551 C CD  . LYS A 1 71  ? -11.141 2.558   -0.721  1.00 82.31  ? 71  LYS A CD  1 
ATOM   552 C CE  . LYS A 1 71  ? -11.732 3.259   0.501   1.00 83.47  ? 71  LYS A CE  1 
ATOM   553 N NZ  . LYS A 1 71  ? -13.102 2.738   0.799   1.00 83.53  ? 71  LYS A NZ  1 
ATOM   554 N N   . ILE A 1 72  ? -6.258  1.995   0.452   1.00 48.61  ? 72  ILE A N   1 
ATOM   555 C CA  . ILE A 1 72  ? -5.829  2.503   1.755   1.00 49.34  ? 72  ILE A CA  1 
ATOM   556 C C   . ILE A 1 72  ? -6.602  3.791   2.093   1.00 51.61  ? 72  ILE A C   1 
ATOM   557 O O   . ILE A 1 72  ? -6.738  4.667   1.246   1.00 55.35  ? 72  ILE A O   1 
ATOM   558 C CB  . ILE A 1 72  ? -4.324  2.858   1.777   1.00 47.10  ? 72  ILE A CB  1 
ATOM   559 C CG1 . ILE A 1 72  ? -3.454  1.666   1.343   1.00 46.67  ? 72  ILE A CG1 1 
ATOM   560 C CG2 . ILE A 1 72  ? -3.915  3.328   3.179   1.00 44.56  ? 72  ILE A CG2 1 
ATOM   561 C CD1 . ILE A 1 72  ? -2.108  2.104   0.803   1.00 46.78  ? 72  ILE A CD1 1 
ATOM   562 N N   . SER A 1 73  ? -7.092  3.889   3.328   1.00 53.04  ? 73  SER A N   1 
ATOM   563 C CA  . SER A 1 73  ? -7.671  5.113   3.882   1.00 53.80  ? 73  SER A CA  1 
ATOM   564 C C   . SER A 1 73  ? -7.182  5.307   5.317   1.00 56.24  ? 73  SER A C   1 
ATOM   565 O O   . SER A 1 73  ? -6.485  4.447   5.865   1.00 53.84  ? 73  SER A O   1 
ATOM   566 C CB  . SER A 1 73  ? -9.200  5.051   3.861   1.00 54.71  ? 73  SER A CB  1 
ATOM   567 O OG  . SER A 1 73  ? -9.690  3.922   4.571   1.00 58.73  ? 73  SER A OG  1 
ATOM   568 N N   . LYS A 1 74  ? -7.553  6.439   5.916   1.00 55.55  ? 74  LYS A N   1 
ATOM   569 C CA  . LYS A 1 74  ? -7.100  6.812   7.250   1.00 54.81  ? 74  LYS A CA  1 
ATOM   570 C C   . LYS A 1 74  ? -8.259  6.987   8.222   1.00 56.90  ? 74  LYS A C   1 
ATOM   571 O O   . LYS A 1 74  ? -9.303  7.527   7.863   1.00 57.07  ? 74  LYS A O   1 
ATOM   572 C CB  . LYS A 1 74  ? -6.328  8.127   7.201   1.00 54.67  ? 74  LYS A CB  1 
ATOM   573 C CG  . LYS A 1 74  ? -4.998  8.102   6.462   1.00 57.98  ? 74  LYS A CG  1 
ATOM   574 C CD  . LYS A 1 74  ? -4.058  7.000   6.952   1.00 59.70  ? 74  LYS A CD  1 
ATOM   575 C CE  . LYS A 1 74  ? -2.601  7.432   6.937   1.00 61.36  ? 74  LYS A CE  1 
ATOM   576 N NZ  . LYS A 1 74  ? -2.349  8.630   6.084   1.00 67.40  ? 74  LYS A NZ  1 
ATOM   577 N N   . SER A 1 75  ? -8.053  6.546   9.462   1.00 58.71  ? 75  SER A N   1 
ATOM   578 C CA  . SER A 1 75  ? -8.995  6.779   10.543  1.00 56.64  ? 75  SER A CA  1 
ATOM   579 C C   . SER A 1 75  ? -8.938  8.261   10.925  1.00 56.32  ? 75  SER A C   1 
ATOM   580 O O   . SER A 1 75  ? -8.045  8.991   10.474  1.00 55.94  ? 75  SER A O   1 
ATOM   581 C CB  . SER A 1 75  ? -8.643  5.898   11.752  1.00 60.39  ? 75  SER A CB  1 
ATOM   582 O OG  . SER A 1 75  ? -7.581  6.466   12.511  1.00 63.19  ? 75  SER A OG  1 
ATOM   583 N N   . PRO A 1 76  ? -9.881  8.722   11.760  1.00 60.02  ? 76  PRO A N   1 
ATOM   584 C CA  . PRO A 1 76  ? -9.775  10.109  12.255  1.00 63.11  ? 76  PRO A CA  1 
ATOM   585 C C   . PRO A 1 76  ? -8.480  10.383  13.043  1.00 66.16  ? 76  PRO A C   1 
ATOM   586 O O   . PRO A 1 76  ? -7.997  11.517  13.056  1.00 69.26  ? 76  PRO A O   1 
ATOM   587 C CB  . PRO A 1 76  ? -10.998 10.262  13.160  1.00 61.57  ? 76  PRO A CB  1 
ATOM   588 C CG  . PRO A 1 76  ? -11.953 9.205   12.713  1.00 61.28  ? 76  PRO A CG  1 
ATOM   589 C CD  . PRO A 1 76  ? -11.121 8.064   12.202  1.00 60.95  ? 76  PRO A CD  1 
ATOM   590 N N   . LYS A 1 77  ? -7.914  9.350   13.668  1.00 66.97  ? 77  LYS A N   1 
ATOM   591 C CA  . LYS A 1 77  ? -6.638  9.478   14.386  1.00 68.12  ? 77  LYS A CA  1 
ATOM   592 C C   . LYS A 1 77  ? -5.402  9.126   13.532  1.00 66.38  ? 77  LYS A C   1 
ATOM   593 O O   . LYS A 1 77  ? -4.335  8.869   14.083  1.00 67.58  ? 77  LYS A O   1 
ATOM   594 C CB  . LYS A 1 77  ? -6.664  8.600   15.642  1.00 70.26  ? 77  LYS A CB  1 
ATOM   595 C CG  . LYS A 1 77  ? -7.800  8.908   16.602  1.00 75.22  ? 77  LYS A CG  1 
ATOM   596 C CD  . LYS A 1 77  ? -7.999  7.791   17.617  1.00 80.27  ? 77  LYS A CD  1 
ATOM   597 C CE  . LYS A 1 77  ? -9.089  8.139   18.621  1.00 83.59  ? 77  LYS A CE  1 
ATOM   598 N NZ  . LYS A 1 77  ? -10.440 8.234   17.995  1.00 90.13  ? 77  LYS A NZ  1 
ATOM   599 N N   . ASN A 1 78  ? -5.551  9.114   12.205  1.00 62.85  ? 78  ASN A N   1 
ATOM   600 C CA  . ASN A 1 78  ? -4.453  8.860   11.239  1.00 59.06  ? 78  ASN A CA  1 
ATOM   601 C C   . ASN A 1 78  ? -3.912  7.414   11.209  1.00 55.12  ? 78  ASN A C   1 
ATOM   602 O O   . ASN A 1 78  ? -2.787  7.170   10.784  1.00 54.95  ? 78  ASN A O   1 
ATOM   603 C CB  . ASN A 1 78  ? -3.309  9.868   11.424  1.00 61.65  ? 78  ASN A CB  1 
ATOM   604 C CG  . ASN A 1 78  ? -2.388  9.946   10.210  1.00 69.83  ? 78  ASN A CG  1 
ATOM   605 O OD1 . ASN A 1 78  ? -2.811  9.709   9.071   1.00 77.70  ? 78  ASN A OD1 1 
ATOM   606 N ND2 . ASN A 1 78  ? -1.121  10.285  10.446  1.00 69.07  ? 78  ASN A ND2 1 
ATOM   607 N N   . ALA A 1 79  ? -4.732  6.467   11.650  1.00 50.33  ? 79  ALA A N   1 
ATOM   608 C CA  . ALA A 1 79  ? -4.415  5.048   11.593  1.00 50.41  ? 79  ALA A CA  1 
ATOM   609 C C   . ALA A 1 79  ? -4.687  4.520   10.172  1.00 55.48  ? 79  ALA A C   1 
ATOM   610 O O   . ALA A 1 79  ? -5.760  4.786   9.621   1.00 56.48  ? 79  ALA A O   1 
ATOM   611 C CB  . ALA A 1 79  ? -5.286  4.301   12.591  1.00 44.99  ? 79  ALA A CB  1 
ATOM   612 N N   . PRO A 1 80  ? -3.735  3.765   9.578   1.00 54.47  ? 80  PRO A N   1 
ATOM   613 C CA  . PRO A 1 80  ? -3.963  3.242   8.220   1.00 52.04  ? 80  PRO A CA  1 
ATOM   614 C C   . PRO A 1 80  ? -4.996  2.130   8.187   1.00 52.08  ? 80  PRO A C   1 
ATOM   615 O O   . PRO A 1 80  ? -4.927  1.203   8.989   1.00 56.75  ? 80  PRO A O   1 
ATOM   616 C CB  . PRO A 1 80  ? -2.595  2.713   7.799   1.00 52.75  ? 80  PRO A CB  1 
ATOM   617 C CG  . PRO A 1 80  ? -1.868  2.449   9.069   1.00 51.53  ? 80  PRO A CG  1 
ATOM   618 C CD  . PRO A 1 80  ? -2.376  3.460   10.065  1.00 54.11  ? 80  PRO A CD  1 
ATOM   619 N N   . LEU A 1 81  ? -5.968  2.255   7.287   1.00 52.69  ? 81  LEU A N   1 
ATOM   620 C CA  . LEU A 1 81  ? -7.023  1.252   7.118   1.00 53.89  ? 81  LEU A CA  1 
ATOM   621 C C   . LEU A 1 81  ? -6.914  0.749   5.702   1.00 52.48  ? 81  LEU A C   1 
ATOM   622 O O   . LEU A 1 81  ? -6.525  1.489   4.797   1.00 52.35  ? 81  LEU A O   1 
ATOM   623 C CB  . LEU A 1 81  ? -8.415  1.841   7.350   1.00 54.16  ? 81  LEU A CB  1 
ATOM   624 C CG  . LEU A 1 81  ? -8.698  2.467   8.721   1.00 57.27  ? 81  LEU A CG  1 
ATOM   625 C CD1 . LEU A 1 81  ? -10.073 3.133   8.709   1.00 53.69  ? 81  LEU A CD1 1 
ATOM   626 C CD2 . LEU A 1 81  ? -8.596  1.448   9.850   1.00 52.81  ? 81  LEU A CD2 1 
ATOM   627 N N   . ILE A 1 82  ? -7.238  -0.514  5.509   1.00 53.66  ? 82  ILE A N   1 
ATOM   628 C CA  . ILE A 1 82  ? -7.022  -1.150  4.229   1.00 57.21  ? 82  ILE A CA  1 
ATOM   629 C C   . ILE A 1 82  ? -8.259  -1.967  3.910   1.00 59.70  ? 82  ILE A C   1 
ATOM   630 O O   . ILE A 1 82  ? -8.788  -2.677  4.772   1.00 56.67  ? 82  ILE A O   1 
ATOM   631 C CB  . ILE A 1 82  ? -5.729  -1.994  4.258   1.00 60.28  ? 82  ILE A CB  1 
ATOM   632 C CG1 . ILE A 1 82  ? -5.390  -2.531  2.876   1.00 64.47  ? 82  ILE A CG1 1 
ATOM   633 C CG2 . ILE A 1 82  ? -5.845  -3.136  5.250   1.00 62.20  ? 82  ILE A CG2 1 
ATOM   634 C CD1 . ILE A 1 82  ? -4.224  -3.496  2.899   1.00 65.70  ? 82  ILE A CD1 1 
ATOM   635 N N   . THR A 1 83  ? -8.753  -1.811  2.686   1.00 63.57  ? 83  THR A N   1 
ATOM   636 C CA  . THR A 1 83  ? -9.883  -2.594  2.202   1.00 68.45  ? 83  THR A CA  1 
ATOM   637 C C   . THR A 1 83  ? -9.609  -3.055  0.775   1.00 69.64  ? 83  THR A C   1 
ATOM   638 O O   . THR A 1 83  ? -8.918  -2.378  0.009   1.00 63.92  ? 83  THR A O   1 
ATOM   639 C CB  . THR A 1 83  ? -11.190 -1.778  2.235   1.00 74.78  ? 83  THR A CB  1 
ATOM   640 O OG1 . THR A 1 83  ? -10.995 -0.536  1.550   1.00 78.68  ? 83  THR A OG1 1 
ATOM   641 C CG2 . THR A 1 83  ? -11.617 -1.481  3.672   1.00 76.77  ? 83  THR A CG2 1 
ATOM   642 N N   . LEU A 1 84  ? -10.139 -4.223  0.433   1.00 73.66  ? 84  LEU A N   1 
ATOM   643 C CA  . LEU A 1 84  ? -10.095 -4.721  -0.929  1.00 74.53  ? 84  LEU A CA  1 
ATOM   644 C C   . LEU A 1 84  ? -11.450 -4.501  -1.564  1.00 77.36  ? 84  LEU A C   1 
ATOM   645 O O   . LEU A 1 84  ? -12.424 -4.228  -0.861  1.00 75.34  ? 84  LEU A O   1 
ATOM   646 C CB  . LEU A 1 84  ? -9.781  -6.210  -0.937  1.00 75.12  ? 84  LEU A CB  1 
ATOM   647 C CG  . LEU A 1 84  ? -8.389  -6.605  -0.459  1.00 75.25  ? 84  LEU A CG  1 
ATOM   648 C CD1 . LEU A 1 84  ? -8.321  -8.113  -0.326  1.00 75.82  ? 84  LEU A CD1 1 
ATOM   649 C CD2 . LEU A 1 84  ? -7.333  -6.099  -1.424  1.00 73.58  ? 84  LEU A CD2 1 
ATOM   650 N N   . SER A 1 85  ? -11.506 -4.622  -2.889  1.00 81.65  ? 85  SER A N   1 
ATOM   651 C CA  . SER A 1 85  ? -12.778 -4.717  -3.612  1.00 87.69  ? 85  SER A CA  1 
ATOM   652 C C   . SER A 1 85  ? -13.690 -5.746  -2.943  1.00 93.19  ? 85  SER A C   1 
ATOM   653 O O   . SER A 1 85  ? -13.236 -6.824  -2.558  1.00 93.94  ? 85  SER A O   1 
ATOM   654 C CB  . SER A 1 85  ? -12.539 -5.138  -5.063  1.00 86.72  ? 85  SER A CB  1 
ATOM   655 O OG  . SER A 1 85  ? -11.512 -4.362  -5.655  1.00 86.81  ? 85  SER A OG  1 
ATOM   656 N N   . LYS A 1 86  ? -14.971 -5.411  -2.811  1.00 104.05 ? 86  LYS A N   1 
ATOM   657 C CA  . LYS A 1 86  ? -15.965 -6.305  -2.194  1.00 108.94 ? 86  LYS A CA  1 
ATOM   658 C C   . LYS A 1 86  ? -15.978 -7.694  -2.848  1.00 105.50 ? 86  LYS A C   1 
ATOM   659 O O   . LYS A 1 86  ? -16.280 -8.694  -2.192  1.00 102.97 ? 86  LYS A O   1 
ATOM   660 C CB  . LYS A 1 86  ? -17.364 -5.674  -2.263  1.00 113.92 ? 86  LYS A CB  1 
ATOM   661 C CG  . LYS A 1 86  ? -17.527 -4.434  -1.389  1.00 117.81 ? 86  LYS A CG  1 
ATOM   662 C CD  . LYS A 1 86  ? -18.530 -3.445  -1.964  1.00 119.26 ? 86  LYS A CD  1 
ATOM   663 C CE  . LYS A 1 86  ? -18.564 -2.160  -1.151  1.00 121.17 ? 86  LYS A CE  1 
ATOM   664 N NZ  . LYS A 1 86  ? -19.471 -1.134  -1.737  1.00 123.59 ? 86  LYS A NZ  1 
ATOM   665 N N   . GLU A 1 87  ? -15.649 -7.737  -4.139  1.00 103.27 ? 87  GLU A N   1 
ATOM   666 C CA  . GLU A 1 87  ? -15.489 -8.991  -4.867  1.00 104.71 ? 87  GLU A CA  1 
ATOM   667 C C   . GLU A 1 87  ? -14.217 -9.705  -4.418  1.00 99.93  ? 87  GLU A C   1 
ATOM   668 O O   . GLU A 1 87  ? -14.279 -10.834 -3.923  1.00 96.73  ? 87  GLU A O   1 
ATOM   669 C CB  . GLU A 1 87  ? -15.443 -8.746  -6.382  1.00 113.42 ? 87  GLU A CB  1 
ATOM   670 C CG  . GLU A 1 87  ? -16.810 -8.530  -7.032  1.00 121.76 ? 87  GLU A CG  1 
ATOM   671 C CD  . GLU A 1 87  ? -17.438 -7.176  -6.719  1.00 126.30 ? 87  GLU A CD  1 
ATOM   672 O OE1 . GLU A 1 87  ? -16.691 -6.205  -6.444  1.00 128.65 ? 87  GLU A OE1 1 
ATOM   673 O OE2 . GLU A 1 87  ? -18.687 -7.082  -6.759  1.00 123.75 ? 87  GLU A OE2 1 
ATOM   674 N N   . LYS A 1 88  ? -13.076 -9.033  -4.584  1.00 94.87  ? 88  LYS A N   1 
ATOM   675 C CA  . LYS A 1 88  ? -11.763 -9.555  -4.160  1.00 88.80  ? 88  LYS A CA  1 
ATOM   676 C C   . LYS A 1 88  ? -11.760 -10.009 -2.701  1.00 87.21  ? 88  LYS A C   1 
ATOM   677 O O   . LYS A 1 88  ? -11.106 -10.995 -2.348  1.00 80.41  ? 88  LYS A O   1 
ATOM   678 C CB  . LYS A 1 88  ? -10.676 -8.500  -4.353  1.00 88.84  ? 88  LYS A CB  1 
ATOM   679 C CG  . LYS A 1 88  ? -10.379 -8.151  -5.801  1.00 87.88  ? 88  LYS A CG  1 
ATOM   680 C CD  . LYS A 1 88  ? -9.593  -9.250  -6.488  1.00 88.48  ? 88  LYS A CD  1 
ATOM   681 C CE  . LYS A 1 88  ? -9.361  -8.922  -7.953  1.00 90.30  ? 88  LYS A CE  1 
ATOM   682 N NZ  . LYS A 1 88  ? -8.605  -10.002 -8.642  1.00 88.32  ? 88  LYS A NZ  1 
ATOM   683 N N   . MET A 1 89  ? -12.502 -9.285  -1.867  1.00 87.77  ? 89  MET A N   1 
ATOM   684 C CA  . MET A 1 89  ? -12.678 -9.636  -0.461  1.00 94.10  ? 89  MET A CA  1 
ATOM   685 C C   . MET A 1 89  ? -13.310 -11.024 -0.310  1.00 99.87  ? 89  MET A C   1 
ATOM   686 O O   . MET A 1 89  ? -12.976 -11.765 0.619   1.00 101.60 ? 89  MET A O   1 
ATOM   687 C CB  . MET A 1 89  ? -13.531 -8.566  0.235   1.00 96.37  ? 89  MET A CB  1 
ATOM   688 C CG  . MET A 1 89  ? -13.555 -8.657  1.752   1.00 101.49 ? 89  MET A CG  1 
ATOM   689 S SD  . MET A 1 89  ? -13.295 -7.061  2.559   1.00 109.22 ? 89  MET A SD  1 
ATOM   690 C CE  . MET A 1 89  ? -11.523 -6.871  2.385   1.00 105.87 ? 89  MET A CE  1 
ATOM   691 N N   . ASP A 1 90  ? -14.214 -11.368 -1.230  1.00 105.73 ? 90  ASP A N   1 
ATOM   692 C CA  . ASP A 1 90  ? -14.821 -12.703 -1.277  1.00 105.53 ? 90  ASP A CA  1 
ATOM   693 C C   . ASP A 1 90  ? -13.945 -13.722 -2.001  1.00 99.30  ? 90  ASP A C   1 
ATOM   694 O O   . ASP A 1 90  ? -13.797 -14.847 -1.523  1.00 100.11 ? 90  ASP A O   1 
ATOM   695 C CB  . ASP A 1 90  ? -16.210 -12.655 -1.928  1.00 111.84 ? 90  ASP A CB  1 
ATOM   696 C CG  . ASP A 1 90  ? -17.328 -12.500 -0.911  1.00 117.98 ? 90  ASP A CG  1 
ATOM   697 O OD1 . ASP A 1 90  ? -17.057 -12.057 0.229   1.00 117.57 ? 90  ASP A OD1 1 
ATOM   698 O OD2 . ASP A 1 90  ? -18.482 -12.827 -1.259  1.00 122.77 ? 90  ASP A OD2 1 
ATOM   699 N N   . TYR A 1 91  ? -13.367 -13.336 -3.139  1.00 92.60  ? 91  TYR A N   1 
ATOM   700 C CA  . TYR A 1 91  ? -12.485 -14.235 -3.895  1.00 87.82  ? 91  TYR A CA  1 
ATOM   701 C C   . TYR A 1 91  ? -11.325 -14.765 -3.053  1.00 87.96  ? 91  TYR A C   1 
ATOM   702 O O   . TYR A 1 91  ? -10.949 -15.932 -3.180  1.00 85.63  ? 91  TYR A O   1 
ATOM   703 C CB  . TYR A 1 91  ? -11.928 -13.549 -5.141  1.00 90.85  ? 91  TYR A CB  1 
ATOM   704 C CG  . TYR A 1 91  ? -10.835 -14.357 -5.807  1.00 96.40  ? 91  TYR A CG  1 
ATOM   705 C CD1 . TYR A 1 91  ? -11.126 -15.550 -6.457  1.00 100.95 ? 91  TYR A CD1 1 
ATOM   706 C CD2 . TYR A 1 91  ? -9.507  -13.942 -5.763  1.00 100.58 ? 91  TYR A CD2 1 
ATOM   707 C CE1 . TYR A 1 91  ? -10.129 -16.304 -7.060  1.00 101.40 ? 91  TYR A CE1 1 
ATOM   708 C CE2 . TYR A 1 91  ? -8.502  -14.686 -6.366  1.00 102.87 ? 91  TYR A CE2 1 
ATOM   709 C CZ  . TYR A 1 91  ? -8.819  -15.867 -7.010  1.00 101.91 ? 91  TYR A CZ  1 
ATOM   710 O OH  . TYR A 1 91  ? -7.826  -16.609 -7.604  1.00 99.42  ? 91  TYR A OH  1 
ATOM   711 N N   . PHE A 1 92  ? -10.755 -13.902 -2.210  1.00 85.62  ? 92  PHE A N   1 
ATOM   712 C CA  . PHE A 1 92  ? -9.687  -14.299 -1.281  1.00 80.90  ? 92  PHE A CA  1 
ATOM   713 C C   . PHE A 1 92  ? -10.253 -14.792 0.048   1.00 83.27  ? 92  PHE A C   1 
ATOM   714 O O   . PHE A 1 92  ? -9.519  -15.354 0.862   1.00 85.28  ? 92  PHE A O   1 
ATOM   715 C CB  . PHE A 1 92  ? -8.700  -13.143 -1.046  1.00 73.45  ? 92  PHE A CB  1 
ATOM   716 C CG  . PHE A 1 92  ? -7.767  -12.897 -2.204  1.00 66.17  ? 92  PHE A CG  1 
ATOM   717 C CD1 . PHE A 1 92  ? -7.912  -11.783 -3.013  1.00 64.57  ? 92  PHE A CD1 1 
ATOM   718 C CD2 . PHE A 1 92  ? -6.747  -13.787 -2.486  1.00 62.46  ? 92  PHE A CD2 1 
ATOM   719 C CE1 . PHE A 1 92  ? -7.060  -11.562 -4.083  1.00 64.03  ? 92  PHE A CE1 1 
ATOM   720 C CE2 . PHE A 1 92  ? -5.886  -13.570 -3.552  1.00 61.68  ? 92  PHE A CE2 1 
ATOM   721 C CZ  . PHE A 1 92  ? -6.044  -12.456 -4.353  1.00 61.52  ? 92  PHE A CZ  1 
ATOM   722 N N   . ASN A 1 93  ? -11.550 -14.566 0.262   1.00 88.75  ? 93  ASN A N   1 
ATOM   723 C CA  . ASN A 1 93  ? -12.263 -15.048 1.450   1.00 93.01  ? 93  ASN A CA  1 
ATOM   724 C C   . ASN A 1 93  ? -11.743 -14.399 2.741   1.00 90.57  ? 93  ASN A C   1 
ATOM   725 O O   . ASN A 1 93  ? -11.296 -15.086 3.666   1.00 93.08  ? 93  ASN A O   1 
ATOM   726 C CB  . ASN A 1 93  ? -12.198 -16.585 1.519   1.00 98.71  ? 93  ASN A CB  1 
ATOM   727 C CG  . ASN A 1 93  ? -13.312 -17.193 2.362   1.00 100.90 ? 93  ASN A CG  1 
ATOM   728 O OD1 . ASN A 1 93  ? -13.899 -16.533 3.226   1.00 101.35 ? 93  ASN A OD1 1 
ATOM   729 N ND2 . ASN A 1 93  ? -13.604 -18.466 2.114   1.00 103.39 ? 93  ASN A ND2 1 
ATOM   730 N N   . ILE A 1 94  ? -11.828 -13.071 2.796   1.00 89.50  ? 94  ILE A N   1 
ATOM   731 C CA  . ILE A 1 94  ? -11.238 -12.288 3.883   1.00 87.41  ? 94  ILE A CA  1 
ATOM   732 C C   . ILE A 1 94  ? -12.291 -11.807 4.868   1.00 86.23  ? 94  ILE A C   1 
ATOM   733 O O   . ILE A 1 94  ? -13.316 -11.262 4.474   1.00 84.60  ? 94  ILE A O   1 
ATOM   734 C CB  . ILE A 1 94  ? -10.493 -11.044 3.342   1.00 88.99  ? 94  ILE A CB  1 
ATOM   735 C CG1 . ILE A 1 94  ? -9.481  -11.432 2.255   1.00 89.79  ? 94  ILE A CG1 1 
ATOM   736 C CG2 . ILE A 1 94  ? -9.812  -10.283 4.473   1.00 86.92  ? 94  ILE A CG2 1 
ATOM   737 C CD1 . ILE A 1 94  ? -8.586  -12.602 2.620   1.00 89.68  ? 94  ILE A CD1 1 
ATOM   738 N N   . GLN A 1 95  ? -12.018 -11.997 6.153   1.00 93.19  ? 95  GLN A N   1 
ATOM   739 C CA  . GLN A 1 95  ? -12.882 -11.493 7.215   1.00 97.60  ? 95  GLN A CA  1 
ATOM   740 C C   . GLN A 1 95  ? -12.483 -10.058 7.566   1.00 98.94  ? 95  GLN A C   1 
ATOM   741 O O   . GLN A 1 95  ? -13.340 -9.177  7.683   1.00 101.58 ? 95  GLN A O   1 
ATOM   742 C CB  . GLN A 1 95  ? -12.781 -12.391 8.453   1.00 102.20 ? 95  GLN A CB  1 
ATOM   743 C CG  . GLN A 1 95  ? -13.222 -13.832 8.213   1.00 106.09 ? 95  GLN A CG  1 
ATOM   744 C CD  . GLN A 1 95  ? -12.236 -14.853 8.763   1.00 107.59 ? 95  GLN A CD  1 
ATOM   745 O OE1 . GLN A 1 95  ? -11.757 -14.734 9.892   1.00 109.10 ? 95  GLN A OE1 1 
ATOM   746 N NE2 . GLN A 1 95  ? -11.927 -15.864 7.958   1.00 106.85 ? 95  GLN A NE2 1 
ATOM   747 N N   . SER A 1 96  ? -11.179 -9.830  7.717   1.00 94.22  ? 96  SER A N   1 
ATOM   748 C CA  . SER A 1 96  ? -10.658 -8.527  8.132   1.00 84.86  ? 96  SER A CA  1 
ATOM   749 C C   . SER A 1 96  ? -9.174  -8.378  7.798   1.00 77.05  ? 96  SER A C   1 
ATOM   750 O O   . SER A 1 96  ? -8.420  -9.356  7.836   1.00 73.06  ? 96  SER A O   1 
ATOM   751 C CB  . SER A 1 96  ? -10.869 -8.338  9.637   1.00 84.66  ? 96  SER A CB  1 
ATOM   752 O OG  . SER A 1 96  ? -10.315 -9.423  10.361  1.00 85.55  ? 96  SER A OG  1 
ATOM   753 N N   . LEU A 1 97  ? -8.779  -7.151  7.459   1.00 67.82  ? 97  LEU A N   1 
ATOM   754 C CA  . LEU A 1 97  ? -7.386  -6.787  7.204   1.00 62.94  ? 97  LEU A CA  1 
ATOM   755 C C   . LEU A 1 97  ? -6.923  -5.786  8.253   1.00 58.97  ? 97  LEU A C   1 
ATOM   756 O O   . LEU A 1 97  ? -7.622  -4.820  8.542   1.00 60.79  ? 97  LEU A O   1 
ATOM   757 C CB  . LEU A 1 97  ? -7.242  -6.170  5.817   1.00 60.79  ? 97  LEU A CB  1 
ATOM   758 C CG  . LEU A 1 97  ? -7.461  -7.124  4.649   1.00 62.45  ? 97  LEU A CG  1 
ATOM   759 C CD1 . LEU A 1 97  ? -7.658  -6.366  3.348   1.00 66.15  ? 97  LEU A CD1 1 
ATOM   760 C CD2 . LEU A 1 97  ? -6.287  -8.086  4.539   1.00 66.07  ? 97  LEU A CD2 1 
ATOM   761 N N   . SER A 1 98  ? -5.756  -6.034  8.843   1.00 55.54  ? 98  SER A N   1 
ATOM   762 C CA  . SER A 1 98  ? -5.167  -5.119  9.828   1.00 51.12  ? 98  SER A CA  1 
ATOM   763 C C   . SER A 1 98  ? -3.792  -4.677  9.321   1.00 47.97  ? 98  SER A C   1 
ATOM   764 O O   . SER A 1 98  ? -2.997  -5.512  8.892   1.00 50.28  ? 98  SER A O   1 
ATOM   765 C CB  . SER A 1 98  ? -5.054  -5.820  11.186  1.00 53.99  ? 98  SER A CB  1 
ATOM   766 O OG  . SER A 1 98  ? -4.529  -4.957  12.181  1.00 53.15  ? 98  SER A OG  1 
ATOM   767 N N   . ALA A 1 99  ? -3.517  -3.375  9.356   1.00 42.65  ? 99  ALA A N   1 
ATOM   768 C CA  . ALA A 1 99  ? -2.317  -2.819  8.731   1.00 40.37  ? 99  ALA A CA  1 
ATOM   769 C C   . ALA A 1 99  ? -1.559  -1.867  9.647   1.00 38.94  ? 99  ALA A C   1 
ATOM   770 O O   . ALA A 1 99  ? -2.120  -1.379  10.625  1.00 40.38  ? 99  ALA A O   1 
ATOM   771 C CB  . ALA A 1 99  ? -2.699  -2.097  7.450   1.00 42.93  ? 99  ALA A CB  1 
ATOM   772 N N   . SER A 1 100 ? -0.277  -1.621  9.336   1.00 35.36  ? 100 SER A N   1 
ATOM   773 C CA  . SER A 1 100 ? 0.495   -0.597  10.024  1.00 33.87  ? 100 SER A CA  1 
ATOM   774 C C   . SER A 1 100 ? 1.677   -0.175  9.185   1.00 33.45  ? 100 SER A C   1 
ATOM   775 O O   . SER A 1 100 ? 2.234   -0.975  8.456   1.00 37.66  ? 100 SER A O   1 
ATOM   776 C CB  . SER A 1 100 ? 0.980   -1.126  11.389  1.00 38.39  ? 100 SER A CB  1 
ATOM   777 O OG  . SER A 1 100 ? 1.661   -0.126  12.127  1.00 39.15  ? 100 SER A OG  1 
ATOM   778 N N   . ILE A 1 101 ? 2.090   1.079   9.327   1.00 33.53  ? 101 ILE A N   1 
ATOM   779 C CA  . ILE A 1 101 ? 3.211   1.644   8.611   1.00 32.35  ? 101 ILE A CA  1 
ATOM   780 C C   . ILE A 1 101 ? 4.147   2.400   9.539   1.00 34.20  ? 101 ILE A C   1 
ATOM   781 O O   . ILE A 1 101 ? 3.721   2.987   10.529  1.00 39.89  ? 101 ILE A O   1 
ATOM   782 C CB  . ILE A 1 101 ? 2.742   2.694   7.578   1.00 33.49  ? 101 ILE A CB  1 
ATOM   783 C CG1 . ILE A 1 101 ? 1.867   2.053   6.507   1.00 36.52  ? 101 ILE A CG1 1 
ATOM   784 C CG2 . ILE A 1 101 ? 3.947   3.367   6.919   1.00 31.63  ? 101 ILE A CG2 1 
ATOM   785 C CD1 . ILE A 1 101 ? 1.039   3.078   5.742   1.00 38.95  ? 101 ILE A CD1 1 
ATOM   786 N N   . SER A 1 102 ? 5.414   2.468   9.158   1.00 35.22  ? 102 SER A N   1 
ATOM   787 C CA  . SER A 1 102 ? 6.364   3.316   9.834   1.00 36.28  ? 102 SER A CA  1 
ATOM   788 C C   . SER A 1 102 ? 7.464   3.674   8.864   1.00 36.65  ? 102 SER A C   1 
ATOM   789 O O   . SER A 1 102 ? 7.735   2.939   7.912   1.00 38.23  ? 102 SER A O   1 
ATOM   790 C CB  . SER A 1 102 ? 6.967   2.549   11.039  1.00 41.11  ? 102 SER A CB  1 
ATOM   791 O OG  . SER A 1 102 ? 8.186   3.154   11.501  1.00 41.14  ? 102 SER A OG  1 
ATOM   792 N N   . HIS A 1 103 ? 8.107   4.800   9.118   1.00 42.24  ? 103 HIS A N   1 
ATOM   793 C CA  . HIS A 1 103 ? 9.291   5.216   8.366   1.00 46.97  ? 103 HIS A CA  1 
ATOM   794 C C   . HIS A 1 103 ? 10.254  5.929   9.251   1.00 48.36  ? 103 HIS A C   1 
ATOM   795 O O   . HIS A 1 103 ? 9.862   6.659   10.148  1.00 49.58  ? 103 HIS A O   1 
ATOM   796 C CB  . HIS A 1 103 ? 8.946   6.118   7.181   1.00 53.17  ? 103 HIS A CB  1 
ATOM   797 C CG  . HIS A 1 103 ? 7.636   6.843   7.312   1.00 56.30  ? 103 HIS A CG  1 
ATOM   798 N ND1 . HIS A 1 103 ? 7.494   7.948   8.067   1.00 63.01  ? 103 HIS A ND1 1 
ATOM   799 C CD2 . HIS A 1 103 ? 6.382   6.591   6.726   1.00 61.33  ? 103 HIS A CD2 1 
ATOM   800 C CE1 . HIS A 1 103 ? 6.210   8.381   7.984   1.00 69.37  ? 103 HIS A CE1 1 
ATOM   801 N NE2 . HIS A 1 103 ? 5.533   7.544   7.160   1.00 64.43  ? 103 HIS A NE2 1 
ATOM   802 N N   . ASP A 1 104 ? 11.531  5.702   9.003   1.00 52.28  ? 104 ASP A N   1 
ATOM   803 C CA  . ASP A 1 104 ? 12.581  6.483   9.601   1.00 54.03  ? 104 ASP A CA  1 
ATOM   804 C C   . ASP A 1 104 ? 13.850  6.230   8.810   1.00 56.58  ? 104 ASP A C   1 
ATOM   805 O O   . ASP A 1 104 ? 14.069  5.122   8.291   1.00 56.29  ? 104 ASP A O   1 
ATOM   806 C CB  . ASP A 1 104 ? 12.788  6.102   11.079  1.00 60.83  ? 104 ASP A CB  1 
ATOM   807 C CG  . ASP A 1 104 ? 13.372  7.247   11.922  1.00 62.01  ? 104 ASP A CG  1 
ATOM   808 O OD1 . ASP A 1 104 ? 13.799  8.284   11.359  1.00 63.66  ? 104 ASP A OD1 1 
ATOM   809 O OD2 . ASP A 1 104 ? 13.408  7.099   13.165  1.00 61.10  ? 104 ASP A OD2 1 
ATOM   810 N N   . ALA A 1 105 ? 14.653  7.285   8.686   1.00 58.57  ? 105 ALA A N   1 
ATOM   811 C CA  . ALA A 1 105 ? 16.013  7.203   8.172   1.00 55.96  ? 105 ALA A CA  1 
ATOM   812 C C   . ALA A 1 105 ? 16.085  6.515   6.833   1.00 55.30  ? 105 ALA A C   1 
ATOM   813 O O   . ALA A 1 105 ? 16.830  5.550   6.675   1.00 61.49  ? 105 ALA A O   1 
ATOM   814 C CB  . ALA A 1 105 ? 16.902  6.476   9.179   1.00 60.19  ? 105 ALA A CB  1 
ATOM   815 N N   . GLY A 1 106 ? 15.321  6.998   5.860   1.00 50.32  ? 106 GLY A N   1 
ATOM   816 C CA  . GLY A 1 106 ? 15.457  6.496   4.497   1.00 46.25  ? 106 GLY A CA  1 
ATOM   817 C C   . GLY A 1 106 ? 14.641  5.262   4.170   1.00 45.06  ? 106 GLY A C   1 
ATOM   818 O O   . GLY A 1 106 ? 14.616  4.830   3.015   1.00 47.57  ? 106 GLY A O   1 
ATOM   819 N N   . PHE A 1 107 ? 13.922  4.727   5.154   1.00 46.05  ? 107 PHE A N   1 
ATOM   820 C CA  . PHE A 1 107 ? 13.155  3.501   4.961   1.00 48.74  ? 107 PHE A CA  1 
ATOM   821 C C   . PHE A 1 107 ? 11.733  3.611   5.402   1.00 43.58  ? 107 PHE A C   1 
ATOM   822 O O   . PHE A 1 107 ? 11.447  4.192   6.444   1.00 47.19  ? 107 PHE A O   1 
ATOM   823 C CB  . PHE A 1 107 ? 13.772  2.345   5.756   1.00 54.57  ? 107 PHE A CB  1 
ATOM   824 C CG  . PHE A 1 107 ? 14.987  1.777   5.123   1.00 60.63  ? 107 PHE A CG  1 
ATOM   825 C CD1 . PHE A 1 107 ? 14.874  0.914   4.042   1.00 66.79  ? 107 PHE A CD1 1 
ATOM   826 C CD2 . PHE A 1 107 ? 16.251  2.114   5.590   1.00 68.89  ? 107 PHE A CD2 1 
ATOM   827 C CE1 . PHE A 1 107 ? 16.012  0.384   3.444   1.00 72.02  ? 107 PHE A CE1 1 
ATOM   828 C CE2 . PHE A 1 107 ? 17.392  1.593   4.996   1.00 72.22  ? 107 PHE A CE2 1 
ATOM   829 C CZ  . PHE A 1 107 ? 17.271  0.730   3.921   1.00 71.16  ? 107 PHE A CZ  1 
ATOM   830 N N   . ALA A 1 108 ? 10.857  2.993   4.622   1.00 39.24  ? 108 ALA A N   1 
ATOM   831 C CA  . ALA A 1 108 ? 9.469   2.785   5.009   1.00 39.64  ? 108 ALA A CA  1 
ATOM   832 C C   . ALA A 1 108 ? 9.249   1.301   5.133   1.00 36.43  ? 108 ALA A C   1 
ATOM   833 O O   . ALA A 1 108 ? 9.775   0.540   4.331   1.00 37.50  ? 108 ALA A O   1 
ATOM   834 C CB  . ALA A 1 108 ? 8.512   3.353   3.946   1.00 36.84  ? 108 ALA A CB  1 
ATOM   835 N N   . ILE A 1 109 ? 8.421   0.894   6.088   1.00 36.16  ? 109 ILE A N   1 
ATOM   836 C CA  . ILE A 1 109 ? 8.005   -0.481  6.169   1.00 36.97  ? 109 ILE A CA  1 
ATOM   837 C C   . ILE A 1 109 ? 6.578   -0.571  6.579   1.00 35.02  ? 109 ILE A C   1 
ATOM   838 O O   . ILE A 1 109 ? 6.064   0.310   7.270   1.00 37.67  ? 109 ILE A O   1 
ATOM   839 C CB  . ILE A 1 109 ? 8.827   -1.294  7.207   1.00 43.89  ? 109 ILE A CB  1 
ATOM   840 C CG1 . ILE A 1 109 ? 8.756   -0.672  8.586   1.00 45.23  ? 109 ILE A CG1 1 
ATOM   841 C CG2 . ILE A 1 109 ? 10.287  -1.338  6.799   1.00 47.29  ? 109 ILE A CG2 1 
ATOM   842 C CD1 . ILE A 1 109 ? 9.427   -1.539  9.631   1.00 56.24  ? 109 ILE A CD1 1 
ATOM   843 N N   . ALA A 1 110 ? 5.962   -1.682  6.197   1.00 32.67  ? 110 ALA A N   1 
ATOM   844 C CA  . ALA A 1 110 ? 4.556   -1.920  6.429   1.00 31.79  ? 110 ALA A CA  1 
ATOM   845 C C   . ALA A 1 110 ? 4.366   -3.392  6.662   1.00 30.06  ? 110 ALA A C   1 
ATOM   846 O O   . ALA A 1 110 ? 5.129   -4.210  6.161   1.00 32.53  ? 110 ALA A O   1 
ATOM   847 C CB  . ALA A 1 110 ? 3.742   -1.489  5.192   1.00 31.16  ? 110 ALA A CB  1 
ATOM   848 N N   . VAL A 1 111 ? 3.279   -3.714  7.335   1.00 32.89  ? 111 VAL A N   1 
ATOM   849 C CA  . VAL A 1 111 ? 2.915   -5.083  7.654   1.00 34.79  ? 111 VAL A CA  1 
ATOM   850 C C   . VAL A 1 111 ? 1.403   -5.173  7.629   1.00 35.27  ? 111 VAL A C   1 
ATOM   851 O O   . VAL A 1 111 ? 0.709   -4.209  7.950   1.00 37.03  ? 111 VAL A O   1 
ATOM   852 C CB  . VAL A 1 111 ? 3.417   -5.488  9.070   1.00 36.17  ? 111 VAL A CB  1 
ATOM   853 C CG1 . VAL A 1 111 ? 2.634   -4.747  10.161  1.00 31.14  ? 111 VAL A CG1 1 
ATOM   854 C CG2 . VAL A 1 111 ? 3.343   -6.997  9.232   1.00 33.87  ? 111 VAL A CG2 1 
ATOM   855 N N   . VAL A 1 112 ? 0.899   -6.322  7.205   1.00 40.68  ? 112 VAL A N   1 
ATOM   856 C CA  . VAL A 1 112 ? -0.536  -6.562  7.110   1.00 40.35  ? 112 VAL A CA  1 
ATOM   857 C C   . VAL A 1 112 ? -0.812  -7.943  7.637   1.00 41.03  ? 112 VAL A C   1 
ATOM   858 O O   . VAL A 1 112 ? -0.080  -8.885  7.312   1.00 42.47  ? 112 VAL A O   1 
ATOM   859 C CB  . VAL A 1 112 ? -1.027  -6.468  5.645   1.00 38.96  ? 112 VAL A CB  1 
ATOM   860 C CG1 . VAL A 1 112 ? -2.478  -6.921  5.516   1.00 35.21  ? 112 VAL A CG1 1 
ATOM   861 C CG2 . VAL A 1 112 ? -0.847  -5.051  5.123   1.00 36.87  ? 112 VAL A CG2 1 
ATOM   862 N N   . VAL A 1 113 ? -1.847  -8.046  8.459   1.00 46.07  ? 113 VAL A N   1 
ATOM   863 C CA  . VAL A 1 113 ? -2.386  -9.326  8.902   1.00 53.45  ? 113 VAL A CA  1 
ATOM   864 C C   . VAL A 1 113 ? -3.803  -9.531  8.352   1.00 56.75  ? 113 VAL A C   1 
ATOM   865 O O   . VAL A 1 113 ? -4.696  -8.699  8.563   1.00 58.90  ? 113 VAL A O   1 
ATOM   866 C CB  . VAL A 1 113 ? -2.427  -9.411  10.432  1.00 57.25  ? 113 VAL A CB  1 
ATOM   867 C CG1 . VAL A 1 113 ? -3.125  -10.689 10.862  1.00 63.39  ? 113 VAL A CG1 1 
ATOM   868 C CG2 . VAL A 1 113 ? -1.016  -9.377  10.997  1.00 56.22  ? 113 VAL A CG2 1 
ATOM   869 N N   . VAL A 1 114 ? -3.992  -10.645 7.649   1.00 65.19  ? 114 VAL A N   1 
ATOM   870 C CA  . VAL A 1 114 ? -5.284  -11.003 7.049   1.00 71.00  ? 114 VAL A CA  1 
ATOM   871 C C   . VAL A 1 114 ? -5.959  -12.170 7.786   1.00 75.82  ? 114 VAL A C   1 
ATOM   872 O O   . VAL A 1 114 ? -5.305  -13.156 8.150   1.00 71.46  ? 114 VAL A O   1 
ATOM   873 C CB  . VAL A 1 114 ? -5.140  -11.356 5.551   1.00 71.57  ? 114 VAL A CB  1 
ATOM   874 C CG1 . VAL A 1 114 ? -4.000  -12.331 5.321   1.00 77.55  ? 114 VAL A CG1 1 
ATOM   875 C CG2 . VAL A 1 114 ? -6.430  -11.943 5.018   1.00 74.49  ? 114 VAL A CG2 1 
ATOM   876 N N   . SER A 1 115 ? -7.270  -12.032 8.002   1.00 83.07  ? 115 SER A N   1 
ATOM   877 C CA  . SER A 1 115 ? -8.117  -13.085 8.574   1.00 81.98  ? 115 SER A CA  1 
ATOM   878 C C   . SER A 1 115 ? -9.034  -13.664 7.503   1.00 81.69  ? 115 SER A C   1 
ATOM   879 O O   . SER A 1 115 ? -8.980  -14.859 7.204   1.00 87.38  ? 115 SER A O   1 
ATOM   880 C CB  . SER A 1 115 ? -8.965  -12.512 9.701   1.00 81.10  ? 115 SER A CB  1 
ATOM   881 O OG  . SER A 1 115 ? -8.158  -11.800 10.617  1.00 83.24  ? 115 SER A OG  1 
HETATM 882 N N1A . COA B 2 .   ? -2.808  4.445   14.743  1.00 50.61  ? 201 COA A N1A 1 
HETATM 883 C C2A . COA B 2 .   ? -2.087  3.654   13.919  1.00 49.48  ? 201 COA A C2A 1 
HETATM 884 N N3A . COA B 2 .   ? -1.150  4.137   13.085  1.00 46.65  ? 201 COA A N3A 1 
HETATM 885 C C4A . COA B 2 .   ? -0.903  5.456   13.024  1.00 49.02  ? 201 COA A C4A 1 
HETATM 886 C C5A . COA B 2 .   ? -1.655  6.374   13.890  1.00 47.12  ? 201 COA A C5A 1 
HETATM 887 C C6A . COA B 2 .   ? -2.657  5.780   14.792  1.00 50.37  ? 201 COA A C6A 1 
HETATM 888 N N6A . COA B 2 .   ? -3.397  6.548   15.634  1.00 53.87  ? 201 COA A N6A 1 
HETATM 889 N N7A . COA B 2 .   ? -1.207  7.611   13.617  1.00 50.43  ? 201 COA A N7A 1 
HETATM 890 C C8A . COA B 2 .   ? -0.237  7.516   12.668  1.00 51.24  ? 201 COA A C8A 1 
HETATM 891 N N9A . COA B 2 .   ? -0.075  6.214   12.312  1.00 52.15  ? 201 COA A N9A 1 
HETATM 892 C C1B . COA B 2 .   ? 0.850   5.707   11.293  1.00 51.00  ? 201 COA A C1B 1 
HETATM 893 C C2B . COA B 2 .   ? 0.599   6.435   9.967   1.00 51.34  ? 201 COA A C2B 1 
HETATM 894 O O2B . COA B 2 .   ? 0.405   5.529   8.881   1.00 54.79  ? 201 COA A O2B 1 
HETATM 895 C C3B . COA B 2 .   ? 1.848   7.246   9.718   1.00 53.22  ? 201 COA A C3B 1 
HETATM 896 O O3B . COA B 2 .   ? 2.278   7.252   8.360   1.00 59.54  ? 201 COA A O3B 1 
HETATM 897 P P3B . COA B 2 .   ? 1.585   8.188   7.226   1.00 65.60  ? 201 COA A P3B 1 
HETATM 898 O O7A . COA B 2 .   ? 1.158   9.436   7.972   1.00 65.32  ? 201 COA A O7A 1 
HETATM 899 O O8A . COA B 2 .   ? 2.699   8.486   6.257   1.00 58.40  ? 201 COA A O8A 1 
HETATM 900 O O9A . COA B 2 .   ? 0.470   7.291   6.721   1.00 63.26  ? 201 COA A O9A 1 
HETATM 901 C C4B . COA B 2 .   ? 2.862   6.526   10.570  1.00 54.69  ? 201 COA A C4B 1 
HETATM 902 O O4B . COA B 2 .   ? 2.178   5.994   11.702  1.00 52.10  ? 201 COA A O4B 1 
HETATM 903 C C5B . COA B 2 .   ? 3.996   7.428   10.996  1.00 55.85  ? 201 COA A C5B 1 
HETATM 904 O O5B . COA B 2 .   ? 5.123   6.589   10.881  1.00 62.18  ? 201 COA A O5B 1 
HETATM 905 P P1A . COA B 2 .   ? 6.341   6.671   11.880  1.00 56.03  ? 201 COA A P1A 1 
HETATM 906 O O1A . COA B 2 .   ? 7.158   7.805   11.297  1.00 61.13  ? 201 COA A O1A 1 
HETATM 907 O O2A . COA B 2 .   ? 6.959   5.316   12.128  1.00 60.30  ? 201 COA A O2A 1 
HETATM 908 O O3A . COA B 2 .   ? 5.580   7.018   13.229  1.00 73.46  ? 201 COA A O3A 1 
HETATM 909 P P2A . COA B 2 .   ? 6.361   7.723   14.436  1.00 91.25  ? 201 COA A P2A 1 
HETATM 910 O O4A . COA B 2 .   ? 7.181   6.682   15.186  1.00 87.61  ? 201 COA A O4A 1 
HETATM 911 O O5A . COA B 2 .   ? 7.049   8.954   13.873  1.00 89.10  ? 201 COA A O5A 1 
HETATM 912 O O6A . COA B 2 .   ? 5.081   8.189   15.316  1.00 94.76  ? 201 COA A O6A 1 
HETATM 913 C CBP . COA B 2 .   ? 2.875   8.050   16.381  1.00 95.19  ? 201 COA A CBP 1 
HETATM 914 C CCP . COA B 2 .   ? 3.764   7.615   15.213  1.00 92.49  ? 201 COA A CCP 1 
HETATM 915 C CDP . COA B 2 .   ? 1.521   8.518   15.870  1.00 94.89  ? 201 COA A CDP 1 
HETATM 916 C CEP . COA B 2 .   ? 2.652   6.865   17.311  1.00 89.82  ? 201 COA A CEP 1 
HETATM 917 C CAP . COA B 2 .   ? 3.566   9.222   17.105  1.00 100.93 ? 201 COA A CAP 1 
HETATM 918 O OAP . COA B 2 .   ? 3.296   10.440  16.403  1.00 99.53  ? 201 COA A OAP 1 
HETATM 919 C C9P . COA B 2 .   ? 3.151   9.407   18.532  1.00 107.21 ? 201 COA A C9P 1 
HETATM 920 O O9P . COA B 2 .   ? 1.975   9.347   18.860  1.00 113.55 ? 201 COA A O9P 1 
HETATM 921 N N8P . COA B 2 .   ? 4.149   9.661   19.381  1.00 108.06 ? 201 COA A N8P 1 
HETATM 922 O O   . HOH C 3 .   ? 5.058   10.299  5.788   1.00 70.82  ? 301 HOH A O   1 
HETATM 923 O O   . HOH C 3 .   ? -4.488  6.085   -10.048 1.00 49.62  ? 302 HOH A O   1 
HETATM 924 O O   . HOH C 3 .   ? -0.179  1.916   11.942  1.00 37.93  ? 303 HOH A O   1 
HETATM 925 O O   . HOH C 3 .   ? 15.957  9.867   11.559  1.00 66.88  ? 304 HOH A O   1 
HETATM 926 O O   . HOH C 3 .   ? 5.940   10.178  11.632  1.00 74.15  ? 305 HOH A O   1 
HETATM 927 O O   . HOH C 3 .   ? 1.728   13.691  -5.444  1.00 57.36  ? 306 HOH A O   1 
HETATM 928 O O   . HOH C 3 .   ? -14.422 -21.005 2.672   1.00 76.37  ? 307 HOH A O   1 
HETATM 929 O O   . HOH C 3 .   ? -8.235  11.003  0.616   1.00 54.48  ? 308 HOH A O   1 
HETATM 930 O O   . HOH C 3 .   ? -13.699 -17.823 8.730   1.00 68.58  ? 309 HOH A O   1 
HETATM 931 O O   . HOH C 3 .   ? -5.713  -1.289  9.908   1.00 47.63  ? 310 HOH A O   1 
HETATM 932 O O   . HOH C 3 .   ? 9.302   9.946   12.590  1.00 85.48  ? 311 HOH A O   1 
HETATM 933 O O   . HOH C 3 .   ? 13.497  9.031   6.363   1.00 62.83  ? 312 HOH A O   1 
HETATM 934 O O   . HOH C 3 .   ? -2.156  0.284   12.866  1.00 47.71  ? 313 HOH A O   1 
HETATM 935 O O   . HOH C 3 .   ? 9.060   12.798  2.720   1.00 64.19  ? 314 HOH A O   1 
HETATM 936 O O   . HOH C 3 .   ? -7.195  11.417  9.086   1.00 79.01  ? 315 HOH A O   1 
HETATM 937 O O   . HOH C 3 .   ? -1.105  10.500  14.129  1.00 66.71  ? 316 HOH A O   1 
HETATM 938 O O   . HOH C 3 .   ? -6.672  2.101   -4.667  1.00 60.31  ? 317 HOH A O   1 
HETATM 939 O O   . HOH C 3 .   ? -9.370  8.416   4.582   1.00 53.22  ? 318 HOH A O   1 
HETATM 940 O O   . HOH C 3 .   ? 9.341   14.480  -0.351  1.00 66.80  ? 319 HOH A O   1 
HETATM 941 O O   . HOH C 3 .   ? -1.140  7.607   -15.873 1.00 65.39  ? 320 HOH A O   1 
HETATM 942 O O   . HOH C 3 .   ? -10.146 7.422   -5.426  1.00 61.10  ? 321 HOH A O   1 
HETATM 943 O O   . HOH C 3 .   ? -5.710  -16.708 7.852   1.00 78.16  ? 322 HOH A O   1 
HETATM 944 O O   . HOH C 3 .   ? -7.075  -7.571  -11.870 1.00 67.57  ? 323 HOH A O   1 
HETATM 945 O O   . HOH C 3 .   ? 18.850  2.027   -2.974  1.00 66.67  ? 324 HOH A O   1 
HETATM 946 O O   . HOH C 3 .   ? -8.841  11.287  5.805   1.00 73.84  ? 325 HOH A O   1 
HETATM 947 O O   . HOH C 3 .   ? -9.552  8.771   1.703   1.00 61.72  ? 326 HOH A O   1 
HETATM 948 O O   . HOH C 3 .   ? 10.095  1.758   -10.511 1.00 71.93  ? 327 HOH A O   1 
# 
loop_
_pdbx_poly_seq_scheme.asym_id 
_pdbx_poly_seq_scheme.entity_id 
_pdbx_poly_seq_scheme.seq_id 
_pdbx_poly_seq_scheme.mon_id 
_pdbx_poly_seq_scheme.ndb_seq_num 
_pdbx_poly_seq_scheme.pdb_seq_num 
_pdbx_poly_seq_scheme.auth_seq_num 
_pdbx_poly_seq_scheme.pdb_mon_id 
_pdbx_poly_seq_scheme.auth_mon_id 
_pdbx_poly_seq_scheme.pdb_strand_id 
_pdbx_poly_seq_scheme.pdb_ins_code 
_pdbx_poly_seq_scheme.hetero 
A 1 1   MET 1   1   1   MET MET A . n 
A 1 2   ILE 2   2   2   ILE ILE A . n 
A 1 3   GLY 3   3   3   GLY GLY A . n 
A 1 4   ILE 4   4   4   ILE ILE A . n 
A 1 5   ASP 5   5   5   ASP ASP A . n 
A 1 6   ILE 6   6   6   ILE ILE A . n 
A 1 7   VAL 7   7   7   VAL VAL A . n 
A 1 8   SER 8   8   8   SER SER A . n 
A 1 9   ILE 9   9   9   ILE ILE A . n 
A 1 10  ALA 10  10  10  ALA ALA A . n 
A 1 11  ARG 11  11  11  ARG ARG A . n 
A 1 12  ILE 12  12  12  ILE ILE A . n 
A 1 13  GLU 13  13  13  GLU GLU A . n 
A 1 14  LYS 14  14  14  LYS LYS A . n 
A 1 15  CYS 15  15  15  CYS CYS A . n 
A 1 16  VAL 16  16  16  VAL VAL A . n 
A 1 17  LYS 17  17  17  LYS LYS A . n 
A 1 18  ARG 18  18  18  ARG ARG A . n 
A 1 19  PHE 19  19  19  PHE PHE A . n 
A 1 20  LYS 20  20  20  LYS LYS A . n 
A 1 21  MET 21  21  21  MET MET A . n 
A 1 22  LYS 22  22  22  LYS LYS A . n 
A 1 23  PHE 23  23  23  PHE PHE A . n 
A 1 24  LEU 24  24  24  LEU LEU A . n 
A 1 25  GLU 25  25  25  GLU GLU A . n 
A 1 26  ARG 26  26  26  ARG ARG A . n 
A 1 27  PHE 27  27  27  PHE PHE A . n 
A 1 28  LEU 28  28  28  LEU LEU A . n 
A 1 29  SER 29  29  29  SER SER A . n 
A 1 30  PRO 30  30  30  PRO PRO A . n 
A 1 31  SER 31  31  31  SER SER A . n 
A 1 32  GLU 32  32  32  GLU GLU A . n 
A 1 33  ILE 33  33  33  ILE ILE A . n 
A 1 34  VAL 34  34  34  VAL VAL A . n 
A 1 35  LEU 35  35  35  LEU LEU A . n 
A 1 36  CYS 36  36  36  CYS CYS A . n 
A 1 37  LYS 37  37  37  LYS LYS A . n 
A 1 38  ASP 38  38  38  ASP ASP A . n 
A 1 39  LYS 39  39  39  LYS LYS A . n 
A 1 40  SER 40  40  40  SER SER A . n 
A 1 41  SER 41  41  41  SER SER A . n 
A 1 42  SER 42  42  42  SER SER A . n 
A 1 43  ILE 43  43  43  ILE ILE A . n 
A 1 44  ALA 44  44  44  ALA ALA A . n 
A 1 45  GLY 45  45  45  GLY GLY A . n 
A 1 46  PHE 46  46  46  PHE PHE A . n 
A 1 47  PHE 47  47  47  PHE PHE A . n 
A 1 48  ALA 48  48  48  ALA ALA A . n 
A 1 49  LEU 49  49  49  LEU LEU A . n 
A 1 50  LYS 50  50  50  LYS LYS A . n 
A 1 51  GLU 51  51  51  GLU GLU A . n 
A 1 52  ALA 52  52  52  ALA ALA A . n 
A 1 53  CYS 53  53  53  CYS CYS A . n 
A 1 54  SER 54  54  54  SER SER A . n 
A 1 55  LYS 55  55  55  LYS LYS A . n 
A 1 56  ALA 56  56  56  ALA ALA A . n 
A 1 57  LEU 57  57  57  LEU LEU A . n 
A 1 58  GLN 58  58  58  GLN GLN A . n 
A 1 59  VAL 59  59  59  VAL VAL A . n 
A 1 60  GLY 60  60  60  GLY GLY A . n 
A 1 61  ILE 61  61  61  ILE ILE A . n 
A 1 62  GLY 62  62  62  GLY GLY A . n 
A 1 63  LYS 63  63  63  LYS LYS A . n 
A 1 64  GLU 64  64  64  GLU GLU A . n 
A 1 65  LEU 65  65  65  LEU LEU A . n 
A 1 66  SER 66  66  66  SER SER A . n 
A 1 67  PHE 67  67  67  PHE PHE A . n 
A 1 68  LEU 68  68  68  LEU LEU A . n 
A 1 69  ASP 69  69  69  ASP ASP A . n 
A 1 70  ILE 70  70  70  ILE ILE A . n 
A 1 71  LYS 71  71  71  LYS LYS A . n 
A 1 72  ILE 72  72  72  ILE ILE A . n 
A 1 73  SER 73  73  73  SER SER A . n 
A 1 74  LYS 74  74  74  LYS LYS A . n 
A 1 75  SER 75  75  75  SER SER A . n 
A 1 76  PRO 76  76  76  PRO PRO A . n 
A 1 77  LYS 77  77  77  LYS LYS A . n 
A 1 78  ASN 78  78  78  ASN ASN A . n 
A 1 79  ALA 79  79  79  ALA ALA A . n 
A 1 80  PRO 80  80  80  PRO PRO A . n 
A 1 81  LEU 81  81  81  LEU LEU A . n 
A 1 82  ILE 82  82  82  ILE ILE A . n 
A 1 83  THR 83  83  83  THR THR A . n 
A 1 84  LEU 84  84  84  LEU LEU A . n 
A 1 85  SER 85  85  85  SER SER A . n 
A 1 86  LYS 86  86  86  LYS LYS A . n 
A 1 87  GLU 87  87  87  GLU GLU A . n 
A 1 88  LYS 88  88  88  LYS LYS A . n 
A 1 89  MET 89  89  89  MET MET A . n 
A 1 90  ASP 90  90  90  ASP ASP A . n 
A 1 91  TYR 91  91  91  TYR TYR A . n 
A 1 92  PHE 92  92  92  PHE PHE A . n 
A 1 93  ASN 93  93  93  ASN ASN A . n 
A 1 94  ILE 94  94  94  ILE ILE A . n 
A 1 95  GLN 95  95  95  GLN GLN A . n 
A 1 96  SER 96  96  96  SER SER A . n 
A 1 97  LEU 97  97  97  LEU LEU A . n 
A 1 98  SER 98  98  98  SER SER A . n 
A 1 99  ALA 99  99  99  ALA ALA A . n 
A 1 100 SER 100 100 100 SER SER A . n 
A 1 101 ILE 101 101 101 ILE ILE A . n 
A 1 102 SER 102 102 102 SER SER A . n 
A 1 103 HIS 103 103 103 HIS HIS A . n 
A 1 104 ASP 104 104 104 ASP ASP A . n 
A 1 105 ALA 105 105 105 ALA ALA A . n 
A 1 106 GLY 106 106 106 GLY GLY A . n 
A 1 107 PHE 107 107 107 PHE PHE A . n 
A 1 108 ALA 108 108 108 ALA ALA A . n 
A 1 109 ILE 109 109 109 ILE ILE A . n 
A 1 110 ALA 110 110 110 ALA ALA A . n 
A 1 111 VAL 111 111 111 VAL VAL A . n 
A 1 112 VAL 112 112 112 VAL VAL A . n 
A 1 113 VAL 113 113 113 VAL VAL A . n 
A 1 114 VAL 114 114 114 VAL VAL A . n 
A 1 115 SER 115 115 115 SER SER A . n 
A 1 116 SER 116 116 ?   ?   ?   A . n 
A 1 117 SER 117 117 ?   ?   ?   A . n 
A 1 118 ASN 118 118 ?   ?   ?   A . n 
A 1 119 GLU 119 119 ?   ?   ?   A . n 
# 
loop_
_pdbx_nonpoly_scheme.asym_id 
_pdbx_nonpoly_scheme.entity_id 
_pdbx_nonpoly_scheme.mon_id 
_pdbx_nonpoly_scheme.ndb_seq_num 
_pdbx_nonpoly_scheme.pdb_seq_num 
_pdbx_nonpoly_scheme.auth_seq_num 
_pdbx_nonpoly_scheme.pdb_mon_id 
_pdbx_nonpoly_scheme.auth_mon_id 
_pdbx_nonpoly_scheme.pdb_strand_id 
_pdbx_nonpoly_scheme.pdb_ins_code 
B 2 COA 1  201 1  COA COA A . 
C 3 HOH 1  301 18 HOH HOH A . 
C 3 HOH 2  302 20 HOH HOH A . 
C 3 HOH 3  303 15 HOH HOH A . 
C 3 HOH 4  304 27 HOH HOH A . 
C 3 HOH 5  305 25 HOH HOH A . 
C 3 HOH 6  306 19 HOH HOH A . 
C 3 HOH 7  307 12 HOH HOH A . 
C 3 HOH 8  308 22 HOH HOH A . 
C 3 HOH 9  309 6  HOH HOH A . 
C 3 HOH 10 310 9  HOH HOH A . 
C 3 HOH 11 311 16 HOH HOH A . 
C 3 HOH 12 312 1  HOH HOH A . 
C 3 HOH 13 313 14 HOH HOH A . 
C 3 HOH 14 314 3  HOH HOH A . 
C 3 HOH 15 315 10 HOH HOH A . 
C 3 HOH 16 316 4  HOH HOH A . 
C 3 HOH 17 317 21 HOH HOH A . 
C 3 HOH 18 318 2  HOH HOH A . 
C 3 HOH 19 319 11 HOH HOH A . 
C 3 HOH 20 320 8  HOH HOH A . 
C 3 HOH 21 321 5  HOH HOH A . 
C 3 HOH 22 322 13 HOH HOH A . 
C 3 HOH 23 323 17 HOH HOH A . 
C 3 HOH 24 324 7  HOH HOH A . 
C 3 HOH 25 325 23 HOH HOH A . 
C 3 HOH 26 326 24 HOH HOH A . 
C 3 HOH 27 327 26 HOH HOH A . 
# 
_pdbx_struct_assembly.id                   1 
_pdbx_struct_assembly.details              author_and_software_defined_assembly 
_pdbx_struct_assembly.method_details       PISA 
_pdbx_struct_assembly.oligomeric_details   trimeric 
_pdbx_struct_assembly.oligomeric_count     3 
# 
_pdbx_struct_assembly_gen.assembly_id       1 
_pdbx_struct_assembly_gen.oper_expression   1,2,3 
_pdbx_struct_assembly_gen.asym_id_list      A,B,C 
# 
loop_
_pdbx_struct_assembly_prop.biol_id 
_pdbx_struct_assembly_prop.type 
_pdbx_struct_assembly_prop.value 
_pdbx_struct_assembly_prop.details 
1 'ABSA (A^2)' 7020  ? 
1 MORE         -35   ? 
1 'SSA (A^2)'  15890 ? 
# 
loop_
_pdbx_struct_oper_list.id 
_pdbx_struct_oper_list.type 
_pdbx_struct_oper_list.name 
_pdbx_struct_oper_list.symmetry_operation 
_pdbx_struct_oper_list.matrix[1][1] 
_pdbx_struct_oper_list.matrix[1][2] 
_pdbx_struct_oper_list.matrix[1][3] 
_pdbx_struct_oper_list.vector[1] 
_pdbx_struct_oper_list.matrix[2][1] 
_pdbx_struct_oper_list.matrix[2][2] 
_pdbx_struct_oper_list.matrix[2][3] 
_pdbx_struct_oper_list.vector[2] 
_pdbx_struct_oper_list.matrix[3][1] 
_pdbx_struct_oper_list.matrix[3][2] 
_pdbx_struct_oper_list.matrix[3][3] 
_pdbx_struct_oper_list.vector[3] 
1 'identity operation'         1_555 x,y,z       1.0000000000 0.0000000000 0.0000000000  0.0000000000  0.0000000000 1.0000000000  0.0000000000  0.0000000000   0.0000000000  0.0000000000  1.0000000000  0.0000000000  
2 'crystal symmetry operation' 2_545 -y,x-y-1,z  0.4820672510 0.3803392981 -0.7892738333 14.7509812879 0.8700666718 -0.1019837013 0.4822689202  -18.4918194201 0.1029327558  -0.9192069098 -0.3800835497 8.5243767008  
3 'crystal symmetry operation' 3_655 -x+y+1,-x,z 0.4820672510 0.8700666718 0.1029327558  8.1007131946  0.3803392981 -0.1019837013 -0.9192069098 0.3394239080   -0.7892738333 0.4822689202  -0.3800835497 23.8005686854 
# 
loop_
_pdbx_audit_revision_history.ordinal 
_pdbx_audit_revision_history.data_content_type 
_pdbx_audit_revision_history.major_revision 
_pdbx_audit_revision_history.minor_revision 
_pdbx_audit_revision_history.revision_date 
1 'Structure model' 1 0 2018-06-27 
2 'Structure model' 1 1 2023-11-22 
# 
_pdbx_audit_revision_details.ordinal             1 
_pdbx_audit_revision_details.revision_ordinal    1 
_pdbx_audit_revision_details.data_content_type   'Structure model' 
_pdbx_audit_revision_details.provider            repository 
_pdbx_audit_revision_details.type                'Initial release' 
_pdbx_audit_revision_details.description         ? 
_pdbx_audit_revision_details.details             ? 
# 
loop_
_pdbx_audit_revision_group.ordinal 
_pdbx_audit_revision_group.revision_ordinal 
_pdbx_audit_revision_group.data_content_type 
_pdbx_audit_revision_group.group 
1 2 'Structure model' 'Data collection'        
2 2 'Structure model' 'Database references'    
3 2 'Structure model' 'Refinement description' 
# 
loop_
_pdbx_audit_revision_category.ordinal 
_pdbx_audit_revision_category.revision_ordinal 
_pdbx_audit_revision_category.data_content_type 
_pdbx_audit_revision_category.category 
1 2 'Structure model' chem_comp_atom                
2 2 'Structure model' chem_comp_bond                
3 2 'Structure model' database_2                    
4 2 'Structure model' pdbx_initial_refinement_model 
# 
loop_
_pdbx_audit_revision_item.ordinal 
_pdbx_audit_revision_item.revision_ordinal 
_pdbx_audit_revision_item.data_content_type 
_pdbx_audit_revision_item.item 
1 2 'Structure model' '_database_2.pdbx_DOI'                
2 2 'Structure model' '_database_2.pdbx_database_accession' 
# 
loop_
_software.citation_id 
_software.classification 
_software.compiler_name 
_software.compiler_version 
_software.contact_author 
_software.contact_author_email 
_software.date 
_software.description 
_software.dependencies 
_software.hardware 
_software.language 
_software.location 
_software.mods 
_software.name 
_software.os 
_software.os_version 
_software.type 
_software.version 
_software.pdbx_ordinal 
? refinement       ? ? ? ? ? ? ? ? ? ? ? REFMAC  ? ? ? 5.6.0117 1 
? 'data reduction' ? ? ? ? ? ? ? ? ? ? ? iMOSFLM ? ? ? .        2 
? 'data scaling'   ? ? ? ? ? ? ? ? ? ? ? SCALA   ? ? ? .        3 
? phasing          ? ? ? ? ? ? ? ? ? ? ? PHASER  ? ? ? .        4 
# 
loop_
_pdbx_validate_torsion.id 
_pdbx_validate_torsion.PDB_model_num 
_pdbx_validate_torsion.auth_comp_id 
_pdbx_validate_torsion.auth_asym_id 
_pdbx_validate_torsion.auth_seq_id 
_pdbx_validate_torsion.PDB_ins_code 
_pdbx_validate_torsion.label_alt_id 
_pdbx_validate_torsion.phi 
_pdbx_validate_torsion.psi 
1 1 ARG A 18 ? ? -114.25 77.16  
2 1 LYS A 20 ? ? 39.79   -82.84 
# 
_pdbx_distant_solvent_atoms.id                                1 
_pdbx_distant_solvent_atoms.PDB_model_num                     1 
_pdbx_distant_solvent_atoms.auth_atom_id                      O 
_pdbx_distant_solvent_atoms.label_alt_id                      ? 
_pdbx_distant_solvent_atoms.auth_asym_id                      A 
_pdbx_distant_solvent_atoms.auth_comp_id                      HOH 
_pdbx_distant_solvent_atoms.auth_seq_id                       327 
_pdbx_distant_solvent_atoms.PDB_ins_code                      ? 
_pdbx_distant_solvent_atoms.neighbor_macromolecule_distance   5.85 
_pdbx_distant_solvent_atoms.neighbor_ligand_distance          . 
# 
loop_
_pdbx_unobs_or_zero_occ_atoms.id 
_pdbx_unobs_or_zero_occ_atoms.PDB_model_num 
_pdbx_unobs_or_zero_occ_atoms.polymer_flag 
_pdbx_unobs_or_zero_occ_atoms.occupancy_flag 
_pdbx_unobs_or_zero_occ_atoms.auth_asym_id 
_pdbx_unobs_or_zero_occ_atoms.auth_comp_id 
_pdbx_unobs_or_zero_occ_atoms.auth_seq_id 
_pdbx_unobs_or_zero_occ_atoms.PDB_ins_code 
_pdbx_unobs_or_zero_occ_atoms.auth_atom_id 
_pdbx_unobs_or_zero_occ_atoms.label_alt_id 
_pdbx_unobs_or_zero_occ_atoms.label_asym_id 
_pdbx_unobs_or_zero_occ_atoms.label_comp_id 
_pdbx_unobs_or_zero_occ_atoms.label_seq_id 
_pdbx_unobs_or_zero_occ_atoms.label_atom_id 
1 1 N 1 A COA 201 ? C7P ? B COA 1 C7P 
2 1 N 1 A COA 201 ? C6P ? B COA 1 C6P 
3 1 N 1 A COA 201 ? C5P ? B COA 1 C5P 
4 1 N 1 A COA 201 ? O5P ? B COA 1 O5P 
5 1 N 1 A COA 201 ? N4P ? B COA 1 N4P 
6 1 N 1 A COA 201 ? C3P ? B COA 1 C3P 
7 1 N 1 A COA 201 ? C2P ? B COA 1 C2P 
8 1 N 1 A COA 201 ? S1P ? B COA 1 S1P 
# 
loop_
_pdbx_unobs_or_zero_occ_residues.id 
_pdbx_unobs_or_zero_occ_residues.PDB_model_num 
_pdbx_unobs_or_zero_occ_residues.polymer_flag 
_pdbx_unobs_or_zero_occ_residues.occupancy_flag 
_pdbx_unobs_or_zero_occ_residues.auth_asym_id 
_pdbx_unobs_or_zero_occ_residues.auth_comp_id 
_pdbx_unobs_or_zero_occ_residues.auth_seq_id 
_pdbx_unobs_or_zero_occ_residues.PDB_ins_code 
_pdbx_unobs_or_zero_occ_residues.label_asym_id 
_pdbx_unobs_or_zero_occ_residues.label_comp_id 
_pdbx_unobs_or_zero_occ_residues.label_seq_id 
1 1 Y 1 A SER 116 ? A SER 116 
2 1 Y 1 A SER 117 ? A SER 117 
3 1 Y 1 A ASN 118 ? A ASN 118 
4 1 Y 1 A GLU 119 ? A GLU 119 
# 
loop_
_chem_comp_atom.comp_id 
_chem_comp_atom.atom_id 
_chem_comp_atom.type_symbol 
_chem_comp_atom.pdbx_aromatic_flag 
_chem_comp_atom.pdbx_stereo_config 
_chem_comp_atom.pdbx_ordinal 
ALA N    N N N 1   
ALA CA   C N S 2   
ALA C    C N N 3   
ALA O    O N N 4   
ALA CB   C N N 5   
ALA OXT  O N N 6   
ALA H    H N N 7   
ALA H2   H N N 8   
ALA HA   H N N 9   
ALA HB1  H N N 10  
ALA HB2  H N N 11  
ALA HB3  H N N 12  
ALA HXT  H N N 13  
ARG N    N N N 14  
ARG CA   C N S 15  
ARG C    C N N 16  
ARG O    O N N 17  
ARG CB   C N N 18  
ARG CG   C N N 19  
ARG CD   C N N 20  
ARG NE   N N N 21  
ARG CZ   C N N 22  
ARG NH1  N N N 23  
ARG NH2  N N N 24  
ARG OXT  O N N 25  
ARG H    H N N 26  
ARG H2   H N N 27  
ARG HA   H N N 28  
ARG HB2  H N N 29  
ARG HB3  H N N 30  
ARG HG2  H N N 31  
ARG HG3  H N N 32  
ARG HD2  H N N 33  
ARG HD3  H N N 34  
ARG HE   H N N 35  
ARG HH11 H N N 36  
ARG HH12 H N N 37  
ARG HH21 H N N 38  
ARG HH22 H N N 39  
ARG HXT  H N N 40  
ASN N    N N N 41  
ASN CA   C N S 42  
ASN C    C N N 43  
ASN O    O N N 44  
ASN CB   C N N 45  
ASN CG   C N N 46  
ASN OD1  O N N 47  
ASN ND2  N N N 48  
ASN OXT  O N N 49  
ASN H    H N N 50  
ASN H2   H N N 51  
ASN HA   H N N 52  
ASN HB2  H N N 53  
ASN HB3  H N N 54  
ASN HD21 H N N 55  
ASN HD22 H N N 56  
ASN HXT  H N N 57  
ASP N    N N N 58  
ASP CA   C N S 59  
ASP C    C N N 60  
ASP O    O N N 61  
ASP CB   C N N 62  
ASP CG   C N N 63  
ASP OD1  O N N 64  
ASP OD2  O N N 65  
ASP OXT  O N N 66  
ASP H    H N N 67  
ASP H2   H N N 68  
ASP HA   H N N 69  
ASP HB2  H N N 70  
ASP HB3  H N N 71  
ASP HD2  H N N 72  
ASP HXT  H N N 73  
COA N1A  N Y N 74  
COA C2A  C Y N 75  
COA N3A  N Y N 76  
COA C4A  C Y N 77  
COA C5A  C Y N 78  
COA C6A  C Y N 79  
COA N6A  N N N 80  
COA N7A  N Y N 81  
COA C8A  C Y N 82  
COA N9A  N Y N 83  
COA C1B  C N R 84  
COA C2B  C N R 85  
COA O2B  O N N 86  
COA C3B  C N S 87  
COA O3B  O N N 88  
COA P3B  P N N 89  
COA O7A  O N N 90  
COA O8A  O N N 91  
COA O9A  O N N 92  
COA C4B  C N R 93  
COA O4B  O N N 94  
COA C5B  C N N 95  
COA O5B  O N N 96  
COA P1A  P N S 97  
COA O1A  O N N 98  
COA O2A  O N N 99  
COA O3A  O N N 100 
COA P2A  P N S 101 
COA O4A  O N N 102 
COA O5A  O N N 103 
COA O6A  O N N 104 
COA CBP  C N N 105 
COA CCP  C N N 106 
COA CDP  C N N 107 
COA CEP  C N N 108 
COA CAP  C N R 109 
COA OAP  O N N 110 
COA C9P  C N N 111 
COA O9P  O N N 112 
COA N8P  N N N 113 
COA C7P  C N N 114 
COA C6P  C N N 115 
COA C5P  C N N 116 
COA O5P  O N N 117 
COA N4P  N N N 118 
COA C3P  C N N 119 
COA C2P  C N N 120 
COA S1P  S N N 121 
COA H2A  H N N 122 
COA H61A H N N 123 
COA H62A H N N 124 
COA H8A  H N N 125 
COA H1B  H N N 126 
COA H2B  H N N 127 
COA HO2A H N N 128 
COA H3B  H N N 129 
COA HOA8 H N N 130 
COA HOA9 H N N 131 
COA H4B  H N N 132 
COA H51A H N N 133 
COA H52A H N N 134 
COA HOA2 H N N 135 
COA HOA5 H N N 136 
COA H121 H N N 137 
COA H122 H N N 138 
COA H131 H N N 139 
COA H132 H N N 140 
COA H133 H N N 141 
COA H141 H N N 142 
COA H142 H N N 143 
COA H143 H N N 144 
COA H10  H N N 145 
COA HO1  H N N 146 
COA HN8  H N N 147 
COA H71  H N N 148 
COA H72  H N N 149 
COA H61  H N N 150 
COA H62  H N N 151 
COA HN4  H N N 152 
COA H31  H N N 153 
COA H32  H N N 154 
COA H21  H N N 155 
COA H22  H N N 156 
COA HS1  H N N 157 
CYS N    N N N 158 
CYS CA   C N R 159 
CYS C    C N N 160 
CYS O    O N N 161 
CYS CB   C N N 162 
CYS SG   S N N 163 
CYS OXT  O N N 164 
CYS H    H N N 165 
CYS H2   H N N 166 
CYS HA   H N N 167 
CYS HB2  H N N 168 
CYS HB3  H N N 169 
CYS HG   H N N 170 
CYS HXT  H N N 171 
GLN N    N N N 172 
GLN CA   C N S 173 
GLN C    C N N 174 
GLN O    O N N 175 
GLN CB   C N N 176 
GLN CG   C N N 177 
GLN CD   C N N 178 
GLN OE1  O N N 179 
GLN NE2  N N N 180 
GLN OXT  O N N 181 
GLN H    H N N 182 
GLN H2   H N N 183 
GLN HA   H N N 184 
GLN HB2  H N N 185 
GLN HB3  H N N 186 
GLN HG2  H N N 187 
GLN HG3  H N N 188 
GLN HE21 H N N 189 
GLN HE22 H N N 190 
GLN HXT  H N N 191 
GLU N    N N N 192 
GLU CA   C N S 193 
GLU C    C N N 194 
GLU O    O N N 195 
GLU CB   C N N 196 
GLU CG   C N N 197 
GLU CD   C N N 198 
GLU OE1  O N N 199 
GLU OE2  O N N 200 
GLU OXT  O N N 201 
GLU H    H N N 202 
GLU H2   H N N 203 
GLU HA   H N N 204 
GLU HB2  H N N 205 
GLU HB3  H N N 206 
GLU HG2  H N N 207 
GLU HG3  H N N 208 
GLU HE2  H N N 209 
GLU HXT  H N N 210 
GLY N    N N N 211 
GLY CA   C N N 212 
GLY C    C N N 213 
GLY O    O N N 214 
GLY OXT  O N N 215 
GLY H    H N N 216 
GLY H2   H N N 217 
GLY HA2  H N N 218 
GLY HA3  H N N 219 
GLY HXT  H N N 220 
HIS N    N N N 221 
HIS CA   C N S 222 
HIS C    C N N 223 
HIS O    O N N 224 
HIS CB   C N N 225 
HIS CG   C Y N 226 
HIS ND1  N Y N 227 
HIS CD2  C Y N 228 
HIS CE1  C Y N 229 
HIS NE2  N Y N 230 
HIS OXT  O N N 231 
HIS H    H N N 232 
HIS H2   H N N 233 
HIS HA   H N N 234 
HIS HB2  H N N 235 
HIS HB3  H N N 236 
HIS HD1  H N N 237 
HIS HD2  H N N 238 
HIS HE1  H N N 239 
HIS HE2  H N N 240 
HIS HXT  H N N 241 
HOH O    O N N 242 
HOH H1   H N N 243 
HOH H2   H N N 244 
ILE N    N N N 245 
ILE CA   C N S 246 
ILE C    C N N 247 
ILE O    O N N 248 
ILE CB   C N S 249 
ILE CG1  C N N 250 
ILE CG2  C N N 251 
ILE CD1  C N N 252 
ILE OXT  O N N 253 
ILE H    H N N 254 
ILE H2   H N N 255 
ILE HA   H N N 256 
ILE HB   H N N 257 
ILE HG12 H N N 258 
ILE HG13 H N N 259 
ILE HG21 H N N 260 
ILE HG22 H N N 261 
ILE HG23 H N N 262 
ILE HD11 H N N 263 
ILE HD12 H N N 264 
ILE HD13 H N N 265 
ILE HXT  H N N 266 
LEU N    N N N 267 
LEU CA   C N S 268 
LEU C    C N N 269 
LEU O    O N N 270 
LEU CB   C N N 271 
LEU CG   C N N 272 
LEU CD1  C N N 273 
LEU CD2  C N N 274 
LEU OXT  O N N 275 
LEU H    H N N 276 
LEU H2   H N N 277 
LEU HA   H N N 278 
LEU HB2  H N N 279 
LEU HB3  H N N 280 
LEU HG   H N N 281 
LEU HD11 H N N 282 
LEU HD12 H N N 283 
LEU HD13 H N N 284 
LEU HD21 H N N 285 
LEU HD22 H N N 286 
LEU HD23 H N N 287 
LEU HXT  H N N 288 
LYS N    N N N 289 
LYS CA   C N S 290 
LYS C    C N N 291 
LYS O    O N N 292 
LYS CB   C N N 293 
LYS CG   C N N 294 
LYS CD   C N N 295 
LYS CE   C N N 296 
LYS NZ   N N N 297 
LYS OXT  O N N 298 
LYS H    H N N 299 
LYS H2   H N N 300 
LYS HA   H N N 301 
LYS HB2  H N N 302 
LYS HB3  H N N 303 
LYS HG2  H N N 304 
LYS HG3  H N N 305 
LYS HD2  H N N 306 
LYS HD3  H N N 307 
LYS HE2  H N N 308 
LYS HE3  H N N 309 
LYS HZ1  H N N 310 
LYS HZ2  H N N 311 
LYS HZ3  H N N 312 
LYS HXT  H N N 313 
MET N    N N N 314 
MET CA   C N S 315 
MET C    C N N 316 
MET O    O N N 317 
MET CB   C N N 318 
MET CG   C N N 319 
MET SD   S N N 320 
MET CE   C N N 321 
MET OXT  O N N 322 
MET H    H N N 323 
MET H2   H N N 324 
MET HA   H N N 325 
MET HB2  H N N 326 
MET HB3  H N N 327 
MET HG2  H N N 328 
MET HG3  H N N 329 
MET HE1  H N N 330 
MET HE2  H N N 331 
MET HE3  H N N 332 
MET HXT  H N N 333 
PHE N    N N N 334 
PHE CA   C N S 335 
PHE C    C N N 336 
PHE O    O N N 337 
PHE CB   C N N 338 
PHE CG   C Y N 339 
PHE CD1  C Y N 340 
PHE CD2  C Y N 341 
PHE CE1  C Y N 342 
PHE CE2  C Y N 343 
PHE CZ   C Y N 344 
PHE OXT  O N N 345 
PHE H    H N N 346 
PHE H2   H N N 347 
PHE HA   H N N 348 
PHE HB2  H N N 349 
PHE HB3  H N N 350 
PHE HD1  H N N 351 
PHE HD2  H N N 352 
PHE HE1  H N N 353 
PHE HE2  H N N 354 
PHE HZ   H N N 355 
PHE HXT  H N N 356 
PRO N    N N N 357 
PRO CA   C N S 358 
PRO C    C N N 359 
PRO O    O N N 360 
PRO CB   C N N 361 
PRO CG   C N N 362 
PRO CD   C N N 363 
PRO OXT  O N N 364 
PRO H    H N N 365 
PRO HA   H N N 366 
PRO HB2  H N N 367 
PRO HB3  H N N 368 
PRO HG2  H N N 369 
PRO HG3  H N N 370 
PRO HD2  H N N 371 
PRO HD3  H N N 372 
PRO HXT  H N N 373 
SER N    N N N 374 
SER CA   C N S 375 
SER C    C N N 376 
SER O    O N N 377 
SER CB   C N N 378 
SER OG   O N N 379 
SER OXT  O N N 380 
SER H    H N N 381 
SER H2   H N N 382 
SER HA   H N N 383 
SER HB2  H N N 384 
SER HB3  H N N 385 
SER HG   H N N 386 
SER HXT  H N N 387 
THR N    N N N 388 
THR CA   C N S 389 
THR C    C N N 390 
THR O    O N N 391 
THR CB   C N R 392 
THR OG1  O N N 393 
THR CG2  C N N 394 
THR OXT  O N N 395 
THR H    H N N 396 
THR H2   H N N 397 
THR HA   H N N 398 
THR HB   H N N 399 
THR HG1  H N N 400 
THR HG21 H N N 401 
THR HG22 H N N 402 
THR HG23 H N N 403 
THR HXT  H N N 404 
TYR N    N N N 405 
TYR CA   C N S 406 
TYR C    C N N 407 
TYR O    O N N 408 
TYR CB   C N N 409 
TYR CG   C Y N 410 
TYR CD1  C Y N 411 
TYR CD2  C Y N 412 
TYR CE1  C Y N 413 
TYR CE2  C Y N 414 
TYR CZ   C Y N 415 
TYR OH   O N N 416 
TYR OXT  O N N 417 
TYR H    H N N 418 
TYR H2   H N N 419 
TYR HA   H N N 420 
TYR HB2  H N N 421 
TYR HB3  H N N 422 
TYR HD1  H N N 423 
TYR HD2  H N N 424 
TYR HE1  H N N 425 
TYR HE2  H N N 426 
TYR HH   H N N 427 
TYR HXT  H N N 428 
VAL N    N N N 429 
VAL CA   C N S 430 
VAL C    C N N 431 
VAL O    O N N 432 
VAL CB   C N N 433 
VAL CG1  C N N 434 
VAL CG2  C N N 435 
VAL OXT  O N N 436 
VAL H    H N N 437 
VAL H2   H N N 438 
VAL HA   H N N 439 
VAL HB   H N N 440 
VAL HG11 H N N 441 
VAL HG12 H N N 442 
VAL HG13 H N N 443 
VAL HG21 H N N 444 
VAL HG22 H N N 445 
VAL HG23 H N N 446 
VAL HXT  H N N 447 
# 
loop_
_chem_comp_bond.comp_id 
_chem_comp_bond.atom_id_1 
_chem_comp_bond.atom_id_2 
_chem_comp_bond.value_order 
_chem_comp_bond.pdbx_aromatic_flag 
_chem_comp_bond.pdbx_stereo_config 
_chem_comp_bond.pdbx_ordinal 
ALA N   CA   sing N N 1   
ALA N   H    sing N N 2   
ALA N   H2   sing N N 3   
ALA CA  C    sing N N 4   
ALA CA  CB   sing N N 5   
ALA CA  HA   sing N N 6   
ALA C   O    doub N N 7   
ALA C   OXT  sing N N 8   
ALA CB  HB1  sing N N 9   
ALA CB  HB2  sing N N 10  
ALA CB  HB3  sing N N 11  
ALA OXT HXT  sing N N 12  
ARG N   CA   sing N N 13  
ARG N   H    sing N N 14  
ARG N   H2   sing N N 15  
ARG CA  C    sing N N 16  
ARG CA  CB   sing N N 17  
ARG CA  HA   sing N N 18  
ARG C   O    doub N N 19  
ARG C   OXT  sing N N 20  
ARG CB  CG   sing N N 21  
ARG CB  HB2  sing N N 22  
ARG CB  HB3  sing N N 23  
ARG CG  CD   sing N N 24  
ARG CG  HG2  sing N N 25  
ARG CG  HG3  sing N N 26  
ARG CD  NE   sing N N 27  
ARG CD  HD2  sing N N 28  
ARG CD  HD3  sing N N 29  
ARG NE  CZ   sing N N 30  
ARG NE  HE   sing N N 31  
ARG CZ  NH1  sing N N 32  
ARG CZ  NH2  doub N N 33  
ARG NH1 HH11 sing N N 34  
ARG NH1 HH12 sing N N 35  
ARG NH2 HH21 sing N N 36  
ARG NH2 HH22 sing N N 37  
ARG OXT HXT  sing N N 38  
ASN N   CA   sing N N 39  
ASN N   H    sing N N 40  
ASN N   H2   sing N N 41  
ASN CA  C    sing N N 42  
ASN CA  CB   sing N N 43  
ASN CA  HA   sing N N 44  
ASN C   O    doub N N 45  
ASN C   OXT  sing N N 46  
ASN CB  CG   sing N N 47  
ASN CB  HB2  sing N N 48  
ASN CB  HB3  sing N N 49  
ASN CG  OD1  doub N N 50  
ASN CG  ND2  sing N N 51  
ASN ND2 HD21 sing N N 52  
ASN ND2 HD22 sing N N 53  
ASN OXT HXT  sing N N 54  
ASP N   CA   sing N N 55  
ASP N   H    sing N N 56  
ASP N   H2   sing N N 57  
ASP CA  C    sing N N 58  
ASP CA  CB   sing N N 59  
ASP CA  HA   sing N N 60  
ASP C   O    doub N N 61  
ASP C   OXT  sing N N 62  
ASP CB  CG   sing N N 63  
ASP CB  HB2  sing N N 64  
ASP CB  HB3  sing N N 65  
ASP CG  OD1  doub N N 66  
ASP CG  OD2  sing N N 67  
ASP OD2 HD2  sing N N 68  
ASP OXT HXT  sing N N 69  
COA N1A C2A  sing Y N 70  
COA N1A C6A  doub Y N 71  
COA C2A N3A  doub Y N 72  
COA C2A H2A  sing N N 73  
COA N3A C4A  sing Y N 74  
COA C4A C5A  doub Y N 75  
COA C4A N9A  sing Y N 76  
COA C5A C6A  sing Y N 77  
COA C5A N7A  sing Y N 78  
COA C6A N6A  sing N N 79  
COA N6A H61A sing N N 80  
COA N6A H62A sing N N 81  
COA N7A C8A  doub Y N 82  
COA C8A N9A  sing Y N 83  
COA C8A H8A  sing N N 84  
COA N9A C1B  sing N N 85  
COA C1B C2B  sing N N 86  
COA C1B O4B  sing N N 87  
COA C1B H1B  sing N N 88  
COA C2B O2B  sing N N 89  
COA C2B C3B  sing N N 90  
COA C2B H2B  sing N N 91  
COA O2B HO2A sing N N 92  
COA C3B O3B  sing N N 93  
COA C3B C4B  sing N N 94  
COA C3B H3B  sing N N 95  
COA O3B P3B  sing N N 96  
COA P3B O7A  doub N N 97  
COA P3B O8A  sing N N 98  
COA P3B O9A  sing N N 99  
COA O8A HOA8 sing N N 100 
COA O9A HOA9 sing N N 101 
COA C4B O4B  sing N N 102 
COA C4B C5B  sing N N 103 
COA C4B H4B  sing N N 104 
COA C5B O5B  sing N N 105 
COA C5B H51A sing N N 106 
COA C5B H52A sing N N 107 
COA O5B P1A  sing N N 108 
COA P1A O1A  doub N N 109 
COA P1A O2A  sing N N 110 
COA P1A O3A  sing N N 111 
COA O2A HOA2 sing N N 112 
COA O3A P2A  sing N N 113 
COA P2A O4A  doub N N 114 
COA P2A O5A  sing N N 115 
COA P2A O6A  sing N N 116 
COA O5A HOA5 sing N N 117 
COA O6A CCP  sing N N 118 
COA CBP CCP  sing N N 119 
COA CBP CDP  sing N N 120 
COA CBP CEP  sing N N 121 
COA CBP CAP  sing N N 122 
COA CCP H121 sing N N 123 
COA CCP H122 sing N N 124 
COA CDP H131 sing N N 125 
COA CDP H132 sing N N 126 
COA CDP H133 sing N N 127 
COA CEP H141 sing N N 128 
COA CEP H142 sing N N 129 
COA CEP H143 sing N N 130 
COA CAP OAP  sing N N 131 
COA CAP C9P  sing N N 132 
COA CAP H10  sing N N 133 
COA OAP HO1  sing N N 134 
COA C9P O9P  doub N N 135 
COA C9P N8P  sing N N 136 
COA N8P C7P  sing N N 137 
COA N8P HN8  sing N N 138 
COA C7P C6P  sing N N 139 
COA C7P H71  sing N N 140 
COA C7P H72  sing N N 141 
COA C6P C5P  sing N N 142 
COA C6P H61  sing N N 143 
COA C6P H62  sing N N 144 
COA C5P O5P  doub N N 145 
COA C5P N4P  sing N N 146 
COA N4P C3P  sing N N 147 
COA N4P HN4  sing N N 148 
COA C3P C2P  sing N N 149 
COA C3P H31  sing N N 150 
COA C3P H32  sing N N 151 
COA C2P S1P  sing N N 152 
COA C2P H21  sing N N 153 
COA C2P H22  sing N N 154 
COA S1P HS1  sing N N 155 
CYS N   CA   sing N N 156 
CYS N   H    sing N N 157 
CYS N   H2   sing N N 158 
CYS CA  C    sing N N 159 
CYS CA  CB   sing N N 160 
CYS CA  HA   sing N N 161 
CYS C   O    doub N N 162 
CYS C   OXT  sing N N 163 
CYS CB  SG   sing N N 164 
CYS CB  HB2  sing N N 165 
CYS CB  HB3  sing N N 166 
CYS SG  HG   sing N N 167 
CYS OXT HXT  sing N N 168 
GLN N   CA   sing N N 169 
GLN N   H    sing N N 170 
GLN N   H2   sing N N 171 
GLN CA  C    sing N N 172 
GLN CA  CB   sing N N 173 
GLN CA  HA   sing N N 174 
GLN C   O    doub N N 175 
GLN C   OXT  sing N N 176 
GLN CB  CG   sing N N 177 
GLN CB  HB2  sing N N 178 
GLN CB  HB3  sing N N 179 
GLN CG  CD   sing N N 180 
GLN CG  HG2  sing N N 181 
GLN CG  HG3  sing N N 182 
GLN CD  OE1  doub N N 183 
GLN CD  NE2  sing N N 184 
GLN NE2 HE21 sing N N 185 
GLN NE2 HE22 sing N N 186 
GLN OXT HXT  sing N N 187 
GLU N   CA   sing N N 188 
GLU N   H    sing N N 189 
GLU N   H2   sing N N 190 
GLU CA  C    sing N N 191 
GLU CA  CB   sing N N 192 
GLU CA  HA   sing N N 193 
GLU C   O    doub N N 194 
GLU C   OXT  sing N N 195 
GLU CB  CG   sing N N 196 
GLU CB  HB2  sing N N 197 
GLU CB  HB3  sing N N 198 
GLU CG  CD   sing N N 199 
GLU CG  HG2  sing N N 200 
GLU CG  HG3  sing N N 201 
GLU CD  OE1  doub N N 202 
GLU CD  OE2  sing N N 203 
GLU OE2 HE2  sing N N 204 
GLU OXT HXT  sing N N 205 
GLY N   CA   sing N N 206 
GLY N   H    sing N N 207 
GLY N   H2   sing N N 208 
GLY CA  C    sing N N 209 
GLY CA  HA2  sing N N 210 
GLY CA  HA3  sing N N 211 
GLY C   O    doub N N 212 
GLY C   OXT  sing N N 213 
GLY OXT HXT  sing N N 214 
HIS N   CA   sing N N 215 
HIS N   H    sing N N 216 
HIS N   H2   sing N N 217 
HIS CA  C    sing N N 218 
HIS CA  CB   sing N N 219 
HIS CA  HA   sing N N 220 
HIS C   O    doub N N 221 
HIS C   OXT  sing N N 222 
HIS CB  CG   sing N N 223 
HIS CB  HB2  sing N N 224 
HIS CB  HB3  sing N N 225 
HIS CG  ND1  sing Y N 226 
HIS CG  CD2  doub Y N 227 
HIS ND1 CE1  doub Y N 228 
HIS ND1 HD1  sing N N 229 
HIS CD2 NE2  sing Y N 230 
HIS CD2 HD2  sing N N 231 
HIS CE1 NE2  sing Y N 232 
HIS CE1 HE1  sing N N 233 
HIS NE2 HE2  sing N N 234 
HIS OXT HXT  sing N N 235 
HOH O   H1   sing N N 236 
HOH O   H2   sing N N 237 
ILE N   CA   sing N N 238 
ILE N   H    sing N N 239 
ILE N   H2   sing N N 240 
ILE CA  C    sing N N 241 
ILE CA  CB   sing N N 242 
ILE CA  HA   sing N N 243 
ILE C   O    doub N N 244 
ILE C   OXT  sing N N 245 
ILE CB  CG1  sing N N 246 
ILE CB  CG2  sing N N 247 
ILE CB  HB   sing N N 248 
ILE CG1 CD1  sing N N 249 
ILE CG1 HG12 sing N N 250 
ILE CG1 HG13 sing N N 251 
ILE CG2 HG21 sing N N 252 
ILE CG2 HG22 sing N N 253 
ILE CG2 HG23 sing N N 254 
ILE CD1 HD11 sing N N 255 
ILE CD1 HD12 sing N N 256 
ILE CD1 HD13 sing N N 257 
ILE OXT HXT  sing N N 258 
LEU N   CA   sing N N 259 
LEU N   H    sing N N 260 
LEU N   H2   sing N N 261 
LEU CA  C    sing N N 262 
LEU CA  CB   sing N N 263 
LEU CA  HA   sing N N 264 
LEU C   O    doub N N 265 
LEU C   OXT  sing N N 266 
LEU CB  CG   sing N N 267 
LEU CB  HB2  sing N N 268 
LEU CB  HB3  sing N N 269 
LEU CG  CD1  sing N N 270 
LEU CG  CD2  sing N N 271 
LEU CG  HG   sing N N 272 
LEU CD1 HD11 sing N N 273 
LEU CD1 HD12 sing N N 274 
LEU CD1 HD13 sing N N 275 
LEU CD2 HD21 sing N N 276 
LEU CD2 HD22 sing N N 277 
LEU CD2 HD23 sing N N 278 
LEU OXT HXT  sing N N 279 
LYS N   CA   sing N N 280 
LYS N   H    sing N N 281 
LYS N   H2   sing N N 282 
LYS CA  C    sing N N 283 
LYS CA  CB   sing N N 284 
LYS CA  HA   sing N N 285 
LYS C   O    doub N N 286 
LYS C   OXT  sing N N 287 
LYS CB  CG   sing N N 288 
LYS CB  HB2  sing N N 289 
LYS CB  HB3  sing N N 290 
LYS CG  CD   sing N N 291 
LYS CG  HG2  sing N N 292 
LYS CG  HG3  sing N N 293 
LYS CD  CE   sing N N 294 
LYS CD  HD2  sing N N 295 
LYS CD  HD3  sing N N 296 
LYS CE  NZ   sing N N 297 
LYS CE  HE2  sing N N 298 
LYS CE  HE3  sing N N 299 
LYS NZ  HZ1  sing N N 300 
LYS NZ  HZ2  sing N N 301 
LYS NZ  HZ3  sing N N 302 
LYS OXT HXT  sing N N 303 
MET N   CA   sing N N 304 
MET N   H    sing N N 305 
MET N   H2   sing N N 306 
MET CA  C    sing N N 307 
MET CA  CB   sing N N 308 
MET CA  HA   sing N N 309 
MET C   O    doub N N 310 
MET C   OXT  sing N N 311 
MET CB  CG   sing N N 312 
MET CB  HB2  sing N N 313 
MET CB  HB3  sing N N 314 
MET CG  SD   sing N N 315 
MET CG  HG2  sing N N 316 
MET CG  HG3  sing N N 317 
MET SD  CE   sing N N 318 
MET CE  HE1  sing N N 319 
MET CE  HE2  sing N N 320 
MET CE  HE3  sing N N 321 
MET OXT HXT  sing N N 322 
PHE N   CA   sing N N 323 
PHE N   H    sing N N 324 
PHE N   H2   sing N N 325 
PHE CA  C    sing N N 326 
PHE CA  CB   sing N N 327 
PHE CA  HA   sing N N 328 
PHE C   O    doub N N 329 
PHE C   OXT  sing N N 330 
PHE CB  CG   sing N N 331 
PHE CB  HB2  sing N N 332 
PHE CB  HB3  sing N N 333 
PHE CG  CD1  doub Y N 334 
PHE CG  CD2  sing Y N 335 
PHE CD1 CE1  sing Y N 336 
PHE CD1 HD1  sing N N 337 
PHE CD2 CE2  doub Y N 338 
PHE CD2 HD2  sing N N 339 
PHE CE1 CZ   doub Y N 340 
PHE CE1 HE1  sing N N 341 
PHE CE2 CZ   sing Y N 342 
PHE CE2 HE2  sing N N 343 
PHE CZ  HZ   sing N N 344 
PHE OXT HXT  sing N N 345 
PRO N   CA   sing N N 346 
PRO N   CD   sing N N 347 
PRO N   H    sing N N 348 
PRO CA  C    sing N N 349 
PRO CA  CB   sing N N 350 
PRO CA  HA   sing N N 351 
PRO C   O    doub N N 352 
PRO C   OXT  sing N N 353 
PRO CB  CG   sing N N 354 
PRO CB  HB2  sing N N 355 
PRO CB  HB3  sing N N 356 
PRO CG  CD   sing N N 357 
PRO CG  HG2  sing N N 358 
PRO CG  HG3  sing N N 359 
PRO CD  HD2  sing N N 360 
PRO CD  HD3  sing N N 361 
PRO OXT HXT  sing N N 362 
SER N   CA   sing N N 363 
SER N   H    sing N N 364 
SER N   H2   sing N N 365 
SER CA  C    sing N N 366 
SER CA  CB   sing N N 367 
SER CA  HA   sing N N 368 
SER C   O    doub N N 369 
SER C   OXT  sing N N 370 
SER CB  OG   sing N N 371 
SER CB  HB2  sing N N 372 
SER CB  HB3  sing N N 373 
SER OG  HG   sing N N 374 
SER OXT HXT  sing N N 375 
THR N   CA   sing N N 376 
THR N   H    sing N N 377 
THR N   H2   sing N N 378 
THR CA  C    sing N N 379 
THR CA  CB   sing N N 380 
THR CA  HA   sing N N 381 
THR C   O    doub N N 382 
THR C   OXT  sing N N 383 
THR CB  OG1  sing N N 384 
THR CB  CG2  sing N N 385 
THR CB  HB   sing N N 386 
THR OG1 HG1  sing N N 387 
THR CG2 HG21 sing N N 388 
THR CG2 HG22 sing N N 389 
THR CG2 HG23 sing N N 390 
THR OXT HXT  sing N N 391 
TYR N   CA   sing N N 392 
TYR N   H    sing N N 393 
TYR N   H2   sing N N 394 
TYR CA  C    sing N N 395 
TYR CA  CB   sing N N 396 
TYR CA  HA   sing N N 397 
TYR C   O    doub N N 398 
TYR C   OXT  sing N N 399 
TYR CB  CG   sing N N 400 
TYR CB  HB2  sing N N 401 
TYR CB  HB3  sing N N 402 
TYR CG  CD1  doub Y N 403 
TYR CG  CD2  sing Y N 404 
TYR CD1 CE1  sing Y N 405 
TYR CD1 HD1  sing N N 406 
TYR CD2 CE2  doub Y N 407 
TYR CD2 HD2  sing N N 408 
TYR CE1 CZ   doub Y N 409 
TYR CE1 HE1  sing N N 410 
TYR CE2 CZ   sing Y N 411 
TYR CE2 HE2  sing N N 412 
TYR CZ  OH   sing N N 413 
TYR OH  HH   sing N N 414 
TYR OXT HXT  sing N N 415 
VAL N   CA   sing N N 416 
VAL N   H    sing N N 417 
VAL N   H2   sing N N 418 
VAL CA  C    sing N N 419 
VAL CA  CB   sing N N 420 
VAL CA  HA   sing N N 421 
VAL C   O    doub N N 422 
VAL C   OXT  sing N N 423 
VAL CB  CG1  sing N N 424 
VAL CB  CG2  sing N N 425 
VAL CB  HB   sing N N 426 
VAL CG1 HG11 sing N N 427 
VAL CG1 HG12 sing N N 428 
VAL CG1 HG13 sing N N 429 
VAL CG2 HG21 sing N N 430 
VAL CG2 HG22 sing N N 431 
VAL CG2 HG23 sing N N 432 
VAL OXT HXT  sing N N 433 
# 
loop_
_pdbx_entity_nonpoly.entity_id 
_pdbx_entity_nonpoly.name 
_pdbx_entity_nonpoly.comp_id 
2 'COENZYME A' COA 
3 water        HOH 
# 
_pdbx_initial_refinement_model.id               1 
_pdbx_initial_refinement_model.entity_id_list   ? 
_pdbx_initial_refinement_model.type             'experimental model' 
_pdbx_initial_refinement_model.source_name      PDB 
_pdbx_initial_refinement_model.accession_code   3HYK 
_pdbx_initial_refinement_model.details          ? 
# 
_pdbx_struct_assembly_auth_evidence.id                     1 
_pdbx_struct_assembly_auth_evidence.assembly_id            1 
_pdbx_struct_assembly_auth_evidence.experimental_support   'gel filtration' 
_pdbx_struct_assembly_auth_evidence.details                ? 
# 
